data_6L67
# 
_entry.id   6L67 
# 
_audit_conform.dict_name       mmcif_pdbx.dic 
_audit_conform.dict_version    5.380 
_audit_conform.dict_location   http://mmcif.pdb.org/dictionaries/ascii/mmcif_pdbx.dic 
# 
loop_
_database_2.database_id 
_database_2.database_code 
_database_2.pdbx_database_accession 
_database_2.pdbx_DOI 
PDB   6L67         pdb_00006l67 10.2210/pdb6l67/pdb 
WWPDB D_1300014286 ?            ?                   
# 
_pdbx_database_status.status_code                     REL 
_pdbx_database_status.status_code_sf                  REL 
_pdbx_database_status.status_code_mr                  ? 
_pdbx_database_status.entry_id                        6L67 
_pdbx_database_status.recvd_initial_deposition_date   2019-10-28 
_pdbx_database_status.SG_entry                        N 
_pdbx_database_status.deposit_site                    PDBJ 
_pdbx_database_status.process_site                    PDBJ 
_pdbx_database_status.status_code_cs                  ? 
_pdbx_database_status.methods_development_category    ? 
_pdbx_database_status.pdb_format_compatible           Y 
_pdbx_database_status.status_code_nmr_data            ? 
# 
_audit_author.name               'Kamitori, S.' 
_audit_author.pdbx_ordinal       1 
_audit_author.identifier_ORCID   0000-0002-3950-3372 
# 
_citation.abstract                  ? 
_citation.abstract_id_CAS           ? 
_citation.book_id_ISBN              ? 
_citation.book_publisher            ? 
_citation.book_publisher_city       ? 
_citation.book_title                ? 
_citation.coordinate_linkage        ? 
_citation.country                   US 
_citation.database_id_Medline       ? 
_citation.details                   ? 
_citation.id                        primary 
_citation.journal_abbrev            Biochem.Biophys.Res.Commun. 
_citation.journal_id_ASTM           BBRCA9 
_citation.journal_id_CSD            0146 
_citation.journal_id_ISSN           1090-2104 
_citation.journal_full              ? 
_citation.journal_issue             ? 
_citation.journal_volume            ? 
_citation.language                  ? 
_citation.page_first                ? 
_citation.page_last                 ? 
_citation.title                     
;Structures of human galectin-10/monosaccharide complexes demonstrate potential of monosaccharides as effectors in forming Charcot-Leyden crystals.
;
_citation.year                      2020 
_citation.database_id_CSD           ? 
_citation.pdbx_database_id_DOI      10.1016/j.bbrc.2020.02.037 
_citation.pdbx_database_id_PubMed   32081418 
_citation.unpublished_flag          ? 
# 
loop_
_citation_author.citation_id 
_citation_author.name 
_citation_author.ordinal 
_citation_author.identifier_ORCID 
primary 'Itoh, A.'       1 ? 
primary 'Nonaka, Y.'     2 ? 
primary 'Nakakita, S.I.' 3 ? 
primary 'Yoshida, H.'    4 ? 
primary 'Nishi, N.'      5 ? 
primary 'Nakamura, T.'   6 ? 
primary 'Kamitori, S.'   7 ? 
# 
_cell.angle_alpha                  90.000 
_cell.angle_alpha_esd              ? 
_cell.angle_beta                   90.000 
_cell.angle_beta_esd               ? 
_cell.angle_gamma                  120.000 
_cell.angle_gamma_esd              ? 
_cell.entry_id                     6L67 
_cell.details                      ? 
_cell.formula_units_Z              ? 
_cell.length_a                     48.660 
_cell.length_a_esd                 ? 
_cell.length_b                     48.660 
_cell.length_b_esd                 ? 
_cell.length_c                     259.800 
_cell.length_c_esd                 ? 
_cell.volume                       ? 
_cell.volume_esd                   ? 
_cell.Z_PDB                        12 
_cell.reciprocal_angle_alpha       ? 
_cell.reciprocal_angle_beta        ? 
_cell.reciprocal_angle_gamma       ? 
_cell.reciprocal_angle_alpha_esd   ? 
_cell.reciprocal_angle_beta_esd    ? 
_cell.reciprocal_angle_gamma_esd   ? 
_cell.reciprocal_length_a          ? 
_cell.reciprocal_length_b          ? 
_cell.reciprocal_length_c          ? 
_cell.reciprocal_length_a_esd      ? 
_cell.reciprocal_length_b_esd      ? 
_cell.reciprocal_length_c_esd      ? 
_cell.pdbx_unique_axis             ? 
# 
_symmetry.entry_id                         6L67 
_symmetry.cell_setting                     ? 
_symmetry.Int_Tables_number                179 
_symmetry.space_group_name_Hall            ? 
_symmetry.space_group_name_H-M             'P 65 2 2' 
_symmetry.pdbx_full_space_group_name_H-M   ? 
# 
loop_
_entity.id 
_entity.type 
_entity.src_method 
_entity.pdbx_description 
_entity.formula_weight 
_entity.pdbx_number_of_molecules 
_entity.pdbx_ec 
_entity.pdbx_mutation 
_entity.pdbx_fragment 
_entity.details 
1 polymer     man Galectin-10            16644.016 1  ? ? ? ? 
2 non-polymer man beta-D-galactopyranose 180.156   2  ? ? ? ? 
3 water       nat water                  18.015    43 ? ? ? ? 
# 
_entity_name_com.entity_id   1 
_entity_name_com.name        'Gal-10,Charcot-Leyden crystal protein,CLC,Eosinophil lysophospholipase,Lysolecithin acylhydrolase' 
# 
_entity_poly.entity_id                      1 
_entity_poly.type                           'polypeptide(L)' 
_entity_poly.nstd_linkage                   no 
_entity_poly.nstd_monomer                   no 
_entity_poly.pdbx_seq_one_letter_code       
;GSMSLLPVPYTEAASLSTGSTVTIKGRPLVCFLNEPYLQVDFHTEMKEESDIVFHFQVCFGRRVVMNSREYGAWKQQVES
KNMPFQDGQEFELSISVLPDKYQVMVNGQSSYTFDHRIKPEAVKMVQVWRDISLTKFNVSYLKR
;
_entity_poly.pdbx_seq_one_letter_code_can   
;GSMSLLPVPYTEAASLSTGSTVTIKGRPLVCFLNEPYLQVDFHTEMKEESDIVFHFQVCFGRRVVMNSREYGAWKQQVES
KNMPFQDGQEFELSISVLPDKYQVMVNGQSSYTFDHRIKPEAVKMVQVWRDISLTKFNVSYLKR
;
_entity_poly.pdbx_strand_id                 A 
_entity_poly.pdbx_target_identifier         ? 
# 
loop_
_entity_poly_seq.entity_id 
_entity_poly_seq.num 
_entity_poly_seq.mon_id 
_entity_poly_seq.hetero 
1 1   GLY n 
1 2   SER n 
1 3   MET n 
1 4   SER n 
1 5   LEU n 
1 6   LEU n 
1 7   PRO n 
1 8   VAL n 
1 9   PRO n 
1 10  TYR n 
1 11  THR n 
1 12  GLU n 
1 13  ALA n 
1 14  ALA n 
1 15  SER n 
1 16  LEU n 
1 17  SER n 
1 18  THR n 
1 19  GLY n 
1 20  SER n 
1 21  THR n 
1 22  VAL n 
1 23  THR n 
1 24  ILE n 
1 25  LYS n 
1 26  GLY n 
1 27  ARG n 
1 28  PRO n 
1 29  LEU n 
1 30  VAL n 
1 31  CYS n 
1 32  PHE n 
1 33  LEU n 
1 34  ASN n 
1 35  GLU n 
1 36  PRO n 
1 37  TYR n 
1 38  LEU n 
1 39  GLN n 
1 40  VAL n 
1 41  ASP n 
1 42  PHE n 
1 43  HIS n 
1 44  THR n 
1 45  GLU n 
1 46  MET n 
1 47  LYS n 
1 48  GLU n 
1 49  GLU n 
1 50  SER n 
1 51  ASP n 
1 52  ILE n 
1 53  VAL n 
1 54  PHE n 
1 55  HIS n 
1 56  PHE n 
1 57  GLN n 
1 58  VAL n 
1 59  CYS n 
1 60  PHE n 
1 61  GLY n 
1 62  ARG n 
1 63  ARG n 
1 64  VAL n 
1 65  VAL n 
1 66  MET n 
1 67  ASN n 
1 68  SER n 
1 69  ARG n 
1 70  GLU n 
1 71  TYR n 
1 72  GLY n 
1 73  ALA n 
1 74  TRP n 
1 75  LYS n 
1 76  GLN n 
1 77  GLN n 
1 78  VAL n 
1 79  GLU n 
1 80  SER n 
1 81  LYS n 
1 82  ASN n 
1 83  MET n 
1 84  PRO n 
1 85  PHE n 
1 86  GLN n 
1 87  ASP n 
1 88  GLY n 
1 89  GLN n 
1 90  GLU n 
1 91  PHE n 
1 92  GLU n 
1 93  LEU n 
1 94  SER n 
1 95  ILE n 
1 96  SER n 
1 97  VAL n 
1 98  LEU n 
1 99  PRO n 
1 100 ASP n 
1 101 LYS n 
1 102 TYR n 
1 103 GLN n 
1 104 VAL n 
1 105 MET n 
1 106 VAL n 
1 107 ASN n 
1 108 GLY n 
1 109 GLN n 
1 110 SER n 
1 111 SER n 
1 112 TYR n 
1 113 THR n 
1 114 PHE n 
1 115 ASP n 
1 116 HIS n 
1 117 ARG n 
1 118 ILE n 
1 119 LYS n 
1 120 PRO n 
1 121 GLU n 
1 122 ALA n 
1 123 VAL n 
1 124 LYS n 
1 125 MET n 
1 126 VAL n 
1 127 GLN n 
1 128 VAL n 
1 129 TRP n 
1 130 ARG n 
1 131 ASP n 
1 132 ILE n 
1 133 SER n 
1 134 LEU n 
1 135 THR n 
1 136 LYS n 
1 137 PHE n 
1 138 ASN n 
1 139 VAL n 
1 140 SER n 
1 141 TYR n 
1 142 LEU n 
1 143 LYS n 
1 144 ARG n 
# 
_entity_src_gen.entity_id                          1 
_entity_src_gen.pdbx_src_id                        1 
_entity_src_gen.pdbx_alt_source_flag               sample 
_entity_src_gen.pdbx_seq_type                      'Biological sequence' 
_entity_src_gen.pdbx_beg_seq_num                   1 
_entity_src_gen.pdbx_end_seq_num                   144 
_entity_src_gen.gene_src_common_name               Human 
_entity_src_gen.gene_src_genus                     ? 
_entity_src_gen.pdbx_gene_src_gene                 'CLC, LGALS10, LGALS10A' 
_entity_src_gen.gene_src_species                   ? 
_entity_src_gen.gene_src_strain                    ? 
_entity_src_gen.gene_src_tissue                    ? 
_entity_src_gen.gene_src_tissue_fraction           ? 
_entity_src_gen.gene_src_details                   ? 
_entity_src_gen.pdbx_gene_src_fragment             ? 
_entity_src_gen.pdbx_gene_src_scientific_name      'Homo sapiens' 
_entity_src_gen.pdbx_gene_src_ncbi_taxonomy_id     9606 
_entity_src_gen.pdbx_gene_src_variant              ? 
_entity_src_gen.pdbx_gene_src_cell_line            ? 
_entity_src_gen.pdbx_gene_src_atcc                 ? 
_entity_src_gen.pdbx_gene_src_organ                ? 
_entity_src_gen.pdbx_gene_src_organelle            ? 
_entity_src_gen.pdbx_gene_src_cell                 ? 
_entity_src_gen.pdbx_gene_src_cellular_location    ? 
_entity_src_gen.host_org_common_name               ? 
_entity_src_gen.pdbx_host_org_scientific_name      'Escherichia coli' 
_entity_src_gen.pdbx_host_org_ncbi_taxonomy_id     562 
_entity_src_gen.host_org_genus                     ? 
_entity_src_gen.pdbx_host_org_gene                 ? 
_entity_src_gen.pdbx_host_org_organ                ? 
_entity_src_gen.host_org_species                   ? 
_entity_src_gen.pdbx_host_org_tissue               ? 
_entity_src_gen.pdbx_host_org_tissue_fraction      ? 
_entity_src_gen.pdbx_host_org_strain               ? 
_entity_src_gen.pdbx_host_org_variant              ? 
_entity_src_gen.pdbx_host_org_cell_line            ? 
_entity_src_gen.pdbx_host_org_atcc                 ? 
_entity_src_gen.pdbx_host_org_culture_collection   ? 
_entity_src_gen.pdbx_host_org_cell                 ? 
_entity_src_gen.pdbx_host_org_organelle            ? 
_entity_src_gen.pdbx_host_org_cellular_location    ? 
_entity_src_gen.pdbx_host_org_vector_type          ? 
_entity_src_gen.pdbx_host_org_vector               ? 
_entity_src_gen.host_org_details                   ? 
_entity_src_gen.expression_system_id               ? 
_entity_src_gen.plasmid_name                       ? 
_entity_src_gen.plasmid_details                    ? 
_entity_src_gen.pdbx_description                   ? 
# 
_struct_ref.id                         1 
_struct_ref.db_name                    UNP 
_struct_ref.db_code                    LEG10_HUMAN 
_struct_ref.pdbx_db_accession          Q05315 
_struct_ref.pdbx_db_isoform            ? 
_struct_ref.entity_id                  1 
_struct_ref.pdbx_seq_one_letter_code   
;MSLLPVPYTEAASLSTGSTVTIKGRPLACFLNEPYLQVDFHTEMKEESDIVFHFQVCFGRRVVMNSREYGAWKQQVESKN
MPFQDGQEFELSISVLPDKYQVMVNGQSSYTFDHRIKPEAVKMVQVWRDISLTKFNVSYLKR
;
_struct_ref.pdbx_align_begin           1 
# 
_struct_ref_seq.align_id                      1 
_struct_ref_seq.ref_id                        1 
_struct_ref_seq.pdbx_PDB_id_code              6L67 
_struct_ref_seq.pdbx_strand_id                A 
_struct_ref_seq.seq_align_beg                 3 
_struct_ref_seq.pdbx_seq_align_beg_ins_code   ? 
_struct_ref_seq.seq_align_end                 144 
_struct_ref_seq.pdbx_seq_align_end_ins_code   ? 
_struct_ref_seq.pdbx_db_accession             Q05315 
_struct_ref_seq.db_align_beg                  1 
_struct_ref_seq.pdbx_db_align_beg_ins_code    ? 
_struct_ref_seq.db_align_end                  142 
_struct_ref_seq.pdbx_db_align_end_ins_code    ? 
_struct_ref_seq.pdbx_auth_seq_align_beg       1 
_struct_ref_seq.pdbx_auth_seq_align_end       142 
# 
loop_
_struct_ref_seq_dif.align_id 
_struct_ref_seq_dif.pdbx_pdb_id_code 
_struct_ref_seq_dif.mon_id 
_struct_ref_seq_dif.pdbx_pdb_strand_id 
_struct_ref_seq_dif.seq_num 
_struct_ref_seq_dif.pdbx_pdb_ins_code 
_struct_ref_seq_dif.pdbx_seq_db_name 
_struct_ref_seq_dif.pdbx_seq_db_accession_code 
_struct_ref_seq_dif.db_mon_id 
_struct_ref_seq_dif.pdbx_seq_db_seq_num 
_struct_ref_seq_dif.details 
_struct_ref_seq_dif.pdbx_auth_seq_num 
_struct_ref_seq_dif.pdbx_ordinal 
1 6L67 GLY A 1  ? UNP Q05315 ?   ?  'expression tag' -1 1 
1 6L67 SER A 2  ? UNP Q05315 ?   ?  'expression tag' 0  2 
1 6L67 VAL A 30 ? UNP Q05315 ALA 28 variant          28 3 
# 
loop_
_chem_comp.id 
_chem_comp.type 
_chem_comp.mon_nstd_flag 
_chem_comp.name 
_chem_comp.pdbx_synonyms 
_chem_comp.formula 
_chem_comp.formula_weight 
ALA 'L-peptide linking'          y ALANINE                ?                                          'C3 H7 N O2'     89.093  
ARG 'L-peptide linking'          y ARGININE               ?                                          'C6 H15 N4 O2 1' 175.209 
ASN 'L-peptide linking'          y ASPARAGINE             ?                                          'C4 H8 N2 O3'    132.118 
ASP 'L-peptide linking'          y 'ASPARTIC ACID'        ?                                          'C4 H7 N O4'     133.103 
CYS 'L-peptide linking'          y CYSTEINE               ?                                          'C3 H7 N O2 S'   121.158 
GAL 'D-saccharide, beta linking' . beta-D-galactopyranose 'beta-D-galactose; D-galactose; galactose' 'C6 H12 O6'      180.156 
GLN 'L-peptide linking'          y GLUTAMINE              ?                                          'C5 H10 N2 O3'   146.144 
GLU 'L-peptide linking'          y 'GLUTAMIC ACID'        ?                                          'C5 H9 N O4'     147.129 
GLY 'peptide linking'            y GLYCINE                ?                                          'C2 H5 N O2'     75.067  
HIS 'L-peptide linking'          y HISTIDINE              ?                                          'C6 H10 N3 O2 1' 156.162 
HOH non-polymer                  . WATER                  ?                                          'H2 O'           18.015  
ILE 'L-peptide linking'          y ISOLEUCINE             ?                                          'C6 H13 N O2'    131.173 
LEU 'L-peptide linking'          y LEUCINE                ?                                          'C6 H13 N O2'    131.173 
LYS 'L-peptide linking'          y LYSINE                 ?                                          'C6 H15 N2 O2 1' 147.195 
MET 'L-peptide linking'          y METHIONINE             ?                                          'C5 H11 N O2 S'  149.211 
PHE 'L-peptide linking'          y PHENYLALANINE          ?                                          'C9 H11 N O2'    165.189 
PRO 'L-peptide linking'          y PROLINE                ?                                          'C5 H9 N O2'     115.130 
SER 'L-peptide linking'          y SERINE                 ?                                          'C3 H7 N O3'     105.093 
THR 'L-peptide linking'          y THREONINE              ?                                          'C4 H9 N O3'     119.119 
TRP 'L-peptide linking'          y TRYPTOPHAN             ?                                          'C11 H12 N2 O2'  204.225 
TYR 'L-peptide linking'          y TYROSINE               ?                                          'C9 H11 N O3'    181.189 
VAL 'L-peptide linking'          y VALINE                 ?                                          'C5 H11 N O2'    117.146 
# 
_exptl.absorpt_coefficient_mu     ? 
_exptl.absorpt_correction_T_max   ? 
_exptl.absorpt_correction_T_min   ? 
_exptl.absorpt_correction_type    ? 
_exptl.absorpt_process_details    ? 
_exptl.entry_id                   6L67 
_exptl.crystals_number            1 
_exptl.details                    ? 
_exptl.method                     'X-RAY DIFFRACTION' 
_exptl.method_details             ? 
# 
_exptl_crystal.colour                      ? 
_exptl_crystal.density_diffrn              ? 
_exptl_crystal.density_Matthews            2.67 
_exptl_crystal.density_method              ? 
_exptl_crystal.density_percent_sol         53.89 
_exptl_crystal.description                 ? 
_exptl_crystal.F_000                       ? 
_exptl_crystal.id                          1 
_exptl_crystal.preparation                 ? 
_exptl_crystal.size_max                    ? 
_exptl_crystal.size_mid                    ? 
_exptl_crystal.size_min                    ? 
_exptl_crystal.size_rad                    ? 
_exptl_crystal.colour_lustre               ? 
_exptl_crystal.colour_modifier             ? 
_exptl_crystal.colour_primary              ? 
_exptl_crystal.density_meas                ? 
_exptl_crystal.density_meas_esd            ? 
_exptl_crystal.density_meas_gt             ? 
_exptl_crystal.density_meas_lt             ? 
_exptl_crystal.density_meas_temp           ? 
_exptl_crystal.density_meas_temp_esd       ? 
_exptl_crystal.density_meas_temp_gt        ? 
_exptl_crystal.density_meas_temp_lt        ? 
_exptl_crystal.pdbx_crystal_image_url      ? 
_exptl_crystal.pdbx_crystal_image_format   ? 
_exptl_crystal.pdbx_mosaicity              ? 
_exptl_crystal.pdbx_mosaicity_esd          ? 
# 
_exptl_crystal_grow.apparatus       ? 
_exptl_crystal_grow.atmosphere      ? 
_exptl_crystal_grow.crystal_id      1 
_exptl_crystal_grow.details         ? 
_exptl_crystal_grow.method          'VAPOR DIFFUSION, SITTING DROP' 
_exptl_crystal_grow.method_ref      ? 
_exptl_crystal_grow.pH              ? 
_exptl_crystal_grow.pressure        ? 
_exptl_crystal_grow.pressure_esd    ? 
_exptl_crystal_grow.seeding         ? 
_exptl_crystal_grow.seeding_ref     ? 
_exptl_crystal_grow.temp            293 
_exptl_crystal_grow.temp_details    ? 
_exptl_crystal_grow.temp_esd        ? 
_exptl_crystal_grow.time            ? 
_exptl_crystal_grow.pdbx_details    '1.6 M ammonium sulfate, 0.1 M MES monohydrate pH 6.5, 10 % (v/v) 1,4-dioxane' 
_exptl_crystal_grow.pdbx_pH_range   ? 
# 
_diffrn.ambient_environment              ? 
_diffrn.ambient_temp                     100 
_diffrn.ambient_temp_details             ? 
_diffrn.ambient_temp_esd                 ? 
_diffrn.crystal_id                       1 
_diffrn.crystal_support                  ? 
_diffrn.crystal_treatment                ? 
_diffrn.details                          ? 
_diffrn.id                               1 
_diffrn.ambient_pressure                 ? 
_diffrn.ambient_pressure_esd             ? 
_diffrn.ambient_pressure_gt              ? 
_diffrn.ambient_pressure_lt              ? 
_diffrn.ambient_temp_gt                  ? 
_diffrn.ambient_temp_lt                  ? 
_diffrn.pdbx_serial_crystal_experiment   N 
# 
_diffrn_detector.details                      ? 
_diffrn_detector.detector                     'IMAGE PLATE' 
_diffrn_detector.diffrn_id                    1 
_diffrn_detector.type                         RIGAKU 
_diffrn_detector.area_resol_mean              ? 
_diffrn_detector.dtime                        ? 
_diffrn_detector.pdbx_frames_total            ? 
_diffrn_detector.pdbx_collection_time_total   ? 
_diffrn_detector.pdbx_collection_date         2018-12-04 
_diffrn_detector.pdbx_frequency               ? 
# 
_diffrn_radiation.collimation                      ? 
_diffrn_radiation.diffrn_id                        1 
_diffrn_radiation.filter_edge                      ? 
_diffrn_radiation.inhomogeneity                    ? 
_diffrn_radiation.monochromator                    ? 
_diffrn_radiation.polarisn_norm                    ? 
_diffrn_radiation.polarisn_ratio                   ? 
_diffrn_radiation.probe                            ? 
_diffrn_radiation.type                             ? 
_diffrn_radiation.xray_symbol                      ? 
_diffrn_radiation.wavelength_id                    1 
_diffrn_radiation.pdbx_monochromatic_or_laue_m_l   M 
_diffrn_radiation.pdbx_wavelength_list             ? 
_diffrn_radiation.pdbx_wavelength                  ? 
_diffrn_radiation.pdbx_diffrn_protocol             'SINGLE WAVELENGTH' 
_diffrn_radiation.pdbx_analyzer                    ? 
_diffrn_radiation.pdbx_scattering_type             x-ray 
# 
_diffrn_radiation_wavelength.id           1 
_diffrn_radiation_wavelength.wavelength   1.5418 
_diffrn_radiation_wavelength.wt           1.0 
# 
_diffrn_source.current                     ? 
_diffrn_source.details                     ? 
_diffrn_source.diffrn_id                   1 
_diffrn_source.power                       ? 
_diffrn_source.size                        ? 
_diffrn_source.source                      'ROTATING ANODE' 
_diffrn_source.target                      ? 
_diffrn_source.type                        'RIGAKU MICROMAX-007 HF' 
_diffrn_source.voltage                     ? 
_diffrn_source.take-off_angle              ? 
_diffrn_source.pdbx_wavelength_list        1.5418 
_diffrn_source.pdbx_wavelength             ? 
_diffrn_source.pdbx_synchrotron_beamline   ? 
_diffrn_source.pdbx_synchrotron_site       ? 
# 
_reflns.B_iso_Wilson_estimate            ? 
_reflns.entry_id                         6L67 
_reflns.data_reduction_details           ? 
_reflns.data_reduction_method            ? 
_reflns.d_resolution_high                1.97 
_reflns.d_resolution_low                 19.53 
_reflns.details                          ? 
_reflns.limit_h_max                      ? 
_reflns.limit_h_min                      ? 
_reflns.limit_k_max                      ? 
_reflns.limit_k_min                      ? 
_reflns.limit_l_max                      ? 
_reflns.limit_l_min                      ? 
_reflns.number_all                       ? 
_reflns.number_obs                       13537 
_reflns.observed_criterion               ? 
_reflns.observed_criterion_F_max         ? 
_reflns.observed_criterion_F_min         ? 
_reflns.observed_criterion_I_max         ? 
_reflns.observed_criterion_I_min         ? 
_reflns.observed_criterion_sigma_F       ? 
_reflns.observed_criterion_sigma_I       ? 
_reflns.percent_possible_obs             97.1 
_reflns.R_free_details                   ? 
_reflns.Rmerge_F_all                     ? 
_reflns.Rmerge_F_obs                     ? 
_reflns.Friedel_coverage                 ? 
_reflns.number_gt                        ? 
_reflns.threshold_expression             ? 
_reflns.pdbx_redundancy                  20.1 
_reflns.pdbx_Rmerge_I_obs                ? 
_reflns.pdbx_Rmerge_I_all                ? 
_reflns.pdbx_Rsym_value                  ? 
_reflns.pdbx_netI_over_av_sigmaI         ? 
_reflns.pdbx_netI_over_sigmaI            18.1 
_reflns.pdbx_res_netI_over_av_sigmaI_2   ? 
_reflns.pdbx_res_netI_over_sigmaI_2      ? 
_reflns.pdbx_chi_squared                 ? 
_reflns.pdbx_scaling_rejects             ? 
_reflns.pdbx_d_res_high_opt              ? 
_reflns.pdbx_d_res_low_opt               ? 
_reflns.pdbx_d_res_opt_method            ? 
_reflns.phase_calculation_details        ? 
_reflns.pdbx_Rrim_I_all                  ? 
_reflns.pdbx_Rpim_I_all                  ? 
_reflns.pdbx_d_opt                       ? 
_reflns.pdbx_number_measured_all         ? 
_reflns.pdbx_diffrn_id                   1 
_reflns.pdbx_ordinal                     1 
_reflns.pdbx_CC_half                     0.999 
_reflns.pdbx_CC_star                     ? 
_reflns.pdbx_R_split                     ? 
# 
_reflns_shell.d_res_high                  1.97 
_reflns_shell.d_res_low                   2.02 
_reflns_shell.meanI_over_sigI_all         ? 
_reflns_shell.meanI_over_sigI_obs         ? 
_reflns_shell.number_measured_all         ? 
_reflns_shell.number_measured_obs         ? 
_reflns_shell.number_possible             ? 
_reflns_shell.number_unique_all           ? 
_reflns_shell.number_unique_obs           948 
_reflns_shell.percent_possible_all        ? 
_reflns_shell.percent_possible_obs        ? 
_reflns_shell.Rmerge_F_all                ? 
_reflns_shell.Rmerge_F_obs                ? 
_reflns_shell.Rmerge_I_all                ? 
_reflns_shell.Rmerge_I_obs                ? 
_reflns_shell.meanI_over_sigI_gt          ? 
_reflns_shell.meanI_over_uI_all           ? 
_reflns_shell.meanI_over_uI_gt            ? 
_reflns_shell.number_measured_gt          ? 
_reflns_shell.number_unique_gt            ? 
_reflns_shell.percent_possible_gt         ? 
_reflns_shell.Rmerge_F_gt                 ? 
_reflns_shell.Rmerge_I_gt                 ? 
_reflns_shell.pdbx_redundancy             ? 
_reflns_shell.pdbx_Rsym_value             ? 
_reflns_shell.pdbx_chi_squared            ? 
_reflns_shell.pdbx_netI_over_sigmaI_all   ? 
_reflns_shell.pdbx_netI_over_sigmaI_obs   ? 
_reflns_shell.pdbx_Rrim_I_all             ? 
_reflns_shell.pdbx_Rpim_I_all             ? 
_reflns_shell.pdbx_rejects                ? 
_reflns_shell.pdbx_ordinal                1 
_reflns_shell.pdbx_diffrn_id              1 
_reflns_shell.pdbx_CC_half                0.916 
_reflns_shell.pdbx_CC_star                ? 
_reflns_shell.pdbx_R_split                ? 
# 
_refine.aniso_B[1][1]                            -0.102 
_refine.aniso_B[1][2]                            -0.051 
_refine.aniso_B[1][3]                            0.000 
_refine.aniso_B[2][2]                            -0.102 
_refine.aniso_B[2][3]                            0.000 
_refine.aniso_B[3][3]                            0.332 
_refine.B_iso_max                                ? 
_refine.B_iso_mean                               25.772 
_refine.B_iso_min                                ? 
_refine.correlation_coeff_Fo_to_Fc               0.952 
_refine.correlation_coeff_Fo_to_Fc_free          0.929 
_refine.details                                  'Hydrogens have been added in their riding positions' 
_refine.diff_density_max                         ? 
_refine.diff_density_max_esd                     ? 
_refine.diff_density_min                         ? 
_refine.diff_density_min_esd                     ? 
_refine.diff_density_rms                         ? 
_refine.diff_density_rms_esd                     ? 
_refine.entry_id                                 6L67 
_refine.pdbx_refine_id                           'X-RAY DIFFRACTION' 
_refine.ls_abs_structure_details                 ? 
_refine.ls_abs_structure_Flack                   ? 
_refine.ls_abs_structure_Flack_esd               ? 
_refine.ls_abs_structure_Rogers                  ? 
_refine.ls_abs_structure_Rogers_esd              ? 
_refine.ls_d_res_high                            1.970 
_refine.ls_d_res_low                             19.526 
_refine.ls_extinction_coef                       ? 
_refine.ls_extinction_coef_esd                   ? 
_refine.ls_extinction_expression                 ? 
_refine.ls_extinction_method                     ? 
_refine.ls_goodness_of_fit_all                   ? 
_refine.ls_goodness_of_fit_all_esd               ? 
_refine.ls_goodness_of_fit_obs                   ? 
_refine.ls_goodness_of_fit_obs_esd               ? 
_refine.ls_hydrogen_treatment                    ? 
_refine.ls_matrix_type                           ? 
_refine.ls_number_constraints                    ? 
_refine.ls_number_parameters                     ? 
_refine.ls_number_reflns_all                     ? 
_refine.ls_number_reflns_obs                     13537 
_refine.ls_number_reflns_R_free                  668 
_refine.ls_number_reflns_R_work                  ? 
_refine.ls_number_restraints                     ? 
_refine.ls_percent_reflns_obs                    97.095 
_refine.ls_percent_reflns_R_free                 4.935 
_refine.ls_R_factor_all                          0.196 
_refine.ls_R_factor_obs                          ? 
_refine.ls_R_factor_R_free                       0.2248 
_refine.ls_R_factor_R_free_error                 ? 
_refine.ls_R_factor_R_free_error_details         ? 
_refine.ls_R_factor_R_work                       0.1950 
_refine.ls_R_Fsqd_factor_obs                     ? 
_refine.ls_R_I_factor_obs                        ? 
_refine.ls_redundancy_reflns_all                 ? 
_refine.ls_redundancy_reflns_obs                 ? 
_refine.ls_restrained_S_all                      ? 
_refine.ls_restrained_S_obs                      ? 
_refine.ls_shift_over_esd_max                    ? 
_refine.ls_shift_over_esd_mean                   ? 
_refine.ls_structure_factor_coef                 ? 
_refine.ls_weighting_details                     ? 
_refine.ls_weighting_scheme                      ? 
_refine.ls_wR_factor_all                         ? 
_refine.ls_wR_factor_obs                         ? 
_refine.ls_wR_factor_R_free                      ? 
_refine.ls_wR_factor_R_work                      ? 
_refine.occupancy_max                            ? 
_refine.occupancy_min                            ? 
_refine.solvent_model_details                    ? 
_refine.solvent_model_param_bsol                 ? 
_refine.solvent_model_param_ksol                 ? 
_refine.pdbx_R_complete                          ? 
_refine.ls_R_factor_gt                           ? 
_refine.ls_goodness_of_fit_gt                    ? 
_refine.ls_goodness_of_fit_ref                   ? 
_refine.ls_shift_over_su_max                     ? 
_refine.ls_shift_over_su_max_lt                  ? 
_refine.ls_shift_over_su_mean                    ? 
_refine.ls_shift_over_su_mean_lt                 ? 
_refine.pdbx_ls_sigma_I                          ? 
_refine.pdbx_ls_sigma_F                          ? 
_refine.pdbx_ls_sigma_Fsqd                       ? 
_refine.pdbx_data_cutoff_high_absF               ? 
_refine.pdbx_data_cutoff_high_rms_absF           ? 
_refine.pdbx_data_cutoff_low_absF                ? 
_refine.pdbx_isotropic_thermal_model             ? 
_refine.pdbx_ls_cross_valid_method               'FREE R-VALUE' 
_refine.pdbx_method_to_determine_struct          'MOLECULAR REPLACEMENT' 
_refine.pdbx_starting_model                      1QKQ 
_refine.pdbx_stereochemistry_target_values       ? 
_refine.pdbx_R_Free_selection_details            ? 
_refine.pdbx_stereochem_target_val_spec_case     ? 
_refine.pdbx_overall_ESU_R                       0.154 
_refine.pdbx_overall_ESU_R_Free                  0.140 
_refine.pdbx_solvent_vdw_probe_radii             1.200 
_refine.pdbx_solvent_ion_probe_radii             0.800 
_refine.pdbx_solvent_shrinkage_radii             0.800 
_refine.pdbx_real_space_R                        ? 
_refine.pdbx_density_correlation                 ? 
_refine.pdbx_pd_number_of_powder_patterns        ? 
_refine.pdbx_pd_number_of_points                 ? 
_refine.pdbx_pd_meas_number_of_points            ? 
_refine.pdbx_pd_proc_ls_prof_R_factor            ? 
_refine.pdbx_pd_proc_ls_prof_wR_factor           ? 
_refine.pdbx_pd_Marquardt_correlation_coeff      ? 
_refine.pdbx_pd_Fsqrd_R_factor                   ? 
_refine.pdbx_pd_ls_matrix_band_width             ? 
_refine.pdbx_overall_phase_error                 ? 
_refine.pdbx_overall_SU_R_free_Cruickshank_DPI   ? 
_refine.pdbx_overall_SU_R_free_Blow_DPI          ? 
_refine.pdbx_overall_SU_R_Blow_DPI               ? 
_refine.pdbx_TLS_residual_ADP_flag               ? 
_refine.pdbx_diffrn_id                           1 
_refine.overall_SU_B                             3.664 
_refine.overall_SU_ML                            0.101 
_refine.overall_SU_R_Cruickshank_DPI             ? 
_refine.overall_SU_R_free                        ? 
_refine.overall_FOM_free_R_set                   ? 
_refine.overall_FOM_work_R_set                   ? 
_refine.pdbx_average_fsc_overall                 ? 
_refine.pdbx_average_fsc_work                    ? 
_refine.pdbx_average_fsc_free                    ? 
# 
_refine_hist.pdbx_refine_id                   'X-RAY DIFFRACTION' 
_refine_hist.cycle_id                         LAST 
_refine_hist.pdbx_number_atoms_protein        1151 
_refine_hist.pdbx_number_atoms_nucleic_acid   0 
_refine_hist.pdbx_number_atoms_ligand         24 
_refine_hist.number_atoms_solvent             43 
_refine_hist.number_atoms_total               1218 
_refine_hist.d_res_high                       1.970 
_refine_hist.d_res_low                        19.526 
# 
loop_
_refine_ls_restr.pdbx_refine_id 
_refine_ls_restr.criterion 
_refine_ls_restr.dev_ideal 
_refine_ls_restr.dev_ideal_target 
_refine_ls_restr.number 
_refine_ls_restr.rejects 
_refine_ls_restr.type 
_refine_ls_restr.weight 
_refine_ls_restr.pdbx_restraint_function 
'X-RAY DIFFRACTION' ? 0.007  0.013  1203 ? r_bond_refined_d               ? ? 
'X-RAY DIFFRACTION' ? 0.001  0.017  1094 ? r_bond_other_d                 ? ? 
'X-RAY DIFFRACTION' ? 1.477  1.676  1629 ? r_angle_refined_deg            ? ? 
'X-RAY DIFFRACTION' ? 1.161  1.596  2550 ? r_angle_other_deg              ? ? 
'X-RAY DIFFRACTION' ? 9.527  5.000  140  ? r_dihedral_angle_1_deg         ? ? 
'X-RAY DIFFRACTION' ? 36.879 22.500 64   ? r_dihedral_angle_2_deg         ? ? 
'X-RAY DIFFRACTION' ? 14.925 15.000 209  ? r_dihedral_angle_3_deg         ? ? 
'X-RAY DIFFRACTION' ? 14.540 15.000 7    ? r_dihedral_angle_4_deg         ? ? 
'X-RAY DIFFRACTION' ? 0.057  0.200  157  ? r_chiral_restr                 ? ? 
'X-RAY DIFFRACTION' ? 0.007  0.020  1306 ? r_gen_planes_refined           ? ? 
'X-RAY DIFFRACTION' ? 0.002  0.020  255  ? r_gen_planes_other             ? ? 
'X-RAY DIFFRACTION' ? 0.167  0.150  161  ? r_nbd_refined                  ? ? 
'X-RAY DIFFRACTION' ? 0.159  0.150  970  ? r_symmetry_nbd_other           ? ? 
'X-RAY DIFFRACTION' ? 0.161  0.150  548  ? r_nbtor_refined                ? ? 
'X-RAY DIFFRACTION' ? 0.072  0.150  559  ? r_symmetry_nbtor_other         ? ? 
'X-RAY DIFFRACTION' ? 0.096  0.150  41   ? r_xyhbond_nbd_refined          ? ? 
'X-RAY DIFFRACTION' ? 0.127  0.150  9    ? r_symmetry_nbd_refined         ? ? 
'X-RAY DIFFRACTION' ? 0.189  0.150  33   ? r_nbd_other                    ? ? 
'X-RAY DIFFRACTION' ? 0.108  0.150  12   ? r_symmetry_xyhbond_nbd_refined ? ? 
'X-RAY DIFFRACTION' ? 1.724  2.518  563  ? r_mcbond_it                    ? ? 
'X-RAY DIFFRACTION' ? 1.719  2.506  562  ? r_mcbond_other                 ? ? 
'X-RAY DIFFRACTION' ? 2.714  3.746  702  ? r_mcangle_it                   ? ? 
'X-RAY DIFFRACTION' ? 2.713  3.760  703  ? r_mcangle_other                ? ? 
'X-RAY DIFFRACTION' ? 2.487  2.883  640  ? r_scbond_it                    ? ? 
'X-RAY DIFFRACTION' ? 2.477  2.884  640  ? r_scbond_other                 ? ? 
'X-RAY DIFFRACTION' ? 3.923  4.202  927  ? r_scangle_it                   ? ? 
'X-RAY DIFFRACTION' ? 3.923  4.203  928  ? r_scangle_other                ? ? 
'X-RAY DIFFRACTION' ? 5.417  27.923 1208 ? r_lrange_it                    ? ? 
'X-RAY DIFFRACTION' ? 5.420  27.923 1207 ? r_lrange_other                 ? ? 
# 
loop_
_refine_ls_shell.pdbx_refine_id 
_refine_ls_shell.d_res_high 
_refine_ls_shell.d_res_low 
_refine_ls_shell.number_reflns_all 
_refine_ls_shell.number_reflns_obs 
_refine_ls_shell.number_reflns_R_free 
_refine_ls_shell.number_reflns_R_work 
_refine_ls_shell.percent_reflns_obs 
_refine_ls_shell.percent_reflns_R_free 
_refine_ls_shell.R_factor_all 
_refine_ls_shell.R_factor_obs 
_refine_ls_shell.R_factor_R_free 
_refine_ls_shell.R_factor_R_free_error 
_refine_ls_shell.R_factor_R_work 
_refine_ls_shell.redundancy_reflns_all 
_refine_ls_shell.redundancy_reflns_obs 
_refine_ls_shell.wR_factor_all 
_refine_ls_shell.wR_factor_obs 
_refine_ls_shell.wR_factor_R_free 
_refine_ls_shell.wR_factor_R_work 
_refine_ls_shell.pdbx_R_complete 
_refine_ls_shell.pdbx_total_number_of_bins_used 
_refine_ls_shell.pdbx_phase_error 
_refine_ls_shell.pdbx_fsc_work 
_refine_ls_shell.pdbx_fsc_free 
'X-RAY DIFFRACTION' 1.970 2.021  1003 . 47 907 95.1147  . 0.260 . 0.253 . 0.260 . . . . . 0.214 . 20 . 0.871 0.903 
'X-RAY DIFFRACTION' 2.021 2.075  929  . 49 835 95.1561  . 0.234 . 0.295 . 0.231 . . . . . 0.191 . 20 . 0.896 0.856 
'X-RAY DIFFRACTION' 2.075 2.135  939  . 56 843 95.7402  . 0.215 . 0.263 . 0.212 . . . . . 0.169 . 20 . 0.917 0.902 
'X-RAY DIFFRACTION' 2.135 2.200  919  . 48 831 95.6474  . 0.225 . 0.268 . 0.223 . . . . . 0.188 . 20 . 0.921 0.913 
'X-RAY DIFFRACTION' 2.200 2.271  881  . 40 810 96.4813  . 0.212 . 0.219 . 0.211 . . . . . 0.168 . 20 . 0.929 0.934 
'X-RAY DIFFRACTION' 2.271 2.349  859  . 46 782 96.3912  . 0.202 . 0.214 . 0.202 . . . . . 0.160 . 20 . 0.934 0.945 
'X-RAY DIFFRACTION' 2.349 2.437  854  . 38 788 96.7213  . 0.214 . 0.224 . 0.213 . . . . . 0.172 . 20 . 0.936 0.947 
'X-RAY DIFFRACTION' 2.437 2.535  790  . 27 741 97.2152  . 0.191 . 0.224 . 0.189 . . . . . 0.159 . 20 . 0.949 0.948 
'X-RAY DIFFRACTION' 2.535 2.645  765  . 45 699 97.2549  . 0.205 . 0.185 . 0.207 . . . . . 0.171 . 20 . 0.941 0.957 
'X-RAY DIFFRACTION' 2.645 2.772  743  . 29 697 97.7120  . 0.197 . 0.240 . 0.195 . . . . . 0.167 . 20 . 0.950 0.942 
'X-RAY DIFFRACTION' 2.772 2.919  722  . 33 674 97.9224  . 0.199 . 0.290 . 0.196 . . . . . 0.168 . 20 . 0.944 0.896 
'X-RAY DIFFRACTION' 2.919 3.091  678  . 33 631 97.9351  . 0.216 . 0.247 . 0.214 . . . . . 0.186 . 20 . 0.936 0.921 
'X-RAY DIFFRACTION' 3.091 3.299  649  . 33 609 98.9214  . 0.203 . 0.259 . 0.200 . . . . . 0.178 . 20 . 0.940 0.925 
'X-RAY DIFFRACTION' 3.299 3.555  613  . 35 571 98.8581  . 0.185 . 0.216 . 0.183 . . . . . 0.167 . 20 . 0.959 0.939 
'X-RAY DIFFRACTION' 3.555 3.881  559  . 23 531 99.1055  . 0.167 . 0.164 . 0.168 . . . . . 0.156 . 20 . 0.968 0.963 
'X-RAY DIFFRACTION' 3.881 4.318  526  . 24 501 99.8099  . 0.160 . 0.128 . 0.162 . . . . . 0.154 . 20 . 0.973 0.979 
'X-RAY DIFFRACTION' 4.318 4.946  483  . 21 460 99.5859  . 0.151 . 0.214 . 0.149 . . . . . 0.149 . 20 . 0.980 0.958 
'X-RAY DIFFRACTION' 4.946 5.962  407  . 13 393 99.7543  . 0.187 . 0.166 . 0.188 . . . . . 0.181 . 20 . 0.967 0.973 
'X-RAY DIFFRACTION' 5.962 8.065  352  . 19 331 99.4318  . 0.220 . 0.347 . 0.215 . . . . . 0.204 . 20 . 0.958 0.913 
'X-RAY DIFFRACTION' 8.065 19.526 244  . 9  235 100.0000 . 0.232 . 0.334 . 0.229 . . . . . 0.226 . 20 . 0.970 0.937 
# 
_struct.entry_id                     6L67 
_struct.title                        'X-ray structure of human galectin-10 in complex with D-galactose' 
_struct.pdbx_model_details           ? 
_struct.pdbx_formula_weight          ? 
_struct.pdbx_formula_weight_method   ? 
_struct.pdbx_model_type_details      ? 
_struct.pdbx_CASP_flag               N 
# 
_struct_keywords.entry_id        6L67 
_struct_keywords.text            'beta-sandwich structure, lectin, SUGAR BINDING PROTEIN' 
_struct_keywords.pdbx_keywords   'SUGAR BINDING PROTEIN' 
# 
loop_
_struct_asym.id 
_struct_asym.pdbx_blank_PDB_chainid_flag 
_struct_asym.pdbx_modified 
_struct_asym.entity_id 
_struct_asym.details 
A N N 1 ? 
B N N 2 ? 
C N N 2 ? 
D N N 3 ? 
# 
loop_
_struct_conf.conf_type_id 
_struct_conf.id 
_struct_conf.pdbx_PDB_helix_id 
_struct_conf.beg_label_comp_id 
_struct_conf.beg_label_asym_id 
_struct_conf.beg_label_seq_id 
_struct_conf.pdbx_beg_PDB_ins_code 
_struct_conf.end_label_comp_id 
_struct_conf.end_label_asym_id 
_struct_conf.end_label_seq_id 
_struct_conf.pdbx_end_PDB_ins_code 
_struct_conf.beg_auth_comp_id 
_struct_conf.beg_auth_asym_id 
_struct_conf.beg_auth_seq_id 
_struct_conf.end_auth_comp_id 
_struct_conf.end_auth_asym_id 
_struct_conf.end_auth_seq_id 
_struct_conf.pdbx_PDB_helix_class 
_struct_conf.details 
_struct_conf.pdbx_PDB_helix_length 
HELX_P HELX_P1 AA1 CYS A 31  ? GLU A 35  ? CYS A 29  GLU A 33  5 ? 5 
HELX_P HELX_P2 AA2 LYS A 119 ? VAL A 123 ? LYS A 117 VAL A 121 5 ? 5 
# 
_struct_conf_type.id          HELX_P 
_struct_conf_type.criteria    ? 
_struct_conf_type.reference   ? 
# 
_struct_mon_prot_cis.pdbx_id                1 
_struct_mon_prot_cis.label_comp_id          VAL 
_struct_mon_prot_cis.label_seq_id           8 
_struct_mon_prot_cis.label_asym_id          A 
_struct_mon_prot_cis.label_alt_id           . 
_struct_mon_prot_cis.pdbx_PDB_ins_code      ? 
_struct_mon_prot_cis.auth_comp_id           VAL 
_struct_mon_prot_cis.auth_seq_id            6 
_struct_mon_prot_cis.auth_asym_id           A 
_struct_mon_prot_cis.pdbx_label_comp_id_2   PRO 
_struct_mon_prot_cis.pdbx_label_seq_id_2    9 
_struct_mon_prot_cis.pdbx_label_asym_id_2   A 
_struct_mon_prot_cis.pdbx_PDB_ins_code_2    ? 
_struct_mon_prot_cis.pdbx_auth_comp_id_2    PRO 
_struct_mon_prot_cis.pdbx_auth_seq_id_2     7 
_struct_mon_prot_cis.pdbx_auth_asym_id_2    A 
_struct_mon_prot_cis.pdbx_PDB_model_num     1 
_struct_mon_prot_cis.pdbx_omega_angle       3.07 
# 
loop_
_struct_sheet.id 
_struct_sheet.type 
_struct_sheet.number_strands 
_struct_sheet.details 
AA1 ? 6 ? 
AA2 ? 6 ? 
AA3 ? 5 ? 
# 
loop_
_struct_sheet_order.sheet_id 
_struct_sheet_order.range_id_1 
_struct_sheet_order.range_id_2 
_struct_sheet_order.offset 
_struct_sheet_order.sense 
AA1 1 2 ? anti-parallel 
AA1 2 3 ? anti-parallel 
AA1 3 4 ? anti-parallel 
AA1 4 5 ? anti-parallel 
AA1 5 6 ? anti-parallel 
AA2 1 2 ? anti-parallel 
AA2 2 3 ? anti-parallel 
AA2 3 4 ? anti-parallel 
AA2 4 5 ? anti-parallel 
AA2 5 6 ? anti-parallel 
AA3 1 2 ? anti-parallel 
AA3 2 3 ? anti-parallel 
AA3 3 4 ? anti-parallel 
AA3 4 5 ? anti-parallel 
# 
loop_
_struct_sheet_range.sheet_id 
_struct_sheet_range.id 
_struct_sheet_range.beg_label_comp_id 
_struct_sheet_range.beg_label_asym_id 
_struct_sheet_range.beg_label_seq_id 
_struct_sheet_range.pdbx_beg_PDB_ins_code 
_struct_sheet_range.end_label_comp_id 
_struct_sheet_range.end_label_asym_id 
_struct_sheet_range.end_label_seq_id 
_struct_sheet_range.pdbx_end_PDB_ins_code 
_struct_sheet_range.beg_auth_comp_id 
_struct_sheet_range.beg_auth_asym_id 
_struct_sheet_range.beg_auth_seq_id 
_struct_sheet_range.end_auth_comp_id 
_struct_sheet_range.end_auth_asym_id 
_struct_sheet_range.end_auth_seq_id 
AA1 1 TYR A 10  ? ALA A 13  ? TYR A 8   ALA A 11  
AA1 2 MET A 125 ? ARG A 130 ? MET A 123 ARG A 128 
AA1 3 TYR A 37  ? HIS A 43  ? TYR A 35  HIS A 41  
AA1 4 ILE A 52  ? CYS A 59  ? ILE A 50  CYS A 57  
AA1 5 ARG A 63  ? GLU A 70  ? ARG A 61  GLU A 68  
AA1 6 ALA A 73  ? TRP A 74  ? ALA A 71  TRP A 72  
AA2 1 TYR A 10  ? ALA A 13  ? TYR A 8   ALA A 11  
AA2 2 MET A 125 ? ARG A 130 ? MET A 123 ARG A 128 
AA2 3 TYR A 37  ? HIS A 43  ? TYR A 35  HIS A 41  
AA2 4 ILE A 52  ? CYS A 59  ? ILE A 50  CYS A 57  
AA2 5 ARG A 63  ? GLU A 70  ? ARG A 61  GLU A 68  
AA2 6 VAL A 78  ? SER A 80  ? VAL A 76  SER A 78  
AA3 1 GLN A 109 ? ASP A 115 ? GLN A 107 ASP A 113 
AA3 2 LYS A 101 ? VAL A 106 ? LYS A 99  VAL A 104 
AA3 3 PHE A 91  ? VAL A 97  ? PHE A 89  VAL A 95  
AA3 4 THR A 21  ? PRO A 28  ? THR A 19  PRO A 26  
AA3 5 ILE A 132 ? VAL A 139 ? ILE A 130 VAL A 137 
# 
loop_
_pdbx_struct_sheet_hbond.sheet_id 
_pdbx_struct_sheet_hbond.range_id_1 
_pdbx_struct_sheet_hbond.range_id_2 
_pdbx_struct_sheet_hbond.range_1_label_atom_id 
_pdbx_struct_sheet_hbond.range_1_label_comp_id 
_pdbx_struct_sheet_hbond.range_1_label_asym_id 
_pdbx_struct_sheet_hbond.range_1_label_seq_id 
_pdbx_struct_sheet_hbond.range_1_PDB_ins_code 
_pdbx_struct_sheet_hbond.range_1_auth_atom_id 
_pdbx_struct_sheet_hbond.range_1_auth_comp_id 
_pdbx_struct_sheet_hbond.range_1_auth_asym_id 
_pdbx_struct_sheet_hbond.range_1_auth_seq_id 
_pdbx_struct_sheet_hbond.range_2_label_atom_id 
_pdbx_struct_sheet_hbond.range_2_label_comp_id 
_pdbx_struct_sheet_hbond.range_2_label_asym_id 
_pdbx_struct_sheet_hbond.range_2_label_seq_id 
_pdbx_struct_sheet_hbond.range_2_PDB_ins_code 
_pdbx_struct_sheet_hbond.range_2_auth_atom_id 
_pdbx_struct_sheet_hbond.range_2_auth_comp_id 
_pdbx_struct_sheet_hbond.range_2_auth_asym_id 
_pdbx_struct_sheet_hbond.range_2_auth_seq_id 
AA1 1 2 N TYR A 10  ? N TYR A 8   O VAL A 128 ? O VAL A 126 
AA1 2 3 O MET A 125 ? O MET A 123 N HIS A 43  ? N HIS A 41  
AA1 3 4 N LEU A 38  ? N LEU A 36  O VAL A 58  ? O VAL A 56  
AA1 4 5 N CYS A 59  ? N CYS A 57  O ARG A 63  ? O ARG A 61  
AA1 5 6 N GLU A 70  ? N GLU A 68  O ALA A 73  ? O ALA A 71  
AA2 1 2 N TYR A 10  ? N TYR A 8   O VAL A 128 ? O VAL A 126 
AA2 2 3 O MET A 125 ? O MET A 123 N HIS A 43  ? N HIS A 41  
AA2 3 4 N LEU A 38  ? N LEU A 36  O VAL A 58  ? O VAL A 56  
AA2 4 5 N CYS A 59  ? N CYS A 57  O ARG A 63  ? O ARG A 61  
AA2 5 6 N MET A 66  ? N MET A 64  O VAL A 78  ? O VAL A 76  
AA3 1 2 O TYR A 112 ? O TYR A 110 N VAL A 104 ? N VAL A 102 
AA3 2 3 O MET A 105 ? O MET A 103 N SER A 94  ? N SER A 92  
AA3 3 4 O LEU A 93  ? O LEU A 91  N ILE A 24  ? N ILE A 22  
AA3 4 5 N THR A 23  ? N THR A 21  O ASN A 138 ? O ASN A 136 
# 
_atom_sites.entry_id                    6L67 
_atom_sites.Cartn_transf_matrix[1][1]   ? 
_atom_sites.Cartn_transf_matrix[1][2]   ? 
_atom_sites.Cartn_transf_matrix[1][3]   ? 
_atom_sites.Cartn_transf_matrix[2][1]   ? 
_atom_sites.Cartn_transf_matrix[2][2]   ? 
_atom_sites.Cartn_transf_matrix[2][3]   ? 
_atom_sites.Cartn_transf_matrix[3][1]   ? 
_atom_sites.Cartn_transf_matrix[3][2]   ? 
_atom_sites.Cartn_transf_matrix[3][3]   ? 
_atom_sites.Cartn_transf_vector[1]      ? 
_atom_sites.Cartn_transf_vector[2]      ? 
_atom_sites.Cartn_transf_vector[3]      ? 
_atom_sites.fract_transf_matrix[1][1]   -0.00336734 
_atom_sites.fract_transf_matrix[1][2]   0.01985037 
_atom_sites.fract_transf_matrix[1][3]   0.01255969 
_atom_sites.fract_transf_matrix[2][1]   -0.01699416 
_atom_sites.fract_transf_matrix[2][2]   0.00083515 
_atom_sites.fract_transf_matrix[2][3]   0.01654128 
_atom_sites.fract_transf_matrix[3][1]   0.00250874 
_atom_sites.fract_transf_matrix[3][2]   -0.00124498 
_atom_sites.fract_transf_matrix[3][3]   0.00264028 
_atom_sites.fract_transf_vector[1]      0.278012 
_atom_sites.fract_transf_vector[2]      0.703524 
_atom_sites.fract_transf_vector[3]      0.303194 
_atom_sites.solution_primary            ? 
_atom_sites.solution_secondary          ? 
_atom_sites.solution_hydrogens          ? 
_atom_sites.special_details             ? 
# 
loop_
_atom_type.symbol 
_atom_type.pdbx_scat_Z 
_atom_type.pdbx_N_electrons 
_atom_type.scat_Cromer_Mann_a1 
_atom_type.scat_Cromer_Mann_b1 
_atom_type.scat_Cromer_Mann_a2 
_atom_type.scat_Cromer_Mann_b2 
_atom_type.scat_Cromer_Mann_a3 
_atom_type.scat_Cromer_Mann_b3 
_atom_type.scat_Cromer_Mann_a4 
_atom_type.scat_Cromer_Mann_b4 
_atom_type.scat_Cromer_Mann_c 
C 6  6  2.310  20.844 1.020 10.208 1.589 0.569  0.865 51.651 0.216   
H 1  1  0.493  10.511 0.323 26.126 0.140 3.142  0.041 57.800 0.003   
N 7  7  12.222 0.006  3.135 9.893  2.014 28.997 1.167 0.583  -11.538 
O 8  8  3.049  13.277 2.287 5.701  1.546 0.324  0.867 32.909 0.251   
S 16 16 6.905  1.468  5.203 22.215 1.438 0.254  1.586 56.172 1.184   
# 
loop_
_atom_site.group_PDB 
_atom_site.id 
_atom_site.type_symbol 
_atom_site.label_atom_id 
_atom_site.label_alt_id 
_atom_site.label_comp_id 
_atom_site.label_asym_id 
_atom_site.label_entity_id 
_atom_site.label_seq_id 
_atom_site.pdbx_PDB_ins_code 
_atom_site.Cartn_x 
_atom_site.Cartn_y 
_atom_site.Cartn_z 
_atom_site.occupancy 
_atom_site.B_iso_or_equiv 
_atom_site.pdbx_formal_charge 
_atom_site.auth_seq_id 
_atom_site.auth_comp_id 
_atom_site.auth_asym_id 
_atom_site.auth_atom_id 
_atom_site.pdbx_PDB_model_num 
ATOM   1    N N   . SER A 1 4   ? -19.450 -3.167  6.316   1.000 59.215 ? 2   SER A N   1 
ATOM   2    C CA  . SER A 1 4   ? -19.321 -1.936  7.159   1.000 56.798 ? 2   SER A CA  1 
ATOM   3    C C   . SER A 1 4   ? -17.988 -1.231  6.876   1.000 52.762 ? 2   SER A C   1 
ATOM   4    O O   . SER A 1 4   ? -16.925 -1.783  7.209   1.000 55.258 ? 2   SER A O   1 
ATOM   5    C CB  . SER A 1 4   ? -19.461 -2.248  8.626   1.000 59.136 ? 2   SER A CB  1 
ATOM   6    O OG  . SER A 1 4   ? -19.496 -1.046  9.381   1.000 56.664 ? 2   SER A OG  1 
ATOM   7    N N   . LEU A 1 5   ? -18.053 -0.031  6.306   1.000 48.109 ? 3   LEU A N   1 
ATOM   8    C CA  . LEU A 1 5   ? -16.962 0.556   5.490   1.000 43.002 ? 3   LEU A CA  1 
ATOM   9    C C   . LEU A 1 5   ? -16.248 1.635   6.320   1.000 40.566 ? 3   LEU A C   1 
ATOM   10   O O   . LEU A 1 5   ? -16.942 2.466   6.939   1.000 41.557 ? 3   LEU A O   1 
ATOM   11   C CB  . LEU A 1 5   ? -17.574 1.113   4.197   1.000 41.324 ? 3   LEU A CB  1 
ATOM   12   C CG  . LEU A 1 5   ? -18.453 0.143   3.399   1.000 41.115 ? 3   LEU A CG  1 
ATOM   13   C CD1 . LEU A 1 5   ? -19.191 0.868   2.286   1.000 42.353 ? 3   LEU A CD1 1 
ATOM   14   C CD2 . LEU A 1 5   ? -17.640 -1.007  2.826   1.000 39.999 ? 3   LEU A CD2 1 
ATOM   15   N N   . LEU A 1 6   ? -14.914 1.620   6.325   1.000 33.226 ? 4   LEU A N   1 
ATOM   16   C CA  . LEU A 1 6   ? -14.063 2.725   6.840   1.000 32.010 ? 4   LEU A CA  1 
ATOM   17   C C   . LEU A 1 6   ? -14.160 3.901   5.876   1.000 29.505 ? 4   LEU A C   1 
ATOM   18   O O   . LEU A 1 6   ? -14.359 3.675   4.695   1.000 28.191 ? 4   LEU A O   1 
ATOM   19   C CB  . LEU A 1 6   ? -12.615 2.234   6.917   1.000 30.617 ? 4   LEU A CB  1 
ATOM   20   C CG  . LEU A 1 6   ? -12.325 1.134   7.932   1.000 31.646 ? 4   LEU A CG  1 
ATOM   21   C CD1 . LEU A 1 6   ? -10.905 0.611   7.754   1.000 31.419 ? 4   LEU A CD1 1 
ATOM   22   C CD2 . LEU A 1 6   ? -12.535 1.631   9.354   1.000 31.356 ? 4   LEU A CD2 1 
ATOM   23   N N   . PRO A 1 7   ? -13.971 5.167   6.315   1.000 28.136 ? 5   PRO A N   1 
ATOM   24   C CA  . PRO A 1 7   ? -13.918 6.296   5.385   1.000 28.217 ? 5   PRO A CA  1 
ATOM   25   C C   . PRO A 1 7   ? -12.716 6.175   4.438   1.000 27.344 ? 5   PRO A C   1 
ATOM   26   O O   . PRO A 1 7   ? -11.677 5.717   4.856   1.000 31.229 ? 5   PRO A O   1 
ATOM   27   C CB  . PRO A 1 7   ? -13.772 7.542   6.268   1.000 30.695 ? 5   PRO A CB  1 
ATOM   28   C CG  . PRO A 1 7   ? -13.261 7.013   7.604   1.000 31.931 ? 5   PRO A CG  1 
ATOM   29   C CD  . PRO A 1 7   ? -13.734 5.573   7.704   1.000 30.790 ? 5   PRO A CD  1 
ATOM   30   N N   . VAL A 1 8   ? -12.888 6.587   3.191   1.000 26.633 ? 6   VAL A N   1 
ATOM   31   C CA  . VAL A 1 8   ? -11.813 6.645   2.155   1.000 25.584 ? 6   VAL A CA  1 
ATOM   32   C C   . VAL A 1 8   ? -11.797 8.052   1.569   1.000 25.698 ? 6   VAL A C   1 
ATOM   33   O O   . VAL A 1 8   ? -12.828 8.498   1.074   1.000 24.229 ? 6   VAL A O   1 
ATOM   34   C CB  . VAL A 1 8   ? -12.035 5.596   1.054   1.000 24.824 ? 6   VAL A CB  1 
ATOM   35   C CG1 . VAL A 1 8   ? -11.051 5.790   -0.086  1.000 25.914 ? 6   VAL A CG1 1 
ATOM   36   C CG2 . VAL A 1 8   ? -11.958 4.181   1.605   1.000 24.443 ? 6   VAL A CG2 1 
ATOM   37   N N   . PRO A 1 9   ? -10.666 8.801   1.558   1.000 25.415 ? 7   PRO A N   1 
ATOM   38   C CA  . PRO A 1 9   ? -9.354  8.349   2.028   1.000 25.059 ? 7   PRO A CA  1 
ATOM   39   C C   . PRO A 1 9   ? -9.288  7.957   3.507   1.000 25.059 ? 7   PRO A C   1 
ATOM   40   O O   . PRO A 1 9   ? -9.898  8.639   4.329   1.000 25.497 ? 7   PRO A O   1 
ATOM   41   C CB  . PRO A 1 9   ? -8.453  9.584   1.849   1.000 24.916 ? 7   PRO A CB  1 
ATOM   42   C CG  . PRO A 1 9   ? -9.131  10.389  0.778   1.000 24.131 ? 7   PRO A CG  1 
ATOM   43   C CD  . PRO A 1 9   ? -10.605 10.167  1.017   1.000 25.687 ? 7   PRO A CD  1 
ATOM   44   N N   . TYR A 1 10  ? -8.586  6.858   3.788   1.000 23.857 ? 8   TYR A N   1 
ATOM   45   C CA  . TYR A 1 10  ? -8.357  6.320   5.146   1.000 23.086 ? 8   TYR A CA  1 
ATOM   46   C C   . TYR A 1 10  ? -6.926  6.659   5.594   1.000 23.571 ? 8   TYR A C   1 
ATOM   47   O O   . TYR A 1 10  ? -5.958  6.228   4.932   1.000 21.995 ? 8   TYR A O   1 
ATOM   48   C CB  . TYR A 1 10  ? -8.665  4.819   5.234   1.000 24.236 ? 8   TYR A CB  1 
ATOM   49   C CG  . TYR A 1 10  ? -8.597  4.356   6.665   1.000 24.929 ? 8   TYR A CG  1 
ATOM   50   C CD1 . TYR A 1 10  ? -9.495  4.857   7.598   1.000 25.707 ? 8   TYR A CD1 1 
ATOM   51   C CD2 . TYR A 1 10  ? -7.533  3.593   7.132   1.000 25.125 ? 8   TYR A CD2 1 
ATOM   52   C CE1 . TYR A 1 10  ? -9.397  4.545   8.944   1.000 26.449 ? 8   TYR A CE1 1 
ATOM   53   C CE2 . TYR A 1 10  ? -7.432  3.258   8.475   1.000 26.336 ? 8   TYR A CE2 1 
ATOM   54   C CZ  . TYR A 1 10  ? -8.368  3.732   9.387   1.000 27.251 ? 8   TYR A CZ  1 
ATOM   55   O OH  . TYR A 1 10  ? -8.280  3.446   10.727  1.000 26.754 ? 8   TYR A OH  1 
ATOM   56   N N   . THR A 1 11  ? -6.816  7.397   6.709   1.000 22.041 ? 9   THR A N   1 
ATOM   57   C CA  . THR A 1 11  ? -5.547  7.767   7.391   1.000 23.838 ? 9   THR A CA  1 
ATOM   58   C C   . THR A 1 11  ? -5.481  7.145   8.797   1.000 23.953 ? 9   THR A C   1 
ATOM   59   O O   . THR A 1 11  ? -6.418  7.366   9.591   1.000 24.297 ? 9   THR A O   1 
ATOM   60   C CB  . THR A 1 11  ? -5.402  9.292   7.441   1.000 24.193 ? 9   THR A CB  1 
ATOM   61   O OG1 . THR A 1 11  ? -5.396  9.747   6.089   1.000 25.860 ? 9   THR A OG1 1 
ATOM   62   C CG2 . THR A 1 11  ? -4.123  9.727   8.122   1.000 24.687 ? 9   THR A CG2 1 
ATOM   63   N N   . GLU A 1 12  ? -4.418  6.391   9.094   1.000 22.921 ? 10  GLU A N   1 
ATOM   64   C CA  . GLU A 1 12  ? -4.130  5.826   10.443  1.000 22.897 ? 10  GLU A CA  1 
ATOM   65   C C   . GLU A 1 12  ? -2.651  6.085   10.745  1.000 24.483 ? 10  GLU A C   1 
ATOM   66   O O   . GLU A 1 12  ? -1.786  5.735   9.873   1.000 20.996 ? 10  GLU A O   1 
ATOM   67   C CB  . GLU A 1 12  ? -4.484  4.332   10.486  1.000 23.581 ? 10  GLU A CB  1 
ATOM   68   C CG  . GLU A 1 12  ? -4.548  3.747   11.896  1.000 23.864 ? 10  GLU A CG  1 
ATOM   69   C CD  . GLU A 1 12  ? -5.054  2.318   12.008  1.000 25.073 ? 10  GLU A CD  1 
ATOM   70   O OE1 . GLU A 1 12  ? -6.205  2.066   11.565  1.000 24.284 ? 10  GLU A OE1 1 
ATOM   71   O OE2 . GLU A 1 12  ? -4.310  1.455   12.572  1.000 24.477 ? 10  GLU A OE2 1 
ATOM   72   N N   . ALA A 1 13  ? -2.358  6.701   11.902  1.000 24.198 ? 11  ALA A N   1 
ATOM   73   C CA  . ALA A 1 13  ? -0.995  6.753   12.483  1.000 24.265 ? 11  ALA A CA  1 
ATOM   74   C C   . ALA A 1 13  ? -0.495  5.317   12.616  1.000 22.480 ? 11  ALA A C   1 
ATOM   75   O O   . ALA A 1 13  ? -1.304  4.426   12.913  1.000 23.054 ? 11  ALA A O   1 
ATOM   76   C CB  . ALA A 1 13  ? -1.000  7.453   13.823  1.000 25.658 ? 11  ALA A CB  1 
ATOM   77   N N   . ALA A 1 14  ? 0.793   5.095   12.400  1.000 22.502 ? 12  ALA A N   1 
ATOM   78   C CA  . ALA A 1 14  ? 1.390   3.748   12.368  1.000 22.666 ? 12  ALA A CA  1 
ATOM   79   C C   . ALA A 1 14  ? 2.877   3.829   12.730  1.000 22.770 ? 12  ALA A C   1 
ATOM   80   O O   . ALA A 1 14  ? 3.486   4.881   12.500  1.000 22.174 ? 12  ALA A O   1 
ATOM   81   C CB  . ALA A 1 14  ? 1.176   3.145   11.000  1.000 22.743 ? 12  ALA A CB  1 
ATOM   82   N N   . SER A 1 15  ? 3.420   2.748   13.288  1.000 23.291 ? 13  SER A N   1 
ATOM   83   C CA  . SER A 1 15  ? 4.878   2.467   13.360  1.000 23.931 ? 13  SER A CA  1 
ATOM   84   C C   . SER A 1 15  ? 5.141   1.130   12.685  1.000 23.607 ? 13  SER A C   1 
ATOM   85   O O   . SER A 1 15  ? 4.288   0.240   12.824  1.000 24.836 ? 13  SER A O   1 
ATOM   86   C CB  . SER A 1 15  ? 5.361   2.448   14.785  1.000 24.504 ? 13  SER A CB  1 
ATOM   87   O OG  . SER A 1 15  ? 5.085   3.689   15.414  1.000 26.491 ? 13  SER A OG  1 
ATOM   88   N N   . LEU A 1 16  ? 6.274   1.009   11.996  1.000 23.872 ? 14  LEU A N   1 
ATOM   89   C CA  . LEU A 1 16  ? 6.712   -0.242  11.324  1.000 24.943 ? 14  LEU A CA  1 
ATOM   90   C C   . LEU A 1 16  ? 8.160   -0.549  11.725  1.000 26.754 ? 14  LEU A C   1 
ATOM   91   O O   . LEU A 1 16  ? 8.973   0.400   11.876  1.000 26.189 ? 14  LEU A O   1 
ATOM   92   C CB  . LEU A 1 16  ? 6.583   -0.097  9.802   1.000 25.037 ? 14  LEU A CB  1 
ATOM   93   C CG  . LEU A 1 16  ? 5.191   0.240   9.249   1.000 25.099 ? 14  LEU A CG  1 
ATOM   94   C CD1 . LEU A 1 16  ? 5.272   0.474   7.741   1.000 24.181 ? 14  LEU A CD1 1 
ATOM   95   C CD2 . LEU A 1 16  ? 4.184   -0.862  9.542   1.000 24.745 ? 14  LEU A CD2 1 
ATOM   96   N N   . SER A 1 17  ? 8.449   -1.839  11.897  1.000 27.081 ? 15  SER A N   1 
ATOM   97   C CA  . SER A 1 17  ? 9.809   -2.431  11.858  1.000 27.343 ? 15  SER A CA  1 
ATOM   98   C C   . SER A 1 17  ? 9.719   -3.860  11.313  1.000 26.282 ? 15  SER A C   1 
ATOM   99   O O   . SER A 1 17  ? 8.594   -4.314  10.996  1.000 22.332 ? 15  SER A O   1 
ATOM   100  C CB  . SER A 1 17  ? 10.438  -2.373  13.234  1.000 28.101 ? 15  SER A CB  1 
ATOM   101  O OG  . SER A 1 17  ? 9.544   -2.912  14.192  1.000 29.565 ? 15  SER A OG  1 
ATOM   102  N N   . THR A 1 18  ? 10.866  -4.527  11.167  1.000 24.416 ? 16  THR A N   1 
ATOM   103  C CA  . THR A 1 18  ? 10.980  -5.922  10.675  1.000 24.923 ? 16  THR A CA  1 
ATOM   104  C C   . THR A 1 18  ? 9.944   -6.796  11.397  1.000 24.304 ? 16  THR A C   1 
ATOM   105  O O   . THR A 1 18  ? 9.941   -6.800  12.643  1.000 24.058 ? 16  THR A O   1 
ATOM   106  C CB  . THR A 1 18  ? 12.410  -6.433  10.854  1.000 24.684 ? 16  THR A CB  1 
ATOM   107  O OG1 . THR A 1 18  ? 13.250  -5.435  10.272  1.000 25.341 ? 16  THR A OG1 1 
ATOM   108  C CG2 . THR A 1 18  ? 12.641  -7.783  10.210  1.000 24.796 ? 16  THR A CG2 1 
ATOM   109  N N   . GLY A 1 19  ? 9.042   -7.426  10.646  1.000 24.464 ? 17  GLY A N   1 
ATOM   110  C CA  . GLY A 1 19  ? 7.980   -8.293  11.204  1.000 25.172 ? 17  GLY A CA  1 
ATOM   111  C C   . GLY A 1 19  ? 6.604   -7.639  11.250  1.000 24.572 ? 17  GLY A C   1 
ATOM   112  O O   . GLY A 1 19  ? 5.630   -8.393  11.431  1.000 22.146 ? 17  GLY A O   1 
ATOM   113  N N   . SER A 1 20  ? 6.488   -6.314  11.100  1.000 22.779 ? 18  SER A N   1 
ATOM   114  C CA  . SER A 1 20  ? 5.174   -5.623  10.983  1.000 22.890 ? 18  SER A CA  1 
ATOM   115  C C   . SER A 1 20  ? 4.468   -6.071  9.691   1.000 23.506 ? 18  SER A C   1 
ATOM   116  O O   . SER A 1 20  ? 5.145   -6.314  8.681   1.000 21.402 ? 18  SER A O   1 
ATOM   117  C CB  . SER A 1 20  ? 5.306   -4.130  11.020  1.000 23.177 ? 18  SER A CB  1 
ATOM   118  O OG  . SER A 1 20  ? 5.896   -3.691  12.234  1.000 21.054 ? 18  SER A OG  1 
ATOM   119  N N   . THR A 1 21  ? 3.142   -6.179  9.737   1.000 25.039 ? 19  THR A N   1 
ATOM   120  C CA  . THR A 1 21  ? 2.272   -6.454  8.572   1.000 24.600 ? 19  THR A CA  1 
ATOM   121  C C   . THR A 1 21  ? 1.198   -5.367  8.534   1.000 24.127 ? 19  THR A C   1 
ATOM   122  O O   . THR A 1 21  ? 0.650   -5.035  9.612   1.000 24.446 ? 19  THR A O   1 
ATOM   123  C CB  . THR A 1 21  ? 1.716   -7.886  8.640   1.000 27.154 ? 19  THR A CB  1 
ATOM   124  O OG1 . THR A 1 21  ? 2.813   -8.782  8.458   1.000 27.519 ? 19  THR A OG1 1 
ATOM   125  C CG2 . THR A 1 21  ? 0.696   -8.184  7.563   1.000 29.165 ? 19  THR A CG2 1 
ATOM   126  N N   . VAL A 1 22  ? 0.940   -4.798  7.351   1.000 22.978 ? 20  VAL A N   1 
ATOM   127  C CA  . VAL A 1 22  ? -0.262  -3.947  7.070   1.000 22.166 ? 20  VAL A CA  1 
ATOM   128  C C   . VAL A 1 22  ? -1.223  -4.789  6.230   1.000 22.070 ? 20  VAL A C   1 
ATOM   129  O O   . VAL A 1 22  ? -0.799  -5.246  5.131   1.000 20.420 ? 20  VAL A O   1 
ATOM   130  C CB  . VAL A 1 22  ? 0.135   -2.642  6.356   1.000 23.925 ? 20  VAL A CB  1 
ATOM   131  C CG1 . VAL A 1 22  ? -1.045  -1.714  6.148   1.000 24.094 ? 20  VAL A CG1 1 
ATOM   132  C CG2 . VAL A 1 22  ? 1.265   -1.931  7.093   1.000 24.027 ? 20  VAL A CG2 1 
ATOM   133  N N   . THR A 1 23  ? -2.416  -5.071  6.757   1.000 20.977 ? 21  THR A N   1 
ATOM   134  C CA  . THR A 1 23  ? -3.446  -5.876  6.056   1.000 21.825 ? 21  THR A CA  1 
ATOM   135  C C   . THR A 1 23  ? -4.645  -4.985  5.738   1.000 22.582 ? 21  THR A C   1 
ATOM   136  O O   . THR A 1 23  ? -5.166  -4.294  6.654   1.000 20.978 ? 21  THR A O   1 
ATOM   137  C CB  . THR A 1 23  ? -3.908  -7.096  6.853   1.000 22.465 ? 21  THR A CB  1 
ATOM   138  O OG1 . THR A 1 23  ? -2.763  -7.843  7.242   1.000 24.432 ? 21  THR A OG1 1 
ATOM   139  C CG2 . THR A 1 23  ? -4.843  -7.980  6.061   1.000 22.463 ? 21  THR A CG2 1 
ATOM   140  N N   . ILE A 1 24  ? -5.060  -5.020  4.482   1.000 21.828 ? 22  ILE A N   1 
ATOM   141  C CA  . ILE A 1 24  ? -6.168  -4.202  3.930   1.000 23.899 ? 22  ILE A CA  1 
ATOM   142  C C   . ILE A 1 24  ? -7.135  -5.153  3.228   1.000 25.339 ? 22  ILE A C   1 
ATOM   143  O O   . ILE A 1 24  ? -6.662  -6.047  2.471   1.000 25.876 ? 22  ILE A O   1 
ATOM   144  C CB  . ILE A 1 24  ? -5.582  -3.140  2.995   1.000 25.152 ? 22  ILE A CB  1 
ATOM   145  C CG1 . ILE A 1 24  ? -4.696  -2.151  3.758   1.000 25.387 ? 22  ILE A CG1 1 
ATOM   146  C CG2 . ILE A 1 24  ? -6.673  -2.446  2.204   1.000 27.202 ? 22  ILE A CG2 1 
ATOM   147  C CD1 . ILE A 1 24  ? -3.527  -1.625  2.945   1.000 26.201 ? 22  ILE A CD1 1 
ATOM   148  N N   . LYS A 1 25  ? -8.423  -4.984  3.492   1.000 23.561 ? 23  LYS A N   1 
ATOM   149  C CA  . LYS A 1 25  ? -9.503  -5.704  2.785   1.000 27.906 ? 23  LYS A CA  1 
ATOM   150  C C   . LYS A 1 25  ? -10.428 -4.666  2.154   1.000 26.758 ? 23  LYS A C   1 
ATOM   151  O O   . LYS A 1 25  ? -10.908 -3.744  2.867   1.000 25.414 ? 23  LYS A O   1 
ATOM   152  C CB  . LYS A 1 25  ? -10.224 -6.640  3.757   1.000 32.498 ? 23  LYS A CB  1 
ATOM   153  C CG  . LYS A 1 25  ? -11.142 -7.657  3.099   1.000 38.804 ? 23  LYS A CG  1 
ATOM   154  C CD  . LYS A 1 25  ? -11.698 -8.693  4.062   1.000 41.889 ? 23  LYS A CD  1 
ATOM   155  C CE  . LYS A 1 25  ? -10.699 -9.760  4.459   1.000 45.889 ? 23  LYS A CE  1 
ATOM   156  N NZ  . LYS A 1 25  ? -11.351 -11.087 4.613   1.000 48.537 ? 23  LYS A NZ  1 
ATOM   157  N N   . GLY A 1 26  ? -10.639 -4.777  0.849   1.000 25.921 ? 24  GLY A N   1 
ATOM   158  C CA  . GLY A 1 26  ? -11.450 -3.784  0.129   1.000 26.265 ? 24  GLY A CA  1 
ATOM   159  C C   . GLY A 1 26  ? -11.979 -4.326  -1.173  1.000 25.510 ? 24  GLY A C   1 
ATOM   160  O O   . GLY A 1 26  ? -11.737 -5.510  -1.482  1.000 25.389 ? 24  GLY A O   1 
ATOM   161  N N   . ARG A 1 27  ? -12.648 -3.458  -1.920  1.000 25.473 ? 25  ARG A N   1 
ATOM   162  C CA  . ARG A 1 27  ? -13.254 -3.778  -3.232  1.000 26.247 ? 25  ARG A CA  1 
ATOM   163  C C   . ARG A 1 27  ? -13.087 -2.567  -4.138  1.000 22.434 ? 25  ARG A C   1 
ATOM   164  O O   . ARG A 1 27  ? -13.383 -1.450  -3.718  1.000 21.161 ? 25  ARG A O   1 
ATOM   165  C CB  . ARG A 1 27  ? -14.720 -4.150  -3.022  1.000 29.949 ? 25  ARG A CB  1 
ATOM   166  C CG  . ARG A 1 27  ? -15.353 -4.858  -4.209  1.000 36.284 ? 25  ARG A CG  1 
ATOM   167  C CD  . ARG A 1 27  ? -16.841 -5.087  -4.015  1.000 40.240 ? 25  ARG A CD  1 
ATOM   168  N NE  . ARG A 1 27  ? -17.217 -6.368  -4.598  1.000 48.208 ? 25  ARG A NE  1 
ATOM   169  C CZ  . ARG A 1 27  ? -17.479 -7.496  -3.923  1.000 51.565 ? 25  ARG A CZ  1 
ATOM   170  N NH1 . ARG A 1 27  ? -17.460 -7.540  -2.599  1.000 51.088 ? 25  ARG A NH1 1 
ATOM   171  N NH2 . ARG A 1 27  ? -17.784 -8.596  -4.597  1.000 56.972 ? 25  ARG A NH2 1 
ATOM   172  N N   . PRO A 1 28  ? -12.695 -2.755  -5.417  1.000 22.103 ? 26  PRO A N   1 
ATOM   173  C CA  . PRO A 1 28  ? -12.754 -1.673  -6.395  1.000 22.753 ? 26  PRO A CA  1 
ATOM   174  C C   . PRO A 1 28  ? -14.200 -1.161  -6.512  1.000 21.357 ? 26  PRO A C   1 
ATOM   175  O O   . PRO A 1 28  ? -15.115 -1.966  -6.462  1.000 19.149 ? 26  PRO A O   1 
ATOM   176  C CB  . PRO A 1 28  ? -12.290 -2.274  -7.732  1.000 23.144 ? 26  PRO A CB  1 
ATOM   177  C CG  . PRO A 1 28  ? -11.781 -3.669  -7.410  1.000 24.547 ? 26  PRO A CG  1 
ATOM   178  C CD  . PRO A 1 28  ? -12.268 -4.027  -6.023  1.000 23.472 ? 26  PRO A CD  1 
ATOM   179  N N   . LEU A 1 29  ? -14.368 0.148   -6.662  1.000 19.924 ? 27  LEU A N   1 
ATOM   180  C CA  . LEU A 1 29  ? -15.705 0.803   -6.746  1.000 21.187 ? 27  LEU A CA  1 
ATOM   181  C C   . LEU A 1 29  ? -16.356 0.543   -8.104  1.000 22.464 ? 27  LEU A C   1 
ATOM   182  O O   . LEU A 1 29  ? -17.560 0.631   -8.159  1.000 21.782 ? 27  LEU A O   1 
ATOM   183  C CB  . LEU A 1 29  ? -15.559 2.307   -6.504  1.000 20.462 ? 27  LEU A CB  1 
ATOM   184  C CG  . LEU A 1 29  ? -15.179 2.690   -5.077  1.000 19.663 ? 27  LEU A CG  1 
ATOM   185  C CD1 . LEU A 1 29  ? -14.978 4.190   -4.958  1.000 18.833 ? 27  LEU A CD1 1 
ATOM   186  C CD2 . LEU A 1 29  ? -16.227 2.224   -4.091  1.000 20.313 ? 27  LEU A CD2 1 
ATOM   187  N N   . VAL A 1 30  ? -15.584 0.281   -9.163  1.000 23.803 ? 28  VAL A N   1 
ATOM   188  C CA  . VAL A 1 30  ? -16.118 0.171   -10.555 1.000 24.799 ? 28  VAL A CA  1 
ATOM   189  C C   . VAL A 1 30  ? -15.352 -0.950  -11.259 1.000 25.196 ? 28  VAL A C   1 
ATOM   190  O O   . VAL A 1 30  ? -14.308 -1.385  -10.727 1.000 25.857 ? 28  VAL A O   1 
ATOM   191  C CB  . VAL A 1 30  ? -16.019 1.510   -11.318 1.000 25.133 ? 28  VAL A CB  1 
ATOM   192  C CG1 . VAL A 1 30  ? -16.672 2.656   -10.555 1.000 25.815 ? 28  VAL A CG1 1 
ATOM   193  C CG2 . VAL A 1 30  ? -14.587 1.866   -11.677 1.000 23.959 ? 28  VAL A CG2 1 
ATOM   194  N N   . CYS A 1 31  ? -15.872 -1.418  -12.392 1.000 25.730 ? 29  CYS A N   1 
ATOM   195  C CA  . CYS A 1 31  ? -15.294 -2.530  -13.190 1.000 26.683 ? 29  CYS A CA  1 
ATOM   196  C C   . CYS A 1 31  ? -13.903 -2.119  -13.691 1.000 24.107 ? 29  CYS A C   1 
ATOM   197  O O   . CYS A 1 31  ? -13.637 -0.920  -13.787 1.000 22.639 ? 29  CYS A O   1 
ATOM   198  C CB  . CYS A 1 31  ? -16.203 -2.876  -14.363 1.000 30.553 ? 29  CYS A CB  1 
ATOM   199  S SG  . CYS A 1 31  ? -16.389 -1.504  -15.534 1.000 37.213 ? 29  CYS A SG  1 
ATOM   200  N N   . PHE A 1 32  ? -13.058 -3.096  -13.996 1.000 23.634 ? 30  PHE A N   1 
ATOM   201  C CA  . PHE A 1 32  ? -11.651 -2.916  -14.428 1.000 22.774 ? 30  PHE A CA  1 
ATOM   202  C C   . PHE A 1 32  ? -11.609 -2.174  -15.760 1.000 23.006 ? 30  PHE A C   1 
ATOM   203  O O   . PHE A 1 32  ? -10.635 -1.440  -15.946 1.000 22.197 ? 30  PHE A O   1 
ATOM   204  C CB  . PHE A 1 32  ? -10.912 -4.256  -14.512 1.000 24.447 ? 30  PHE A CB  1 
ATOM   205  C CG  . PHE A 1 32  ? -10.425 -4.809  -13.191 1.000 26.194 ? 30  PHE A CG  1 
ATOM   206  C CD1 . PHE A 1 32  ? -10.959 -4.386  -11.979 1.000 26.843 ? 30  PHE A CD1 1 
ATOM   207  C CD2 . PHE A 1 32  ? -9.458  -5.798  -13.167 1.000 26.726 ? 30  PHE A CD2 1 
ATOM   208  C CE1 . PHE A 1 32  ? -10.495 -4.905  -10.780 1.000 27.985 ? 30  PHE A CE1 1 
ATOM   209  C CE2 . PHE A 1 32  ? -9.010  -6.330  -11.966 1.000 27.346 ? 30  PHE A CE2 1 
ATOM   210  C CZ  . PHE A 1 32  ? -9.524  -5.878  -10.776 1.000 25.531 ? 30  PHE A CZ  1 
ATOM   211  N N   . LEU A 1 33  ? -12.604 -2.340  -16.648 1.000 24.049 ? 31  LEU A N   1 
ATOM   212  C CA  . LEU A 1 33  ? -12.618 -1.616  -17.953 1.000 23.765 ? 31  LEU A CA  1 
ATOM   213  C C   . LEU A 1 33  ? -12.435 -0.109  -17.717 1.000 22.391 ? 31  LEU A C   1 
ATOM   214  O O   . LEU A 1 33  ? -11.866 0.537   -18.574 1.000 20.404 ? 31  LEU A O   1 
ATOM   215  C CB  . LEU A 1 33  ? -13.910 -1.894  -18.729 1.000 23.335 ? 31  LEU A CB  1 
ATOM   216  C CG  . LEU A 1 33  ? -13.891 -1.450  -20.199 1.000 25.360 ? 31  LEU A CG  1 
ATOM   217  C CD1 . LEU A 1 33  ? -12.827 -2.206  -21.000 1.000 24.896 ? 31  LEU A CD1 1 
ATOM   218  C CD2 . LEU A 1 33  ? -15.254 -1.630  -20.847 1.000 24.488 ? 31  LEU A CD2 1 
ATOM   219  N N   . ASN A 1 34  ? -12.926 0.429   -16.596 1.000 22.126 ? 32  ASN A N   1 
ATOM   220  C CA  . ASN A 1 34  ? -12.864 1.882   -16.272 1.000 23.178 ? 32  ASN A CA  1 
ATOM   221  C C   . ASN A 1 34  ? -11.561 2.240   -15.533 1.000 23.369 ? 32  ASN A C   1 
ATOM   222  O O   . ASN A 1 34  ? -11.371 3.435   -15.247 1.000 21.116 ? 32  ASN A O   1 
ATOM   223  C CB  . ASN A 1 34  ? -14.130 2.301   -15.514 1.000 24.025 ? 32  ASN A CB  1 
ATOM   224  C CG  . ASN A 1 34  ? -15.375 2.271   -16.385 1.000 24.397 ? 32  ASN A CG  1 
ATOM   225  O OD1 . ASN A 1 34  ? -15.293 2.138   -17.603 1.000 23.458 ? 32  ASN A OD1 1 
ATOM   226  N ND2 . ASN A 1 34  ? -16.542 2.384   -15.780 1.000 24.894 ? 32  ASN A ND2 1 
ATOM   227  N N   . GLU A 1 35  ? -10.687 1.265   -15.247 1.000 23.212 ? 33  GLU A N   1 
ATOM   228  C CA  . GLU A 1 35  ? -9.343  1.473   -14.629 1.000 23.236 ? 33  GLU A CA  1 
ATOM   229  C C   . GLU A 1 35  ? -9.460  2.273   -13.335 1.000 22.102 ? 33  GLU A C   1 
ATOM   230  O O   . GLU A 1 35  ? -8.815  3.321   -13.165 1.000 19.517 ? 33  GLU A O   1 
ATOM   231  C CB  . GLU A 1 35  ? -8.405  2.139   -15.629 1.000 26.428 ? 33  GLU A CB  1 
ATOM   232  C CG  . GLU A 1 35  ? -8.200  1.287   -16.876 1.000 30.243 ? 33  GLU A CG  1 
ATOM   233  C CD  . GLU A 1 35  ? -7.022  1.671   -17.756 1.000 34.232 ? 33  GLU A CD  1 
ATOM   234  O OE1 . GLU A 1 35  ? -6.220  2.542   -17.337 1.000 36.461 ? 33  GLU A OE1 1 
ATOM   235  O OE2 . GLU A 1 35  ? -6.910  1.095   -18.853 1.000 34.411 ? 33  GLU A OE2 1 
ATOM   236  N N   . PRO A 1 36  ? -10.142 1.710   -12.315 1.000 20.545 ? 34  PRO A N   1 
ATOM   237  C CA  . PRO A 1 36  ? -10.110 2.305   -10.979 1.000 20.962 ? 34  PRO A CA  1 
ATOM   238  C C   . PRO A 1 36  ? -8.675  2.135   -10.458 1.000 20.761 ? 34  PRO A C   1 
ATOM   239  O O   . PRO A 1 36  ? -7.981  1.231   -10.925 1.000 21.157 ? 34  PRO A O   1 
ATOM   240  C CB  . PRO A 1 36  ? -11.132 1.510   -10.161 1.000 19.934 ? 34  PRO A CB  1 
ATOM   241  C CG  . PRO A 1 36  ? -11.184 0.140   -10.858 1.000 21.062 ? 34  PRO A CG  1 
ATOM   242  C CD  . PRO A 1 36  ? -10.756 0.373   -12.306 1.000 20.760 ? 34  PRO A CD  1 
ATOM   243  N N   . TYR A 1 37  ? -8.253  3.020   -9.559  1.000 20.222 ? 35  TYR A N   1 
ATOM   244  C CA  . TYR A 1 37  ? -6.935  2.973   -8.880  1.000 21.974 ? 35  TYR A CA  1 
ATOM   245  C C   . TYR A 1 37  ? -7.124  2.557   -7.422  1.000 20.706 ? 35  TYR A C   1 
ATOM   246  O O   . TYR A 1 37  ? -8.209  2.751   -6.864  1.000 20.475 ? 35  TYR A O   1 
ATOM   247  C CB  . TYR A 1 37  ? -6.225  4.325   -8.935  1.000 25.589 ? 35  TYR A CB  1 
ATOM   248  C CG  . TYR A 1 37  ? -5.748  4.749   -10.300 1.000 30.420 ? 35  TYR A CG  1 
ATOM   249  C CD1 . TYR A 1 37  ? -4.529  4.328   -10.817 1.000 35.972 ? 35  TYR A CD1 1 
ATOM   250  C CD2 . TYR A 1 37  ? -6.477  5.655   -11.037 1.000 35.490 ? 35  TYR A CD2 1 
ATOM   251  C CE1 . TYR A 1 37  ? -4.090  4.757   -12.063 1.000 40.416 ? 35  TYR A CE1 1 
ATOM   252  C CE2 . TYR A 1 37  ? -6.060  6.100   -12.282 1.000 38.376 ? 35  TYR A CE2 1 
ATOM   253  C CZ  . TYR A 1 37  ? -4.866  5.640   -12.798 1.000 41.217 ? 35  TYR A CZ  1 
ATOM   254  O OH  . TYR A 1 37  ? -4.463  6.096   -14.014 1.000 50.305 ? 35  TYR A OH  1 
ATOM   255  N N   . LEU A 1 38  ? -6.082  1.965   -6.851  1.000 19.290 ? 36  LEU A N   1 
ATOM   256  C CA  . LEU A 1 38  ? -5.841  1.860   -5.389  1.000 19.165 ? 36  LEU A CA  1 
ATOM   257  C C   . LEU A 1 38  ? -4.460  2.469   -5.130  1.000 18.089 ? 36  LEU A C   1 
ATOM   258  O O   . LEU A 1 38  ? -3.512  2.144   -5.879  1.000 18.138 ? 36  LEU A O   1 
ATOM   259  C CB  . LEU A 1 38  ? -5.903  0.381   -4.981  1.000 18.327 ? 36  LEU A CB  1 
ATOM   260  C CG  . LEU A 1 38  ? -5.291  0.060   -3.619  1.000 18.667 ? 36  LEU A CG  1 
ATOM   261  C CD1 . LEU A 1 38  ? -6.114  0.669   -2.505  1.000 19.818 ? 36  LEU A CD1 1 
ATOM   262  C CD2 . LEU A 1 38  ? -5.161  -1.435  -3.419  1.000 19.564 ? 36  LEU A CD2 1 
ATOM   263  N N   . GLN A 1 39  ? -4.340  3.302   -4.105  1.000 17.524 ? 37  GLN A N   1 
ATOM   264  C CA  . GLN A 1 39  ? -3.020  3.775   -3.627  1.000 17.607 ? 37  GLN A CA  1 
ATOM   265  C C   . GLN A 1 39  ? -2.901  3.519   -2.125  1.000 17.994 ? 37  GLN A C   1 
ATOM   266  O O   . GLN A 1 39  ? -3.867  3.805   -1.383  1.000 18.893 ? 37  GLN A O   1 
ATOM   267  C CB  . GLN A 1 39  ? -2.834  5.241   -3.978  1.000 16.952 ? 37  GLN A CB  1 
ATOM   268  C CG  . GLN A 1 39  ? -1.426  5.760   -3.761  1.000 16.064 ? 37  GLN A CG  1 
ATOM   269  C CD  . GLN A 1 39  ? -1.166  7.006   -4.575  1.000 16.174 ? 37  GLN A CD  1 
ATOM   270  O OE1 . GLN A 1 39  ? -1.596  7.121   -5.733  1.000 16.916 ? 37  GLN A OE1 1 
ATOM   271  N NE2 . GLN A 1 39  ? -0.434  7.944   -3.989  1.000 14.103 ? 37  GLN A NE2 1 
ATOM   272  N N   . VAL A 1 40  ? -1.746  3.000   -1.713  1.000 17.660 ? 38  VAL A N   1 
ATOM   273  C CA  . VAL A 1 40  ? -1.314  2.889   -0.295  1.000 17.612 ? 38  VAL A CA  1 
ATOM   274  C C   . VAL A 1 40  ? 0.025   3.632   -0.167  1.000 17.910 ? 38  VAL A C   1 
ATOM   275  O O   . VAL A 1 40  ? 0.958   3.276   -0.920  1.000 17.885 ? 38  VAL A O   1 
ATOM   276  C CB  . VAL A 1 40  ? -1.206  1.411   0.118   1.000 17.395 ? 38  VAL A CB  1 
ATOM   277  C CG1 . VAL A 1 40  ? -0.741  1.279   1.557   1.000 18.348 ? 38  VAL A CG1 1 
ATOM   278  C CG2 . VAL A 1 40  ? -2.525  0.650   -0.082  1.000 18.184 ? 38  VAL A CG2 1 
ATOM   279  N N   . ASP A 1 41  ? 0.093   4.630   0.720   1.000 17.362 ? 39  ASP A N   1 
ATOM   280  C CA  . ASP A 1 41  ? 1.306   5.451   0.973   1.000 17.994 ? 39  ASP A CA  1 
ATOM   281  C C   . ASP A 1 41  ? 1.742   5.332   2.434   1.000 18.036 ? 39  ASP A C   1 
ATOM   282  O O   . ASP A 1 41  ? 0.915   5.606   3.342   1.000 18.629 ? 39  ASP A O   1 
ATOM   283  C CB  . ASP A 1 41  ? 1.095   6.908   0.574   1.000 18.509 ? 39  ASP A CB  1 
ATOM   284  C CG  . ASP A 1 41  ? 0.754   7.074   -0.888  1.000 18.876 ? 39  ASP A CG  1 
ATOM   285  O OD1 . ASP A 1 41  ? 1.464   6.467   -1.723  1.000 20.391 ? 39  ASP A OD1 1 
ATOM   286  O OD2 . ASP A 1 41  ? -0.216  7.813   -1.186  1.000 18.562 ? 39  ASP A OD2 1 
ATOM   287  N N   . PHE A 1 42  ? 3.005   4.960   2.649   1.000 17.809 ? 40  PHE A N   1 
ATOM   288  C CA  . PHE A 1 42  ? 3.664   4.992   3.980   1.000 17.900 ? 40  PHE A CA  1 
ATOM   289  C C   . PHE A 1 42  ? 4.392   6.329   4.121   1.000 18.540 ? 40  PHE A C   1 
ATOM   290  O O   . PHE A 1 42  ? 5.449   6.513   3.459   1.000 18.437 ? 40  PHE A O   1 
ATOM   291  C CB  . PHE A 1 42  ? 4.603   3.798   4.151   1.000 19.162 ? 40  PHE A CB  1 
ATOM   292  C CG  . PHE A 1 42  ? 3.978   2.413   4.144   1.000 18.771 ? 40  PHE A CG  1 
ATOM   293  C CD1 . PHE A 1 42  ? 2.605   2.201   4.103   1.000 19.268 ? 40  PHE A CD1 1 
ATOM   294  C CD2 . PHE A 1 42  ? 4.795   1.299   4.233   1.000 18.482 ? 40  PHE A CD2 1 
ATOM   295  C CE1 . PHE A 1 42  ? 2.078   0.913   4.120   1.000 19.269 ? 40  PHE A CE1 1 
ATOM   296  C CE2 . PHE A 1 42  ? 4.269   0.012   4.269   1.000 18.555 ? 40  PHE A CE2 1 
ATOM   297  C CZ  . PHE A 1 42  ? 2.913   -0.180  4.177   1.000 18.647 ? 40  PHE A CZ  1 
ATOM   298  N N   . HIS A 1 43  ? 3.838   7.223   4.951   1.000 18.617 ? 41  HIS A N   1 
ATOM   299  C CA  . HIS A 1 43  ? 4.300   8.623   5.143   1.000 19.259 ? 41  HIS A CA  1 
ATOM   300  C C   . HIS A 1 43  ? 5.234   8.757   6.354   1.000 20.603 ? 41  HIS A C   1 
ATOM   301  O O   . HIS A 1 43  ? 5.076   7.969   7.314   1.000 21.326 ? 41  HIS A O   1 
ATOM   302  C CB  . HIS A 1 43  ? 3.111   9.573   5.318   1.000 19.678 ? 41  HIS A CB  1 
ATOM   303  C CG  . HIS A 1 43  ? 2.409   9.923   4.049   1.000 18.803 ? 41  HIS A CG  1 
ATOM   304  N ND1 . HIS A 1 43  ? 2.766   11.016  3.290   1.000 18.371 ? 41  HIS A ND1 1 
ATOM   305  C CD2 . HIS A 1 43  ? 1.364   9.333   3.424   1.000 18.623 ? 41  HIS A CD2 1 
ATOM   306  C CE1 . HIS A 1 43  ? 1.961   11.086  2.248   1.000 19.540 ? 41  HIS A CE1 1 
ATOM   307  N NE2 . HIS A 1 43  ? 1.097   10.063  2.303   1.000 18.455 ? 41  HIS A NE2 1 
ATOM   308  N N   . THR A 1 44  ? 6.138   9.745   6.307   1.000 19.521 ? 42  THR A N   1 
ATOM   309  C CA  . THR A 1 44  ? 7.080   10.120  7.400   1.000 20.803 ? 42  THR A CA  1 
ATOM   310  C C   . THR A 1 44  ? 6.409   11.022  8.458   1.000 21.644 ? 42  THR A C   1 
ATOM   311  O O   . THR A 1 44  ? 6.971   11.113  9.562   1.000 22.002 ? 42  THR A O   1 
ATOM   312  C CB  . THR A 1 44  ? 8.339   10.778  6.834   1.000 20.177 ? 42  THR A CB  1 
ATOM   313  O OG1 . THR A 1 44  ? 7.963   11.999  6.192   1.000 20.138 ? 42  THR A OG1 1 
ATOM   314  C CG2 . THR A 1 44  ? 9.071   9.877   5.864   1.000 20.100 ? 42  THR A CG2 1 
ATOM   315  N N   . GLU A 1 45  ? 5.259   11.641  8.165   1.000 22.865 ? 43  GLU A N   1 
ATOM   316  C CA  . GLU A 1 45  ? 4.485   12.481  9.126   1.000 24.200 ? 43  GLU A CA  1 
ATOM   317  C C   . GLU A 1 45  ? 2.994   12.222  8.936   1.000 24.687 ? 43  GLU A C   1 
ATOM   318  O O   . GLU A 1 45  ? 2.639   11.624  7.898   1.000 24.782 ? 43  GLU A O   1 
ATOM   319  C CB  . GLU A 1 45  ? 4.740   13.981  8.958   1.000 25.841 ? 43  GLU A CB  1 
ATOM   320  C CG  . GLU A 1 45  ? 6.203   14.385  9.065   1.000 29.233 ? 43  GLU A CG  1 
ATOM   321  C CD  . GLU A 1 45  ? 6.871   14.088  10.402  1.000 33.270 ? 43  GLU A CD  1 
ATOM   322  O OE1 . GLU A 1 45  ? 6.162   13.992  11.418  1.000 35.009 ? 43  GLU A OE1 1 
ATOM   323  O OE2 . GLU A 1 45  ? 8.116   13.963  10.433  1.000 35.748 ? 43  GLU A OE2 1 
ATOM   324  N N   . MET A 1 46  ? 2.170   12.680  9.891   1.000 25.050 ? 44  MET A N   1 
ATOM   325  C CA  . MET A 1 46  ? 0.682   12.672  9.801   1.000 28.438 ? 44  MET A CA  1 
ATOM   326  C C   . MET A 1 46  ? 0.205   13.535  8.626   1.000 28.931 ? 44  MET A C   1 
ATOM   327  O O   . MET A 1 46  ? -0.824  13.197  8.049   1.000 30.772 ? 44  MET A O   1 
ATOM   328  C CB  . MET A 1 46  ? 0.027   13.163  11.098  1.000 28.493 ? 44  MET A CB  1 
ATOM   329  C CG  . MET A 1 46  ? 0.112   12.151  12.231  1.000 29.944 ? 44  MET A CG  1 
ATOM   330  S SD  . MET A 1 46  ? -0.523  10.481  11.808  1.000 33.516 ? 44  MET A SD  1 
ATOM   331  C CE  . MET A 1 46  ? -2.177  10.857  11.249  1.000 31.277 ? 44  MET A CE  1 
ATOM   332  N N   . LYS A 1 47  ? 0.930   14.589  8.257   1.000 29.750 ? 45  LYS A N   1 
ATOM   333  C CA  . LYS A 1 47  ? 0.569   15.458  7.108   1.000 31.265 ? 45  LYS A CA  1 
ATOM   334  C C   . LYS A 1 47  ? 0.653   14.653  5.802   1.000 28.696 ? 45  LYS A C   1 
ATOM   335  O O   . LYS A 1 47  ? 1.651   13.936  5.596   1.000 25.119 ? 45  LYS A O   1 
ATOM   336  C CB  . LYS A 1 47  ? 1.510   16.659  7.047   1.000 35.851 ? 45  LYS A CB  1 
ATOM   337  C CG  . LYS A 1 47  ? 1.197   17.773  8.033   1.000 42.170 ? 45  LYS A CG  1 
ATOM   338  C CD  . LYS A 1 47  ? 2.411   18.596  8.438   1.000 48.229 ? 45  LYS A CD  1 
ATOM   339  C CE  . LYS A 1 47  ? 3.469   18.708  7.356   1.000 52.540 ? 45  LYS A CE  1 
ATOM   340  N NZ  . LYS A 1 47  ? 4.371   19.856  7.601   1.000 57.563 ? 45  LYS A NZ  1 
ATOM   341  N N   . GLU A 1 48  ? -0.338  14.803  4.922   1.000 26.804 ? 46  GLU A N   1 
ATOM   342  C CA  . GLU A 1 48  ? -0.407  14.040  3.646   1.000 26.959 ? 46  GLU A CA  1 
ATOM   343  C C   . GLU A 1 48  ? 0.597   14.611  2.628   1.000 24.860 ? 46  GLU A C   1 
ATOM   344  O O   . GLU A 1 48  ? 0.936   13.873  1.697   1.000 22.687 ? 46  GLU A O   1 
ATOM   345  C CB  . GLU A 1 48  ? -1.841  13.979  3.108   1.000 29.439 ? 46  GLU A CB  1 
ATOM   346  C CG  . GLU A 1 48  ? -2.566  15.301  3.120   1.000 32.788 ? 46  GLU A CG  1 
ATOM   347  C CD  . GLU A 1 48  ? -3.900  15.272  2.405   1.000 35.256 ? 46  GLU A CD  1 
ATOM   348  O OE1 . GLU A 1 48  ? -4.074  16.110  1.497   1.000 35.827 ? 46  GLU A OE1 1 
ATOM   349  O OE2 . GLU A 1 48  ? -4.750  14.406  2.769   1.000 35.402 ? 46  GLU A OE2 1 
ATOM   350  N N   . GLU A 1 49  ? 1.093   15.844  2.809   1.000 23.275 ? 47  GLU A N   1 
ATOM   351  C CA  . GLU A 1 49  ? 2.161   16.439  1.947   1.000 25.291 ? 47  GLU A CA  1 
ATOM   352  C C   . GLU A 1 49  ? 3.555   15.912  2.343   1.000 23.237 ? 47  GLU A C   1 
ATOM   353  O O   . GLU A 1 49  ? 4.527   16.193  1.609   1.000 23.054 ? 47  GLU A O   1 
ATOM   354  C CB  . GLU A 1 49  ? 2.117   17.975  1.970   1.000 27.710 ? 47  GLU A CB  1 
ATOM   355  C CG  . GLU A 1 49  ? 2.386   18.599  3.327   1.000 30.921 ? 47  GLU A CG  1 
ATOM   356  C CD  . GLU A 1 49  ? 1.155   18.943  4.161   1.000 33.424 ? 47  GLU A CD  1 
ATOM   357  O OE1 . GLU A 1 49  ? 1.240   19.910  4.961   1.000 40.010 ? 47  GLU A OE1 1 
ATOM   358  O OE2 . GLU A 1 49  ? 0.125   18.247  4.026   1.000 29.979 ? 47  GLU A OE2 1 
ATOM   359  N N   . SER A 1 50  ? 3.668   15.146  3.431   1.000 21.869 ? 48  SER A N   1 
ATOM   360  C CA  . SER A 1 50  ? 4.946   14.615  3.959   1.000 22.002 ? 48  SER A CA  1 
ATOM   361  C C   . SER A 1 50  ? 5.503   13.560  2.992   1.000 21.808 ? 48  SER A C   1 
ATOM   362  O O   . SER A 1 50  ? 4.763   13.070  2.113   1.000 19.376 ? 48  SER A O   1 
ATOM   363  C CB  . SER A 1 50  ? 4.788   14.053  5.349   1.000 22.040 ? 48  SER A CB  1 
ATOM   364  O OG  . SER A 1 50  ? 4.004   12.866  5.338   1.000 22.825 ? 48  SER A OG  1 
ATOM   365  N N   . ASP A 1 51  ? 6.771   13.237  3.177   1.000 20.163 ? 49  ASP A N   1 
ATOM   366  C CA  . ASP A 1 51  ? 7.518   12.296  2.310   1.000 21.449 ? 49  ASP A CA  1 
ATOM   367  C C   . ASP A 1 51  ? 6.893   10.897  2.424   1.000 20.837 ? 49  ASP A C   1 
ATOM   368  O O   . ASP A 1 51  ? 6.179   10.616  3.429   1.000 19.001 ? 49  ASP A O   1 
ATOM   369  C CB  . ASP A 1 51  ? 8.992   12.273  2.702   1.000 21.726 ? 49  ASP A CB  1 
ATOM   370  C CG  . ASP A 1 51  ? 9.758   13.523  2.310   1.000 22.858 ? 49  ASP A CG  1 
ATOM   371  O OD1 . ASP A 1 51  ? 9.240   14.344  1.519   1.000 20.171 ? 49  ASP A OD1 1 
ATOM   372  O OD2 . ASP A 1 51  ? 10.888  13.637  2.781   1.000 26.006 ? 49  ASP A OD2 1 
ATOM   373  N N   . ILE A 1 52  ? 7.174   10.071  1.420   1.000 18.863 ? 50  ILE A N   1 
ATOM   374  C CA  . ILE A 1 52  ? 6.586   8.716   1.244   1.000 18.892 ? 50  ILE A CA  1 
ATOM   375  C C   . ILE A 1 52  ? 7.754   7.741   1.121   1.000 18.421 ? 50  ILE A C   1 
ATOM   376  O O   . ILE A 1 52  ? 8.472   7.795   0.130   1.000 19.483 ? 50  ILE A O   1 
ATOM   377  C CB  . ILE A 1 52  ? 5.614   8.668   0.045   1.000 18.942 ? 50  ILE A CB  1 
ATOM   378  C CG1 . ILE A 1 52  ? 4.469   9.679   0.209   1.000 18.542 ? 50  ILE A CG1 1 
ATOM   379  C CG2 . ILE A 1 52  ? 5.086   7.250   -0.149  1.000 18.911 ? 50  ILE A CG2 1 
ATOM   380  C CD1 . ILE A 1 52  ? 3.546   9.801   -0.988  1.000 17.679 ? 50  ILE A CD1 1 
ATOM   381  N N   . VAL A 1 53  ? 7.936   6.929   2.154   1.000 18.642 ? 51  VAL A N   1 
ATOM   382  C CA  . VAL A 1 53  ? 8.907   5.806   2.250   1.000 18.955 ? 51  VAL A CA  1 
ATOM   383  C C   . VAL A 1 53  ? 8.529   4.741   1.211   1.000 18.469 ? 51  VAL A C   1 
ATOM   384  O O   . VAL A 1 53  ? 9.433   4.212   0.544   1.000 19.118 ? 51  VAL A O   1 
ATOM   385  C CB  . VAL A 1 53  ? 8.904   5.255   3.695   1.000 20.243 ? 51  VAL A CB  1 
ATOM   386  C CG1 . VAL A 1 53  ? 9.706   3.970   3.860   1.000 20.902 ? 51  VAL A CG1 1 
ATOM   387  C CG2 . VAL A 1 53  ? 9.371   6.324   4.680   1.000 20.483 ? 51  VAL A CG2 1 
ATOM   388  N N   . PHE A 1 54  ? 7.237   4.430   1.093   1.000 17.413 ? 52  PHE A N   1 
ATOM   389  C CA  . PHE A 1 54  ? 6.709   3.382   0.186   1.000 17.339 ? 52  PHE A CA  1 
ATOM   390  C C   . PHE A 1 54  ? 5.372   3.850   -0.384  1.000 17.916 ? 52  PHE A C   1 
ATOM   391  O O   . PHE A 1 54  ? 4.410   4.007   0.384   1.000 17.362 ? 52  PHE A O   1 
ATOM   392  C CB  . PHE A 1 54  ? 6.537   2.047   0.911   1.000 18.460 ? 52  PHE A CB  1 
ATOM   393  C CG  . PHE A 1 54  ? 6.102   0.899   0.025   1.000 18.829 ? 52  PHE A CG  1 
ATOM   394  C CD1 . PHE A 1 54  ? 6.712   0.670   -1.195  1.000 18.424 ? 52  PHE A CD1 1 
ATOM   395  C CD2 . PHE A 1 54  ? 5.065   0.066   0.399   1.000 19.093 ? 52  PHE A CD2 1 
ATOM   396  C CE1 . PHE A 1 54  ? 6.306   -0.371  -2.010  1.000 18.499 ? 52  PHE A CE1 1 
ATOM   397  C CE2 . PHE A 1 54  ? 4.689   -1.005  -0.397  1.000 20.126 ? 52  PHE A CE2 1 
ATOM   398  C CZ  . PHE A 1 54  ? 5.319   -1.229  -1.597  1.000 19.368 ? 52  PHE A CZ  1 
ATOM   399  N N   . HIS A 1 55  ? 5.348   4.037   -1.701  1.000 16.850 ? 53  HIS A N   1 
ATOM   400  C CA  . HIS A 1 55  ? 4.176   4.383   -2.543  1.000 16.771 ? 53  HIS A CA  1 
ATOM   401  C C   . HIS A 1 55  ? 3.810   3.154   -3.381  1.000 17.132 ? 53  HIS A C   1 
ATOM   402  O O   . HIS A 1 55  ? 4.691   2.658   -4.120  1.000 16.568 ? 53  HIS A O   1 
ATOM   403  C CB  . HIS A 1 55  ? 4.522   5.606   -3.384  1.000 18.162 ? 53  HIS A CB  1 
ATOM   404  C CG  . HIS A 1 55  ? 3.674   5.830   -4.583  1.000 18.116 ? 53  HIS A CG  1 
ATOM   405  N ND1 . HIS A 1 55  ? 2.406   6.356   -4.482  1.000 18.958 ? 53  HIS A ND1 1 
ATOM   406  C CD2 . HIS A 1 55  ? 3.952   5.722   -5.901  1.000 18.868 ? 53  HIS A CD2 1 
ATOM   407  C CE1 . HIS A 1 55  ? 1.910   6.507   -5.699  1.000 20.832 ? 53  HIS A CE1 1 
ATOM   408  N NE2 . HIS A 1 55  ? 2.837   6.132   -6.586  1.000 19.573 ? 53  HIS A NE2 1 
ATOM   409  N N   . PHE A 1 56  ? 2.585   2.655   -3.224  1.000 17.655 ? 54  PHE A N   1 
ATOM   410  C CA  . PHE A 1 56  ? 2.045   1.469   -3.944  1.000 17.838 ? 54  PHE A CA  1 
ATOM   411  C C   . PHE A 1 56  ? 0.757   1.885   -4.665  1.000 18.634 ? 54  PHE A C   1 
ATOM   412  O O   . PHE A 1 56  ? -0.259  2.221   -3.980  1.000 17.636 ? 54  PHE A O   1 
ATOM   413  C CB  . PHE A 1 56  ? 1.849   0.322   -2.955  1.000 17.458 ? 54  PHE A CB  1 
ATOM   414  C CG  . PHE A 1 56  ? 1.263   -0.935  -3.545  1.000 18.417 ? 54  PHE A CG  1 
ATOM   415  C CD1 . PHE A 1 56  ? 2.058   -1.826  -4.250  1.000 19.359 ? 54  PHE A CD1 1 
ATOM   416  C CD2 . PHE A 1 56  ? -0.081  -1.237  -3.392  1.000 18.216 ? 54  PHE A CD2 1 
ATOM   417  C CE1 . PHE A 1 56  ? 1.524   -2.994  -4.789  1.000 18.631 ? 54  PHE A CE1 1 
ATOM   418  C CE2 . PHE A 1 56  ? -0.619  -2.400  -3.933  1.000 19.521 ? 54  PHE A CE2 1 
ATOM   419  C CZ  . PHE A 1 56  ? 0.187   -3.279  -4.645  1.000 19.068 ? 54  PHE A CZ  1 
ATOM   420  N N   . GLN A 1 57  ? 0.783   1.894   -5.998  1.000 17.308 ? 55  GLN A N   1 
ATOM   421  C CA  . GLN A 1 57  ? -0.367  2.383   -6.800  1.000 19.416 ? 55  GLN A CA  1 
ATOM   422  C C   . GLN A 1 57  ? -0.768  1.317   -7.823  1.000 19.465 ? 55  GLN A C   1 
ATOM   423  O O   . GLN A 1 57  ? 0.070   0.947   -8.651  1.000 18.465 ? 55  GLN A O   1 
ATOM   424  C CB  . GLN A 1 57  ? -0.037  3.723   -7.435  1.000 21.626 ? 55  GLN A CB  1 
ATOM   425  C CG  . GLN A 1 57  ? -1.240  4.379   -8.080  1.000 24.104 ? 55  GLN A CG  1 
ATOM   426  C CD  . GLN A 1 57  ? -0.753  5.434   -9.025  1.000 26.098 ? 55  GLN A CD  1 
ATOM   427  O OE1 . GLN A 1 57  ? -0.652  5.197   -10.220 1.000 34.025 ? 55  GLN A OE1 1 
ATOM   428  N NE2 . GLN A 1 57  ? -0.379  6.576   -8.487  1.000 28.341 ? 55  GLN A NE2 1 
ATOM   429  N N   . VAL A 1 58  ? -1.991  0.807   -7.699  1.000 20.038 ? 56  VAL A N   1 
ATOM   430  C CA  . VAL A 1 58  ? -2.604  -0.195  -8.621  1.000 21.190 ? 56  VAL A CA  1 
ATOM   431  C C   . VAL A 1 58  ? -3.489  0.574   -9.589  1.000 21.044 ? 56  VAL A C   1 
ATOM   432  O O   . VAL A 1 58  ? -4.356  1.316   -9.120  1.000 20.793 ? 56  VAL A O   1 
ATOM   433  C CB  . VAL A 1 58  ? -3.427  -1.254  -7.865  1.000 20.915 ? 56  VAL A CB  1 
ATOM   434  C CG1 . VAL A 1 58  ? -3.928  -2.364  -8.781  1.000 20.740 ? 56  VAL A CG1 1 
ATOM   435  C CG2 . VAL A 1 58  ? -2.644  -1.830  -6.703  1.000 21.554 ? 56  VAL A CG2 1 
ATOM   436  N N   . CYS A 1 59  ? -3.238  0.432   -10.881 1.000 21.339 ? 57  CYS A N   1 
ATOM   437  C CA  . CYS A 1 59  ? -4.238  0.655   -11.944 1.000 22.542 ? 57  CYS A CA  1 
ATOM   438  C C   . CYS A 1 59  ? -4.874  -0.701  -12.278 1.000 21.979 ? 57  CYS A C   1 
ATOM   439  O O   . CYS A 1 59  ? -4.267  -1.469  -13.035 1.000 21.829 ? 57  CYS A O   1 
ATOM   440  C CB  . CYS A 1 59  ? -3.588  1.309   -13.150 1.000 26.437 ? 57  CYS A CB  1 
ATOM   441  S SG  . CYS A 1 59  ? -4.787  1.777   -14.419 1.000 31.570 ? 57  CYS A SG  1 
ATOM   442  N N   . PHE A 1 60  ? -6.037  -0.989  -11.696 1.000 21.217 ? 58  PHE A N   1 
ATOM   443  C CA  . PHE A 1 60  ? -6.679  -2.326  -11.735 1.000 22.536 ? 58  PHE A CA  1 
ATOM   444  C C   . PHE A 1 60  ? -6.826  -2.750  -13.200 1.000 23.625 ? 58  PHE A C   1 
ATOM   445  O O   . PHE A 1 60  ? -7.308  -1.937  -14.022 1.000 22.233 ? 58  PHE A O   1 
ATOM   446  C CB  . PHE A 1 60  ? -8.021  -2.335  -11.002 1.000 21.501 ? 58  PHE A CB  1 
ATOM   447  C CG  . PHE A 1 60  ? -7.933  -2.314  -9.498  1.000 21.669 ? 58  PHE A CG  1 
ATOM   448  C CD1 . PHE A 1 60  ? -7.597  -3.455  -8.789  1.000 20.316 ? 58  PHE A CD1 1 
ATOM   449  C CD2 . PHE A 1 60  ? -8.201  -1.149  -8.784  1.000 22.694 ? 58  PHE A CD2 1 
ATOM   450  C CE1 . PHE A 1 60  ? -7.521  -3.432  -7.406  1.000 20.892 ? 58  PHE A CE1 1 
ATOM   451  C CE2 . PHE A 1 60  ? -8.138  -1.125  -7.398  1.000 21.460 ? 58  PHE A CE2 1 
ATOM   452  C CZ  . PHE A 1 60  ? -7.784  -2.267  -6.712  1.000 22.271 ? 58  PHE A CZ  1 
ATOM   453  N N   . GLY A 1 61  ? -6.352  -3.960  -13.509 1.000 24.799 ? 59  GLY A N   1 
ATOM   454  C CA  . GLY A 1 61  ? -6.420  -4.564  -14.849 1.000 25.834 ? 59  GLY A CA  1 
ATOM   455  C C   . GLY A 1 61  ? -5.228  -4.219  -15.724 1.000 27.090 ? 59  GLY A C   1 
ATOM   456  O O   . GLY A 1 61  ? -5.134  -4.838  -16.788 1.000 25.833 ? 59  GLY A O   1 
ATOM   457  N N   . ARG A 1 62  ? -4.364  -3.270  -15.335 1.000 26.496 ? 60  ARG A N   1 
ATOM   458  C CA  . ARG A 1 62  ? -3.315  -2.692  -16.226 1.000 28.673 ? 60  ARG A CA  1 
ATOM   459  C C   . ARG A 1 62  ? -1.930  -2.942  -15.613 1.000 27.458 ? 60  ARG A C   1 
ATOM   460  O O   . ARG A 1 62  ? -1.150  -3.728  -16.186 1.000 27.694 ? 60  ARG A O   1 
ATOM   461  C CB  . ARG A 1 62  ? -3.594  -1.205  -16.455 1.000 33.449 ? 60  ARG A CB  1 
ATOM   462  C CG  . ARG A 1 62  ? -2.764  -0.568  -17.561 1.000 40.187 ? 60  ARG A CG  1 
ATOM   463  C CD  . ARG A 1 62  ? -3.381  0.753   -17.994 1.000 46.279 ? 60  ARG A CD  1 
ATOM   464  N NE  . ARG A 1 62  ? -2.662  1.481   -19.030 1.000 53.491 ? 60  ARG A NE  1 
ATOM   465  C CZ  . ARG A 1 62  ? -2.657  1.184   -20.334 1.000 59.144 ? 60  ARG A CZ  1 
ATOM   466  N NH1 . ARG A 1 62  ? -3.303  0.122   -20.794 1.000 63.372 ? 60  ARG A NH1 1 
ATOM   467  N NH2 . ARG A 1 62  ? -1.976  1.943   -21.181 1.000 58.287 ? 60  ARG A NH2 1 
ATOM   468  N N   . ARG A 1 63  ? -1.609  -2.314  -14.480 1.000 26.669 ? 61  ARG A N   1 
ATOM   469  C CA  . ARG A 1 63  ? -0.223  -2.332  -13.949 1.000 25.886 ? 61  ARG A CA  1 
ATOM   470  C C   . ARG A 1 63  ? -0.173  -1.852  -12.496 1.000 25.026 ? 61  ARG A C   1 
ATOM   471  O O   . ARG A 1 63  ? -1.217  -1.359  -11.978 1.000 21.761 ? 61  ARG A O   1 
ATOM   472  C CB  . ARG A 1 63  ? 0.669   -1.451  -14.822 1.000 30.151 ? 61  ARG A CB  1 
ATOM   473  C CG  . ARG A 1 63  ? 0.296   0.021   -14.780 1.000 33.573 ? 61  ARG A CG  1 
ATOM   474  C CD  . ARG A 1 63  ? 1.307   0.896   -15.476 1.000 37.039 ? 61  ARG A CD  1 
ATOM   475  N NE  . ARG A 1 63  ? 1.130   2.284   -15.063 1.000 41.155 ? 61  ARG A NE  1 
ATOM   476  C CZ  . ARG A 1 63  ? 1.999   3.267   -15.309 1.000 45.070 ? 61  ARG A CZ  1 
ATOM   477  N NH1 . ARG A 1 63  ? 3.122   3.029   -15.969 1.000 43.106 ? 61  ARG A NH1 1 
ATOM   478  N NH2 . ARG A 1 63  ? 1.741   4.493   -14.884 1.000 49.106 ? 61  ARG A NH2 1 
ATOM   479  N N   . VAL A 1 64  ? 1.023   -1.959  -11.901 1.000 22.261 ? 62  VAL A N   1 
ATOM   480  C CA  . VAL A 1 64  ? 1.370   -1.465  -10.542 1.000 22.038 ? 62  VAL A CA  1 
ATOM   481  C C   . VAL A 1 64  ? 2.656   -0.651  -10.662 1.000 22.302 ? 62  VAL A C   1 
ATOM   482  O O   . VAL A 1 64  ? 3.556   -1.062  -11.424 1.000 21.744 ? 62  VAL A O   1 
ATOM   483  C CB  . VAL A 1 64  ? 1.513   -2.630  -9.546  1.000 23.280 ? 62  VAL A CB  1 
ATOM   484  C CG1 . VAL A 1 64  ? 2.095   -2.176  -8.223  1.000 25.651 ? 62  VAL A CG1 1 
ATOM   485  C CG2 . VAL A 1 64  ? 0.186   -3.329  -9.322  1.000 24.419 ? 62  VAL A CG2 1 
ATOM   486  N N   . VAL A 1 65  ? 2.707   0.497   -9.999  1.000 21.569 ? 63  VAL A N   1 
ATOM   487  C CA  . VAL A 1 65  ? 3.948   1.312   -9.875  1.000 21.797 ? 63  VAL A CA  1 
ATOM   488  C C   . VAL A 1 65  ? 4.237   1.453   -8.389  1.000 20.850 ? 63  VAL A C   1 
ATOM   489  O O   . VAL A 1 65  ? 3.264   1.589   -7.589  1.000 19.845 ? 63  VAL A O   1 
ATOM   490  C CB  . VAL A 1 65  ? 3.852   2.683   -10.563 1.000 22.409 ? 63  VAL A CB  1 
ATOM   491  C CG1 . VAL A 1 65  ? 3.646   2.517   -12.061 1.000 25.000 ? 63  VAL A CG1 1 
ATOM   492  C CG2 . VAL A 1 65  ? 2.764   3.564   -9.972  1.000 23.529 ? 63  VAL A CG2 1 
ATOM   493  N N   . MET A 1 66  ? 5.515   1.387   -8.051  1.000 19.461 ? 64  MET A N   1 
ATOM   494  C CA  . MET A 1 66  ? 6.020   1.673   -6.691  1.000 20.172 ? 64  MET A CA  1 
ATOM   495  C C   . MET A 1 66  ? 7.135   2.723   -6.800  1.000 20.081 ? 64  MET A C   1 
ATOM   496  O O   . MET A 1 66  ? 7.805   2.801   -7.839  1.000 19.327 ? 64  MET A O   1 
ATOM   497  C CB  . MET A 1 66  ? 6.509   0.389   -6.021  1.000 19.900 ? 64  MET A CB  1 
ATOM   498  C CG  . MET A 1 66  ? 5.377   -0.612  -5.757  1.000 20.055 ? 64  MET A CG  1 
ATOM   499  S SD  . MET A 1 66  ? 5.960   -2.278  -5.383  1.000 22.440 ? 64  MET A SD  1 
ATOM   500  C CE  . MET A 1 66  ? 6.337   -2.912  -7.021  1.000 22.357 ? 64  MET A CE  1 
ATOM   501  N N   . ASN A 1 67  ? 7.257   3.552   -5.776  1.000 20.303 ? 65  ASN A N   1 
ATOM   502  C CA  . ASN A 1 67  ? 8.230   4.666   -5.723  1.000 19.441 ? 65  ASN A CA  1 
ATOM   503  C C   . ASN A 1 67  ? 8.362   5.108   -4.267  1.000 19.326 ? 65  ASN A C   1 
ATOM   504  O O   . ASN A 1 67  ? 7.653   4.565   -3.390  1.000 16.990 ? 65  ASN A O   1 
ATOM   505  C CB  . ASN A 1 67  ? 7.817   5.818   -6.649  1.000 19.761 ? 65  ASN A CB  1 
ATOM   506  C CG  . ASN A 1 67  ? 9.002   6.563   -7.249  1.000 19.952 ? 65  ASN A CG  1 
ATOM   507  O OD1 . ASN A 1 67  ? 10.112  6.540   -6.701  1.000 21.392 ? 65  ASN A OD1 1 
ATOM   508  N ND2 . ASN A 1 67  ? 8.780   7.191   -8.393  1.000 17.559 ? 65  ASN A ND2 1 
ATOM   509  N N   . SER A 1 68  ? 9.261   6.054   -4.041  1.000 19.527 ? 66  SER A N   1 
ATOM   510  C CA  . SER A 1 68  ? 9.394   6.856   -2.804  1.000 18.428 ? 66  SER A CA  1 
ATOM   511  C C   . SER A 1 68  ? 9.336   8.328   -3.208  1.000 18.514 ? 66  SER A C   1 
ATOM   512  O O   . SER A 1 68  ? 9.675   8.616   -4.364  1.000 18.134 ? 66  SER A O   1 
ATOM   513  C CB  . SER A 1 68  ? 10.661  6.513   -2.092  1.000 18.257 ? 66  SER A CB  1 
ATOM   514  O OG  . SER A 1 68  ? 11.779  6.590   -2.971  1.000 17.343 ? 66  SER A OG  1 
ATOM   515  N N   . ARG A 1 69  ? 8.848   9.192   -2.309  1.000 19.056 ? 67  ARG A N   1 
ATOM   516  C CA  . ARG A 1 69  ? 8.918   10.676  -2.430  1.000 19.828 ? 67  ARG A CA  1 
ATOM   517  C C   . ARG A 1 69  ? 9.792   11.186  -1.290  1.000 20.246 ? 67  ARG A C   1 
ATOM   518  O O   . ARG A 1 69  ? 9.369   11.076  -0.114  1.000 21.591 ? 67  ARG A O   1 
ATOM   519  C CB  . ARG A 1 69  ? 7.534   11.336  -2.375  1.000 20.629 ? 67  ARG A CB  1 
ATOM   520  C CG  . ARG A 1 69  ? 7.548   12.827  -2.682  1.000 20.844 ? 67  ARG A CG  1 
ATOM   521  C CD  . ARG A 1 69  ? 6.152   13.363  -2.909  1.000 20.324 ? 67  ARG A CD  1 
ATOM   522  N NE  . ARG A 1 69  ? 5.412   13.430  -1.664  1.000 21.614 ? 67  ARG A NE  1 
ATOM   523  C CZ  . ARG A 1 69  ? 4.085   13.440  -1.557  1.000 21.610 ? 67  ARG A CZ  1 
ATOM   524  N NH1 . ARG A 1 69  ? 3.330   13.387  -2.643  1.000 23.076 ? 67  ARG A NH1 1 
ATOM   525  N NH2 . ARG A 1 69  ? 3.511   13.511  -0.368  1.000 20.214 ? 67  ARG A NH2 1 
ATOM   526  N N   . GLU A 1 70  ? 10.966  11.710  -1.638  1.000 21.037 ? 68  GLU A N   1 
ATOM   527  C CA  . GLU A 1 70  ? 12.049  12.056  -0.691  1.000 20.635 ? 68  GLU A CA  1 
ATOM   528  C C   . GLU A 1 70  ? 12.335  13.560  -0.835  1.000 20.904 ? 68  GLU A C   1 
ATOM   529  O O   . GLU A 1 70  ? 12.615  14.024  -1.970  1.000 20.708 ? 68  GLU A O   1 
ATOM   530  C CB  . GLU A 1 70  ? 13.248  11.130  -0.934  1.000 22.311 ? 68  GLU A CB  1 
ATOM   531  C CG  . GLU A 1 70  ? 12.905  9.641   -0.917  1.000 22.946 ? 68  GLU A CG  1 
ATOM   532  C CD  . GLU A 1 70  ? 14.068  8.687   -1.172  1.000 23.551 ? 68  GLU A CD  1 
ATOM   533  O OE1 . GLU A 1 70  ? 15.196  9.118   -1.040  1.000 25.883 ? 68  GLU A OE1 1 
ATOM   534  O OE2 . GLU A 1 70  ? 13.841  7.506   -1.512  1.000 26.142 ? 68  GLU A OE2 1 
ATOM   535  N N   . TYR A 1 71  ? 12.184  14.305  0.262   1.000 21.915 ? 69  TYR A N   1 
ATOM   536  C CA  . TYR A 1 71  ? 12.267  15.785  0.335   1.000 25.180 ? 69  TYR A CA  1 
ATOM   537  C C   . TYR A 1 71  ? 11.457  16.395  -0.810  1.000 26.175 ? 69  TYR A C   1 
ATOM   538  O O   . TYR A 1 71  ? 11.957  17.315  -1.464  1.000 27.565 ? 69  TYR A O   1 
ATOM   539  C CB  . TYR A 1 71  ? 13.736  16.220  0.369   1.000 25.093 ? 69  TYR A CB  1 
ATOM   540  C CG  . TYR A 1 71  ? 14.551  15.489  1.409   1.000 25.643 ? 69  TYR A CG  1 
ATOM   541  C CD1 . TYR A 1 71  ? 14.622  15.916  2.731   1.000 26.898 ? 69  TYR A CD1 1 
ATOM   542  C CD2 . TYR A 1 71  ? 15.199  14.309  1.083   1.000 26.791 ? 69  TYR A CD2 1 
ATOM   543  C CE1 . TYR A 1 71  ? 15.345  15.212  3.691   1.000 25.754 ? 69  TYR A CE1 1 
ATOM   544  C CE2 . TYR A 1 71  ? 15.925  13.593  2.022   1.000 28.409 ? 69  TYR A CE2 1 
ATOM   545  C CZ  . TYR A 1 71  ? 16.008  14.046  3.330   1.000 29.447 ? 69  TYR A CZ  1 
ATOM   546  O OH  . TYR A 1 71  ? 16.763  13.306  4.210   1.000 28.031 ? 69  TYR A OH  1 
ATOM   547  N N   . GLY A 1 72  ? 10.249  15.865  -1.038  1.000 25.213 ? 70  GLY A N   1 
ATOM   548  C CA  . GLY A 1 72  ? 9.262   16.433  -1.972  1.000 25.794 ? 70  GLY A CA  1 
ATOM   549  C C   . GLY A 1 72  ? 9.347   15.883  -3.387  1.000 25.435 ? 70  GLY A C   1 
ATOM   550  O O   . GLY A 1 72  ? 8.428   16.191  -4.149  1.000 26.869 ? 70  GLY A O   1 
ATOM   551  N N   . ALA A 1 73  ? 10.375  15.098  -3.729  1.000 23.914 ? 71  ALA A N   1 
ATOM   552  C CA  . ALA A 1 73  ? 10.713  14.655  -5.101  1.000 23.910 ? 71  ALA A CA  1 
ATOM   553  C C   . ALA A 1 73  ? 10.505  13.140  -5.247  1.000 24.259 ? 71  ALA A C   1 
ATOM   554  O O   . ALA A 1 73  ? 11.094  12.379  -4.452  1.000 23.399 ? 71  ALA A O   1 
ATOM   555  C CB  . ALA A 1 73  ? 12.155  14.985  -5.404  1.000 23.925 ? 71  ALA A CB  1 
ATOM   556  N N   . TRP A 1 74  ? 9.780   12.712  -6.277  1.000 23.582 ? 72  TRP A N   1 
ATOM   557  C CA  . TRP A 1 74  ? 9.648   11.270  -6.615  1.000 24.185 ? 72  TRP A CA  1 
ATOM   558  C C   . TRP A 1 74  ? 10.991  10.734  -7.119  1.000 24.793 ? 72  TRP A C   1 
ATOM   559  O O   . TRP A 1 74  ? 11.690  11.436  -7.866  1.000 24.253 ? 72  TRP A O   1 
ATOM   560  C CB  . TRP A 1 74  ? 8.530   11.049  -7.631  1.000 24.962 ? 72  TRP A CB  1 
ATOM   561  C CG  . TRP A 1 74  ? 7.164   11.383  -7.113  1.000 24.239 ? 72  TRP A CG  1 
ATOM   562  C CD1 . TRP A 1 74  ? 6.437   12.497  -7.398  1.000 25.838 ? 72  TRP A CD1 1 
ATOM   563  C CD2 . TRP A 1 74  ? 6.346   10.588  -6.227  1.000 24.442 ? 72  TRP A CD2 1 
ATOM   564  N NE1 . TRP A 1 74  ? 5.223   12.447  -6.758  1.000 26.807 ? 72  TRP A NE1 1 
ATOM   565  C CE2 . TRP A 1 74  ? 5.143   11.299  -6.020  1.000 25.138 ? 72  TRP A CE2 1 
ATOM   566  C CE3 . TRP A 1 74  ? 6.504   9.349   -5.596  1.000 24.585 ? 72  TRP A CE3 1 
ATOM   567  C CZ2 . TRP A 1 74  ? 4.108   10.813  -5.215  1.000 24.697 ? 72  TRP A CZ2 1 
ATOM   568  C CZ3 . TRP A 1 74  ? 5.485   8.867   -4.799  1.000 25.668 ? 72  TRP A CZ3 1 
ATOM   569  C CH2 . TRP A 1 74  ? 4.305   9.592   -4.612  1.000 24.315 ? 72  TRP A CH2 1 
ATOM   570  N N   . LYS A 1 75  ? 11.334  9.513   -6.737  1.000 24.619 ? 73  LYS A N   1 
ATOM   571  C CA  . LYS A 1 75  ? 12.640  8.893   -7.052  1.000 24.622 ? 73  LYS A CA  1 
ATOM   572  C C   . LYS A 1 75  ? 12.398  7.920   -8.209  1.000 24.045 ? 73  LYS A C   1 
ATOM   573  O O   . LYS A 1 75  ? 11.520  8.211   -9.003  1.000 23.199 ? 73  LYS A O   1 
ATOM   574  C CB  . LYS A 1 75  ? 13.182  8.305   -5.748  1.000 26.475 ? 73  LYS A CB  1 
ATOM   575  C CG  . LYS A 1 75  ? 13.630  9.363   -4.752  1.000 29.684 ? 73  LYS A CG  1 
ATOM   576  C CD  . LYS A 1 75  ? 14.978  9.958   -5.133  1.000 33.469 ? 73  LYS A CD  1 
ATOM   577  C CE  . LYS A 1 75  ? 15.082  11.452  -4.914  1.000 35.322 ? 73  LYS A CE  1 
ATOM   578  N NZ  . LYS A 1 75  ? 16.172  11.756  -3.964  1.000 41.635 ? 73  LYS A NZ  1 
ATOM   579  N N   . GLN A 1 76  ? 13.099  6.789   -8.265  1.000 25.047 ? 74  GLN A N   1 
ATOM   580  C CA  . GLN A 1 76  ? 13.104  5.879   -9.432  1.000 27.621 ? 74  GLN A CA  1 
ATOM   581  C C   . GLN A 1 76  ? 11.832  5.019   -9.376  1.000 26.920 ? 74  GLN A C   1 
ATOM   582  O O   . GLN A 1 76  ? 11.660  4.261   -8.402  1.000 23.142 ? 74  GLN A O   1 
ATOM   583  C CB  . GLN A 1 76  ? 14.393  5.047   -9.418  1.000 31.277 ? 74  GLN A CB  1 
ATOM   584  C CG  . GLN A 1 76  ? 14.484  4.030   -10.547 1.000 36.501 ? 74  GLN A CG  1 
ATOM   585  C CD  . GLN A 1 76  ? 14.269  4.689   -11.887 1.000 40.642 ? 74  GLN A CD  1 
ATOM   586  O OE1 . GLN A 1 76  ? 13.316  4.383   -12.600 1.000 51.187 ? 74  GLN A OE1 1 
ATOM   587  N NE2 . GLN A 1 76  ? 15.135  5.633   -12.223 1.000 39.667 ? 74  GLN A NE2 1 
ATOM   588  N N   . GLN A 1 77  ? 10.959  5.137   -10.377 1.000 28.814 ? 75  GLN A N   1 
ATOM   589  C CA  . GLN A 1 77  ? 9.684   4.375   -10.413 1.000 30.264 ? 75  GLN A CA  1 
ATOM   590  C C   . GLN A 1 77  ? 10.010  2.918   -10.730 1.000 28.770 ? 75  GLN A C   1 
ATOM   591  O O   . GLN A 1 77  ? 10.881  2.674   -11.572 1.000 27.404 ? 75  GLN A O   1 
ATOM   592  C CB  . GLN A 1 77  ? 8.702   4.946   -11.434 1.000 32.332 ? 75  GLN A CB  1 
ATOM   593  C CG  . GLN A 1 77  ? 7.360   4.229   -11.423 1.000 34.325 ? 75  GLN A CG  1 
ATOM   594  C CD  . GLN A 1 77  ? 6.299   5.024   -12.136 1.000 35.525 ? 75  GLN A CD  1 
ATOM   595  O OE1 . GLN A 1 77  ? 5.422   5.614   -11.516 1.000 35.691 ? 75  GLN A OE1 1 
ATOM   596  N NE2 . GLN A 1 77  ? 6.395   5.065   -13.454 1.000 36.526 ? 75  GLN A NE2 1 
ATOM   597  N N   . VAL A 1 78  ? 9.338   1.996   -10.055 1.000 26.411 ? 76  VAL A N   1 
ATOM   598  C CA  . VAL A 1 78  ? 9.395   0.538   -10.333 1.000 27.387 ? 76  VAL A CA  1 
ATOM   599  C C   . VAL A 1 78  ? 8.012   0.131   -10.847 1.000 30.100 ? 76  VAL A C   1 
ATOM   600  O O   . VAL A 1 78  ? 7.011   0.530   -10.207 1.000 27.262 ? 76  VAL A O   1 
ATOM   601  C CB  . VAL A 1 78  ? 9.789   -0.210  -9.052  1.000 29.296 ? 76  VAL A CB  1 
ATOM   602  C CG1 . VAL A 1 78  ? 9.743   -1.717  -9.244  1.000 31.713 ? 76  VAL A CG1 1 
ATOM   603  C CG2 . VAL A 1 78  ? 11.160  0.236   -8.554  1.000 30.891 ? 76  VAL A CG2 1 
ATOM   604  N N   . GLU A 1 79  ? 7.948   -0.581  -11.974 1.000 30.209 ? 77  GLU A N   1 
ATOM   605  C CA  . GLU A 1 79  ? 6.675   -0.922  -12.666 1.000 31.123 ? 77  GLU A CA  1 
ATOM   606  C C   . GLU A 1 79  ? 6.536   -2.440  -12.737 1.000 30.661 ? 77  GLU A C   1 
ATOM   607  O O   . GLU A 1 79  ? 7.535   -3.105  -13.038 1.000 31.964 ? 77  GLU A O   1 
ATOM   608  C CB  . GLU A 1 79  ? 6.633   -0.342  -14.078 1.000 36.120 ? 77  GLU A CB  1 
ATOM   609  C CG  . GLU A 1 79  ? 5.246   -0.417  -14.680 1.000 41.136 ? 77  GLU A CG  1 
ATOM   610  C CD  . GLU A 1 79  ? 5.100   0.086   -16.103 1.000 45.972 ? 77  GLU A CD  1 
ATOM   611  O OE1 . GLU A 1 79  ? 5.639   1.167   -16.406 1.000 47.792 ? 77  GLU A OE1 1 
ATOM   612  O OE2 . GLU A 1 79  ? 4.411   -0.587  -16.890 1.000 53.924 ? 77  GLU A OE2 1 
ATOM   613  N N   . SER A 1 80  ? 5.332   -2.963  -12.490 1.000 28.518 ? 78  SER A N   1 
ATOM   614  C CA  . SER A 1 80  ? 4.997   -4.405  -12.632 1.000 27.750 ? 78  SER A CA  1 
ATOM   615  C C   . SER A 1 80  ? 3.687   -4.545  -13.412 1.000 28.017 ? 78  SER A C   1 
ATOM   616  O O   . SER A 1 80  ? 2.714   -3.793  -13.132 1.000 26.937 ? 78  SER A O   1 
ATOM   617  C CB  . SER A 1 80  ? 4.937   -5.090  -11.285 1.000 27.047 ? 78  SER A CB  1 
ATOM   618  O OG  . SER A 1 80  ? 4.388   -6.394  -11.377 1.000 26.159 ? 78  SER A OG  1 
ATOM   619  N N   . LYS A 1 81  ? 3.679   -5.472  -14.362 1.000 28.777 ? 79  LYS A N   1 
ATOM   620  C CA  . LYS A 1 81  ? 2.496   -5.848  -15.176 1.000 30.272 ? 79  LYS A CA  1 
ATOM   621  C C   . LYS A 1 81  ? 1.749   -6.982  -14.469 1.000 27.845 ? 79  LYS A C   1 
ATOM   622  O O   . LYS A 1 81  ? 0.682   -7.334  -14.938 1.000 28.601 ? 79  LYS A O   1 
ATOM   623  C CB  . LYS A 1 81  ? 2.950   -6.269  -16.579 1.000 34.745 ? 79  LYS A CB  1 
ATOM   624  C CG  . LYS A 1 81  ? 3.488   -5.144  -17.452 1.000 39.139 ? 79  LYS A CG  1 
ATOM   625  C CD  . LYS A 1 81  ? 2.424   -4.437  -18.259 1.000 42.976 ? 79  LYS A CD  1 
ATOM   626  C CE  . LYS A 1 81  ? 2.688   -2.956  -18.426 1.000 46.617 ? 79  LYS A CE  1 
ATOM   627  N NZ  . LYS A 1 81  ? 1.504   -2.263  -18.986 1.000 50.819 ? 79  LYS A NZ  1 
ATOM   628  N N   . ASN A 1 82  ? 2.302   -7.537  -13.382 1.000 27.935 ? 80  ASN A N   1 
ATOM   629  C CA  . ASN A 1 82  ? 1.647   -8.566  -12.533 1.000 27.209 ? 80  ASN A CA  1 
ATOM   630  C C   . ASN A 1 82  ? 0.294   -8.024  -12.052 1.000 27.577 ? 80  ASN A C   1 
ATOM   631  O O   . ASN A 1 82  ? 0.269   -6.903  -11.519 1.000 27.508 ? 80  ASN A O   1 
ATOM   632  C CB  . ASN A 1 82  ? 2.535   -8.974  -11.355 1.000 27.417 ? 80  ASN A CB  1 
ATOM   633  C CG  . ASN A 1 82  ? 2.064   -10.236 -10.664 1.000 29.074 ? 80  ASN A CG  1 
ATOM   634  O OD1 . ASN A 1 82  ? 1.355   -11.047 -11.253 1.000 31.488 ? 80  ASN A OD1 1 
ATOM   635  N ND2 . ASN A 1 82  ? 2.456   -10.419 -9.416  1.000 27.020 ? 80  ASN A ND2 1 
ATOM   636  N N   . MET A 1 83  ? -0.789  -8.776  -12.257 1.000 27.193 ? 81  MET A N   1 
ATOM   637  C CA  . MET A 1 83  ? -2.170  -8.309  -11.955 1.000 28.423 ? 81  MET A CA  1 
ATOM   638  C C   . MET A 1 83  ? -2.984  -9.453  -11.356 1.000 29.470 ? 81  MET A C   1 
ATOM   639  O O   . MET A 1 83  ? -3.878  -9.996  -12.003 1.000 33.414 ? 81  MET A O   1 
ATOM   640  C CB  . MET A 1 83  ? -2.850  -7.760  -13.216 1.000 27.675 ? 81  MET A CB  1 
ATOM   641  C CG  . MET A 1 83  ? -4.190  -7.089  -12.964 1.000 27.724 ? 81  MET A CG  1 
ATOM   642  S SD  . MET A 1 83  ? -4.165  -5.897  -11.604 1.000 26.453 ? 81  MET A SD  1 
ATOM   643  C CE  . MET A 1 83  ? -2.748  -4.905  -12.087 1.000 25.281 ? 81  MET A CE  1 
ATOM   644  N N   . PRO A 1 84  ? -2.724  -9.842  -10.088 1.000 28.971 ? 82  PRO A N   1 
ATOM   645  C CA  . PRO A 1 84  ? -3.487  -10.909 -9.439  1.000 28.207 ? 82  PRO A CA  1 
ATOM   646  C C   . PRO A 1 84  ? -4.903  -10.495 -9.005  1.000 27.568 ? 82  PRO A C   1 
ATOM   647  O O   . PRO A 1 84  ? -5.708  -11.356 -8.754  1.000 27.063 ? 82  PRO A O   1 
ATOM   648  C CB  . PRO A 1 84  ? -2.631  -11.263 -8.213  1.000 29.301 ? 82  PRO A CB  1 
ATOM   649  C CG  . PRO A 1 84  ? -1.907  -9.969  -7.890  1.000 30.279 ? 82  PRO A CG  1 
ATOM   650  C CD  . PRO A 1 84  ? -1.644  -9.317  -9.232  1.000 29.540 ? 82  PRO A CD  1 
ATOM   651  N N   . PHE A 1 85  ? -5.190  -9.195  -8.971  1.000 26.664 ? 83  PHE A N   1 
ATOM   652  C CA  . PHE A 1 85  ? -6.513  -8.647  -8.592  1.000 25.206 ? 83  PHE A CA  1 
ATOM   653  C C   . PHE A 1 85  ? -7.553  -9.108  -9.616  1.000 27.169 ? 83  PHE A C   1 
ATOM   654  O O   . PHE A 1 85  ? -7.236  -9.117  -10.820 1.000 26.290 ? 83  PHE A O   1 
ATOM   655  C CB  . PHE A 1 85  ? -6.457  -7.126  -8.507  1.000 24.455 ? 83  PHE A CB  1 
ATOM   656  C CG  . PHE A 1 85  ? -5.536  -6.610  -7.439  1.000 22.863 ? 83  PHE A CG  1 
ATOM   657  C CD1 . PHE A 1 85  ? -5.969  -6.489  -6.129  1.000 23.299 ? 83  PHE A CD1 1 
ATOM   658  C CD2 . PHE A 1 85  ? -4.244  -6.225  -7.746  1.000 22.744 ? 83  PHE A CD2 1 
ATOM   659  C CE1 . PHE A 1 85  ? -5.133  -5.970  -5.159  1.000 22.476 ? 83  PHE A CE1 1 
ATOM   660  C CE2 . PHE A 1 85  ? -3.403  -5.716  -6.769  1.000 22.539 ? 83  PHE A CE2 1 
ATOM   661  C CZ  . PHE A 1 85  ? -3.850  -5.588  -5.476  1.000 21.892 ? 83  PHE A CZ  1 
ATOM   662  N N   . GLN A 1 86  ? -8.748  -9.483  -9.144  1.000 27.432 ? 84  GLN A N   1 
ATOM   663  C CA  . GLN A 1 86  ? -9.832  -10.063 -9.981  1.000 29.029 ? 84  GLN A CA  1 
ATOM   664  C C   . GLN A 1 86  ? -10.962 -9.027  -10.132 1.000 28.895 ? 84  GLN A C   1 
ATOM   665  O O   . GLN A 1 86  ? -11.401 -8.472  -9.106  1.000 25.669 ? 84  GLN A O   1 
ATOM   666  C CB  . GLN A 1 86  ? -10.331 -11.371 -9.355  1.000 32.213 ? 84  GLN A CB  1 
ATOM   667  C CG  . GLN A 1 86  ? -9.269  -12.461 -9.278  1.000 36.171 ? 84  GLN A CG  1 
ATOM   668  C CD  . GLN A 1 86  ? -8.740  -12.856 -10.637 1.000 40.913 ? 84  GLN A CD  1 
ATOM   669  O OE1 . GLN A 1 86  ? -9.492  -13.312 -11.502 1.000 47.599 ? 84  GLN A OE1 1 
ATOM   670  N NE2 . GLN A 1 86  ? -7.444  -12.668 -10.853 1.000 39.509 ? 84  GLN A NE2 1 
ATOM   671  N N   . ASP A 1 87  ? -11.403 -8.785  -11.375 1.000 27.680 ? 85  ASP A N   1 
ATOM   672  C CA  . ASP A 1 87  ? -12.483 -7.829  -11.750 1.000 26.666 ? 85  ASP A CA  1 
ATOM   673  C C   . ASP A 1 87  ? -13.714 -8.098  -10.868 1.000 27.125 ? 85  ASP A C   1 
ATOM   674  O O   . ASP A 1 87  ? -14.122 -9.262  -10.748 1.000 25.401 ? 85  ASP A O   1 
ATOM   675  C CB  . ASP A 1 87  ? -12.754 -7.926  -13.258 1.000 28.156 ? 85  ASP A CB  1 
ATOM   676  C CG  . ASP A 1 87  ? -13.519 -6.763  -13.855 1.000 28.145 ? 85  ASP A CG  1 
ATOM   677  O OD1 . ASP A 1 87  ? -13.900 -5.841  -13.108 1.000 27.996 ? 85  ASP A OD1 1 
ATOM   678  O OD2 . ASP A 1 87  ? -13.750 -6.805  -15.067 1.000 31.920 ? 85  ASP A OD2 1 
ATOM   679  N N   . GLY A 1 88  ? -14.216 -7.067  -10.182 1.000 26.814 ? 86  GLY A N   1 
ATOM   680  C CA  . GLY A 1 88  ? -15.457 -7.132  -9.390  1.000 27.646 ? 86  GLY A CA  1 
ATOM   681  C C   . GLY A 1 88  ? -15.286 -7.765  -8.014  1.000 28.281 ? 86  GLY A C   1 
ATOM   682  O O   . GLY A 1 88  ? -16.282 -7.816  -7.311  1.000 29.278 ? 86  GLY A O   1 
ATOM   683  N N   . GLN A 1 89  ? -14.092 -8.220  -7.614  1.000 28.237 ? 87  GLN A N   1 
ATOM   684  C CA  . GLN A 1 89  ? -13.928 -9.039  -6.385  1.000 29.810 ? 87  GLN A CA  1 
ATOM   685  C C   . GLN A 1 89  ? -13.375 -8.166  -5.260  1.000 29.503 ? 87  GLN A C   1 
ATOM   686  O O   . GLN A 1 89  ? -12.571 -7.269  -5.532  1.000 26.935 ? 87  GLN A O   1 
ATOM   687  C CB  . GLN A 1 89  ? -12.995 -10.234 -6.595  1.000 32.804 ? 87  GLN A CB  1 
ATOM   688  C CG  . GLN A 1 89  ? -13.365 -11.118 -7.779  1.000 36.301 ? 87  GLN A CG  1 
ATOM   689  C CD  . GLN A 1 89  ? -14.802 -11.583 -7.750  1.000 44.133 ? 87  GLN A CD  1 
ATOM   690  O OE1 . GLN A 1 89  ? -15.397 -11.775 -6.691  1.000 46.241 ? 87  GLN A OE1 1 
ATOM   691  N NE2 . GLN A 1 89  ? -15.381 -11.772 -8.926  1.000 51.776 ? 87  GLN A NE2 1 
ATOM   692  N N   . GLU A 1 90  ? -13.784 -8.464  -4.030  1.000 28.769 ? 88  GLU A N   1 
ATOM   693  C CA  . GLU A 1 90  ? -13.057 -8.064  -2.801  1.000 30.029 ? 88  GLU A CA  1 
ATOM   694  C C   . GLU A 1 90  ? -11.634 -8.646  -2.884  1.000 28.281 ? 88  GLU A C   1 
ATOM   695  O O   . GLU A 1 90  ? -11.483 -9.782  -3.353  1.000 28.057 ? 88  GLU A O   1 
ATOM   696  C CB  . GLU A 1 90  ? -13.867 -8.516  -1.581  1.000 31.883 ? 88  GLU A CB  1 
ATOM   697  C CG  . GLU A 1 90  ? -13.170 -8.287  -0.257  1.000 35.194 ? 88  GLU A CG  1 
ATOM   698  C CD  . GLU A 1 90  ? -13.970 -8.722  0.956   1.000 37.224 ? 88  GLU A CD  1 
ATOM   699  O OE1 . GLU A 1 90  ? -13.712 -9.822  1.466   1.000 42.051 ? 88  GLU A OE1 1 
ATOM   700  O OE2 . GLU A 1 90  ? -14.833 -7.950  1.397   1.000 39.283 ? 88  GLU A OE2 1 
ATOM   701  N N   . PHE A 1 91  ? -10.617 -7.884  -2.479  1.000 25.403 ? 89  PHE A N   1 
ATOM   702  C CA  . PHE A 1 91  ? -9.219  -8.371  -2.356  1.000 25.217 ? 89  PHE A CA  1 
ATOM   703  C C   . PHE A 1 91  ? -8.793  -8.312  -0.884  1.000 24.625 ? 89  PHE A C   1 
ATOM   704  O O   . PHE A 1 91  ? -9.358  -7.524  -0.094  1.000 22.612 ? 89  PHE A O   1 
ATOM   705  C CB  . PHE A 1 91  ? -8.271  -7.565  -3.245  1.000 24.131 ? 89  PHE A CB  1 
ATOM   706  C CG  . PHE A 1 91  ? -8.364  -6.085  -3.000  1.000 23.761 ? 89  PHE A CG  1 
ATOM   707  C CD1 . PHE A 1 91  ? -7.731  -5.506  -1.911  1.000 23.868 ? 89  PHE A CD1 1 
ATOM   708  C CD2 . PHE A 1 91  ? -9.146  -5.284  -3.820  1.000 23.042 ? 89  PHE A CD2 1 
ATOM   709  C CE1 . PHE A 1 91  ? -7.838  -4.143  -1.675  1.000 24.662 ? 89  PHE A CE1 1 
ATOM   710  C CE2 . PHE A 1 91  ? -9.265  -3.924  -3.577  1.000 24.878 ? 89  PHE A CE2 1 
ATOM   711  C CZ  . PHE A 1 91  ? -8.610  -3.354  -2.502  1.000 25.337 ? 89  PHE A CZ  1 
ATOM   712  N N   . GLU A 1 92  ? -7.796  -9.123  -0.536  1.000 25.846 ? 90  GLU A N   1 
ATOM   713  C CA  . GLU A 1 92  ? -6.998  -8.964  0.700   1.000 27.985 ? 90  GLU A CA  1 
ATOM   714  C C   . GLU A 1 92  ? -5.562  -8.685  0.267   1.000 28.081 ? 90  GLU A C   1 
ATOM   715  O O   . GLU A 1 92  ? -4.984  -9.509  -0.483  1.000 27.798 ? 90  GLU A O   1 
ATOM   716  C CB  . GLU A 1 92  ? -7.102  -10.201 1.585   1.000 32.455 ? 90  GLU A CB  1 
ATOM   717  C CG  . GLU A 1 92  ? -6.609  -9.967  2.999   1.000 37.137 ? 90  GLU A CG  1 
ATOM   718  C CD  . GLU A 1 92  ? -6.741  -11.166 3.927   1.000 42.752 ? 90  GLU A CD  1 
ATOM   719  O OE1 . GLU A 1 92  ? -7.707  -11.956 3.764   1.000 48.388 ? 90  GLU A OE1 1 
ATOM   720  O OE2 . GLU A 1 92  ? -5.877  -11.310 4.811   1.000 46.388 ? 90  GLU A OE2 1 
ATOM   721  N N   . LEU A 1 93  ? -5.054  -7.534  0.685   1.000 27.456 ? 91  LEU A N   1 
ATOM   722  C CA  . LEU A 1 93  ? -3.676  -7.057  0.447   1.000 29.212 ? 91  LEU A CA  1 
ATOM   723  C C   . LEU A 1 93  ? -2.973  -7.069  1.805   1.000 27.941 ? 91  LEU A C   1 
ATOM   724  O O   . LEU A 1 93  ? -3.571  -6.539  2.765   1.000 28.198 ? 91  LEU A O   1 
ATOM   725  C CB  . LEU A 1 93  ? -3.789  -5.659  -0.168  1.000 32.502 ? 91  LEU A CB  1 
ATOM   726  C CG  . LEU A 1 93  ? -2.479  -4.982  -0.563  1.000 36.035 ? 91  LEU A CG  1 
ATOM   727  C CD1 . LEU A 1 93  ? -1.988  -5.503  -1.906  1.000 37.483 ? 91  LEU A CD1 1 
ATOM   728  C CD2 . LEU A 1 93  ? -2.655  -3.474  -0.607  1.000 38.341 ? 91  LEU A CD2 1 
ATOM   729  N N   . SER A 1 94  ? -1.810  -7.713  1.917   1.000 25.897 ? 92  SER A N   1 
ATOM   730  C CA  . SER A 1 94  ? -0.952  -7.625  3.125   1.000 27.029 ? 92  SER A CA  1 
ATOM   731  C C   . SER A 1 94  ? 0.452   -7.195  2.708   1.000 26.148 ? 92  SER A C   1 
ATOM   732  O O   . SER A 1 94  ? 0.999   -7.774  1.739   1.000 25.515 ? 92  SER A O   1 
ATOM   733  C CB  . SER A 1 94  ? -0.943  -8.887  3.939   1.000 29.439 ? 92  SER A CB  1 
ATOM   734  O OG  . SER A 1 94  ? -0.407  -9.955  3.178   1.000 35.775 ? 92  SER A OG  1 
ATOM   735  N N   . ILE A 1 95  ? 0.964   -6.158  3.374   1.000 22.283 ? 93  ILE A N   1 
ATOM   736  C CA  . ILE A 1 95  ? 2.321   -5.603  3.145   1.000 22.061 ? 93  ILE A CA  1 
ATOM   737  C C   . ILE A 1 95  ? 3.150   -5.937  4.388   1.000 22.910 ? 93  ILE A C   1 
ATOM   738  O O   . ILE A 1 95  ? 2.839   -5.391  5.464   1.000 20.016 ? 93  ILE A O   1 
ATOM   739  C CB  . ILE A 1 95  ? 2.275   -4.091  2.849   1.000 21.537 ? 93  ILE A CB  1 
ATOM   740  C CG1 . ILE A 1 95  ? 1.348   -3.785  1.672   1.000 22.091 ? 93  ILE A CG1 1 
ATOM   741  C CG2 . ILE A 1 95  ? 3.678   -3.558  2.632   1.000 21.746 ? 93  ILE A CG2 1 
ATOM   742  C CD1 . ILE A 1 95  ? 0.993   -2.336  1.519   1.000 23.363 ? 93  ILE A CD1 1 
ATOM   743  N N   . SER A 1 96  ? 4.168   -6.794  4.232   1.000 22.767 ? 94  SER A N   1 
ATOM   744  C CA  . SER A 1 96  ? 5.059   -7.245  5.328   1.000 24.687 ? 94  SER A CA  1 
ATOM   745  C C   . SER A 1 96  ? 6.379   -6.494  5.246   1.000 23.657 ? 94  SER A C   1 
ATOM   746  O O   . SER A 1 96  ? 6.934   -6.414  4.143   1.000 21.856 ? 94  SER A O   1 
ATOM   747  C CB  . SER A 1 96  ? 5.300   -8.720  5.254   1.000 26.461 ? 94  SER A CB  1 
ATOM   748  O OG  . SER A 1 96  ? 4.100   -9.394  5.536   1.000 31.261 ? 94  SER A OG  1 
ATOM   749  N N   . VAL A 1 97  ? 6.891   -6.035  6.386   1.000 24.270 ? 95  VAL A N   1 
ATOM   750  C CA  . VAL A 1 97  ? 8.266   -5.474  6.489   1.000 21.982 ? 95  VAL A CA  1 
ATOM   751  C C   . VAL A 1 97  ? 9.228   -6.652  6.692   1.000 21.696 ? 95  VAL A C   1 
ATOM   752  O O   . VAL A 1 97  ? 9.295   -7.192  7.807   1.000 20.611 ? 95  VAL A O   1 
ATOM   753  C CB  . VAL A 1 97  ? 8.355   -4.429  7.618   1.000 22.200 ? 95  VAL A CB  1 
ATOM   754  C CG1 . VAL A 1 97  ? 9.707   -3.732  7.645   1.000 23.593 ? 95  VAL A CG1 1 
ATOM   755  C CG2 . VAL A 1 97  ? 7.225   -3.423  7.531   1.000 21.813 ? 95  VAL A CG2 1 
ATOM   756  N N   . LEU A 1 98  ? 9.959   -7.036  5.642   1.000 23.312 ? 96  LEU A N   1 
ATOM   757  C CA  . LEU A 1 98  ? 11.127  -7.955  5.748   1.000 23.109 ? 96  LEU A CA  1 
ATOM   758  C C   . LEU A 1 98  ? 12.359  -7.124  6.078   1.000 24.468 ? 96  LEU A C   1 
ATOM   759  O O   . LEU A 1 98  ? 12.300  -5.900  6.083   1.000 22.496 ? 96  LEU A O   1 
ATOM   760  C CB  . LEU A 1 98  ? 11.307  -8.724  4.438   1.000 24.257 ? 96  LEU A CB  1 
ATOM   761  C CG  . LEU A 1 98  ? 10.063  -9.419  3.893   1.000 25.445 ? 96  LEU A CG  1 
ATOM   762  C CD1 . LEU A 1 98  ? 10.444  -10.396 2.798   1.000 24.417 ? 96  LEU A CD1 1 
ATOM   763  C CD2 . LEU A 1 98  ? 9.267   -10.124 4.988   1.000 26.311 ? 96  LEU A CD2 1 
ATOM   764  N N   . PRO A 1 99  ? 13.501  -7.753  6.432   1.000 25.148 ? 97  PRO A N   1 
ATOM   765  C CA  . PRO A 1 99  ? 14.686  -6.985  6.790   1.000 23.596 ? 97  PRO A CA  1 
ATOM   766  C C   . PRO A 1 99  ? 15.146  -6.027  5.687   1.000 24.377 ? 97  PRO A C   1 
ATOM   767  O O   . PRO A 1 99  ? 15.559  -4.948  6.052   1.000 25.020 ? 97  PRO A O   1 
ATOM   768  C CB  . PRO A 1 99  ? 15.721  -8.077  7.078   1.000 25.261 ? 97  PRO A CB  1 
ATOM   769  C CG  . PRO A 1 99  ? 14.872  -9.230  7.566   1.000 24.103 ? 97  PRO A CG  1 
ATOM   770  C CD  . PRO A 1 99  ? 13.673  -9.200  6.647   1.000 24.555 ? 97  PRO A CD  1 
ATOM   771  N N   . ASP A 1 100 ? 15.021  -6.405  4.405   1.000 23.482 ? 98  ASP A N   1 
ATOM   772  C CA  . ASP A 1 100 ? 15.640  -5.673  3.261   1.000 23.395 ? 98  ASP A CA  1 
ATOM   773  C C   . ASP A 1 100 ? 14.580  -5.046  2.340   1.000 22.732 ? 98  ASP A C   1 
ATOM   774  O O   . ASP A 1 100 ? 14.978  -4.323  1.397   1.000 20.641 ? 98  ASP A O   1 
ATOM   775  C CB  . ASP A 1 100 ? 16.577  -6.581  2.462   1.000 23.914 ? 98  ASP A CB  1 
ATOM   776  C CG  . ASP A 1 100 ? 15.952  -7.880  1.986   1.000 27.420 ? 98  ASP A CG  1 
ATOM   777  O OD1 . ASP A 1 100 ? 16.583  -8.553  1.122   1.000 31.949 ? 98  ASP A OD1 1 
ATOM   778  O OD2 . ASP A 1 100 ? 14.867  -8.242  2.523   1.000 27.344 ? 98  ASP A OD2 1 
ATOM   779  N N   . LYS A 1 101 ? 13.290  -5.325  2.550   1.000 21.665 ? 99  LYS A N   1 
ATOM   780  C CA  . LYS A 1 101 ? 12.248  -5.006  1.540   1.000 22.216 ? 99  LYS A CA  1 
ATOM   781  C C   . LYS A 1 101 ? 10.858  -5.100  2.171   1.000 20.659 ? 99  LYS A C   1 
ATOM   782  O O   . LYS A 1 101 ? 10.721  -5.740  3.222   1.000 20.072 ? 99  LYS A O   1 
ATOM   783  C CB  . LYS A 1 101 ? 12.363  -5.933  0.320   1.000 22.953 ? 99  LYS A CB  1 
ATOM   784  C CG  . LYS A 1 101 ? 11.984  -7.391  0.560   1.000 23.189 ? 99  LYS A CG  1 
ATOM   785  C CD  . LYS A 1 101 ? 12.240  -8.298  -0.624  1.000 24.292 ? 99  LYS A CD  1 
ATOM   786  C CE  . LYS A 1 101 ? 13.695  -8.647  -0.832  1.000 27.242 ? 99  LYS A CE  1 
ATOM   787  N NZ  . LYS A 1 101 ? 14.168  -9.737  0.055   1.000 28.001 ? 99  LYS A NZ  1 
ATOM   788  N N   . TYR A 1 102 ? 9.874   -4.496  1.497   1.000 21.173 ? 100 TYR A N   1 
ATOM   789  C CA  . TYR A 1 102 ? 8.424   -4.775  1.632   1.000 20.906 ? 100 TYR A CA  1 
ATOM   790  C C   . TYR A 1 102 ? 8.048   -5.944  0.722   1.000 21.916 ? 100 TYR A C   1 
ATOM   791  O O   . TYR A 1 102 ? 8.506   -5.999  -0.443  1.000 23.154 ? 100 TYR A O   1 
ATOM   792  C CB  . TYR A 1 102 ? 7.597   -3.533  1.289   1.000 20.471 ? 100 TYR A CB  1 
ATOM   793  C CG  . TYR A 1 102 ? 7.866   -2.362  2.194   1.000 19.920 ? 100 TYR A CG  1 
ATOM   794  C CD1 . TYR A 1 102 ? 7.384   -2.328  3.497   1.000 20.173 ? 100 TYR A CD1 1 
ATOM   795  C CD2 . TYR A 1 102 ? 8.641   -1.302  1.763   1.000 20.163 ? 100 TYR A CD2 1 
ATOM   796  C CE1 . TYR A 1 102 ? 7.639   -1.250  4.332   1.000 19.762 ? 100 TYR A CE1 1 
ATOM   797  C CE2 . TYR A 1 102 ? 8.911   -0.221  2.587   1.000 20.175 ? 100 TYR A CE2 1 
ATOM   798  C CZ  . TYR A 1 102 ? 8.407   -0.189  3.874   1.000 19.976 ? 100 TYR A CZ  1 
ATOM   799  O OH  . TYR A 1 102 ? 8.687   0.881   4.676   1.000 19.861 ? 100 TYR A OH  1 
ATOM   800  N N   . GLN A 1 103 ? 7.240   -6.859  1.251   1.000 22.677 ? 101 GLN A N   1 
ATOM   801  C CA  . GLN A 1 103 ? 6.601   -7.952  0.480   1.000 23.721 ? 101 GLN A CA  1 
ATOM   802  C C   . GLN A 1 103 ? 5.099   -7.698  0.433   1.000 21.723 ? 101 GLN A C   1 
ATOM   803  O O   . GLN A 1 103 ? 4.501   -7.574  1.508   1.000 22.146 ? 101 GLN A O   1 
ATOM   804  C CB  . GLN A 1 103 ? 6.883   -9.301  1.128   1.000 25.483 ? 101 GLN A CB  1 
ATOM   805  C CG  . GLN A 1 103 ? 6.043   -10.439 0.554   1.000 28.221 ? 101 GLN A CG  1 
ATOM   806  C CD  . GLN A 1 103 ? 6.810   -11.725 0.689   1.000 29.436 ? 101 GLN A CD  1 
ATOM   807  O OE1 . GLN A 1 103 ? 7.116   -12.146 1.798   1.000 39.880 ? 101 GLN A OE1 1 
ATOM   808  N NE2 . GLN A 1 103 ? 7.189   -12.312 -0.432  1.000 28.587 ? 101 GLN A NE2 1 
ATOM   809  N N   . VAL A 1 104 ? 4.530   -7.674  -0.771  1.000 20.403 ? 102 VAL A N   1 
ATOM   810  C CA  . VAL A 1 104 ? 3.087   -7.407  -0.999  1.000 19.965 ? 102 VAL A CA  1 
ATOM   811  C C   . VAL A 1 104 ? 2.425   -8.713  -1.450  1.000 21.835 ? 102 VAL A C   1 
ATOM   812  O O   . VAL A 1 104 ? 2.762   -9.178  -2.584  1.000 20.979 ? 102 VAL A O   1 
ATOM   813  C CB  . VAL A 1 104 ? 2.858   -6.302  -2.038  1.000 19.795 ? 102 VAL A CB  1 
ATOM   814  C CG1 . VAL A 1 104 ? 1.382   -5.930  -2.090  1.000 21.121 ? 102 VAL A CG1 1 
ATOM   815  C CG2 . VAL A 1 104 ? 3.721   -5.085  -1.776  1.000 20.336 ? 102 VAL A CG2 1 
ATOM   816  N N   . MET A 1 105 ? 1.537   -9.245  -0.598  1.000 21.260 ? 103 MET A N   1 
ATOM   817  C CA  . MET A 1 105 ? 0.702   -10.447 -0.854  1.000 24.163 ? 103 MET A CA  1 
ATOM   818  C C   . MET A 1 105 ? -0.671  -9.944  -1.268  1.000 22.068 ? 103 MET A C   1 
ATOM   819  O O   . MET A 1 105 ? -1.186  -9.074  -0.569  1.000 21.761 ? 103 MET A O   1 
ATOM   820  C CB  . MET A 1 105 ? 0.498   -11.354 0.373   1.000 24.199 ? 103 MET A CB  1 
ATOM   821  C CG  . MET A 1 105 ? 1.727   -11.603 1.219   1.000 27.509 ? 103 MET A CG  1 
ATOM   822  S SD  . MET A 1 105 ? 2.909   -12.690 0.398   1.000 28.766 ? 103 MET A SD  1 
ATOM   823  C CE  . MET A 1 105 ? 2.008   -14.243 0.413   1.000 27.915 ? 103 MET A CE  1 
ATOM   824  N N   . VAL A 1 106 ? -1.207  -10.496 -2.351  1.000 21.933 ? 104 VAL A N   1 
ATOM   825  C CA  . VAL A 1 106 ? -2.598  -10.283 -2.825  1.000 21.797 ? 104 VAL A CA  1 
ATOM   826  C C   . VAL A 1 106 ? -3.313  -11.635 -2.730  1.000 22.996 ? 104 VAL A C   1 
ATOM   827  O O   . VAL A 1 106 ? -2.842  -12.588 -3.376  1.000 23.965 ? 104 VAL A O   1 
ATOM   828  C CB  . VAL A 1 106 ? -2.606  -9.725  -4.257  1.000 21.361 ? 104 VAL A CB  1 
ATOM   829  C CG1 . VAL A 1 106 ? -4.023  -9.461  -4.752  1.000 21.904 ? 104 VAL A CG1 1 
ATOM   830  C CG2 . VAL A 1 106 ? -1.739  -8.469  -4.370  1.000 21.103 ? 104 VAL A CG2 1 
ATOM   831  N N   . ASN A 1 107 ? -4.363  -11.724 -1.914  1.000 23.494 ? 105 ASN A N   1 
ATOM   832  C CA  . ASN A 1 107 ? -5.165  -12.962 -1.725  1.000 23.772 ? 105 ASN A CA  1 
ATOM   833  C C   . ASN A 1 107 ? -4.219  -14.145 -1.474  1.000 25.571 ? 105 ASN A C   1 
ATOM   834  O O   . ASN A 1 107 ? -4.400  -15.198 -2.110  1.000 25.363 ? 105 ASN A O   1 
ATOM   835  C CB  . ASN A 1 107 ? -6.090  -13.188 -2.928  1.000 24.221 ? 105 ASN A CB  1 
ATOM   836  C CG  . ASN A 1 107 ? -7.005  -12.008 -3.179  1.000 24.207 ? 105 ASN A CG  1 
ATOM   837  O OD1 . ASN A 1 107 ? -7.441  -11.355 -2.236  1.000 24.271 ? 105 ASN A OD1 1 
ATOM   838  N ND2 . ASN A 1 107 ? -7.280  -11.714 -4.438  1.000 22.826 ? 105 ASN A ND2 1 
ATOM   839  N N   . GLY A 1 108 ? -3.226  -13.962 -0.604  1.000 25.466 ? 106 GLY A N   1 
ATOM   840  C CA  . GLY A 1 108 ? -2.345  -15.040 -0.119  1.000 28.185 ? 106 GLY A CA  1 
ATOM   841  C C   . GLY A 1 108 ? -1.215  -15.392 -1.078  1.000 29.241 ? 106 GLY A C   1 
ATOM   842  O O   . GLY A 1 108 ? -0.524  -16.378 -0.788  1.000 32.235 ? 106 GLY A O   1 
ATOM   843  N N   . GLN A 1 109 ? -1.007  -14.631 -2.155  1.000 28.318 ? 107 GLN A N   1 
ATOM   844  C CA  . GLN A 1 109 ? 0.035   -14.890 -3.190  1.000 31.285 ? 107 GLN A CA  1 
ATOM   845  C C   . GLN A 1 109 ? 1.032   -13.715 -3.229  1.000 26.925 ? 107 GLN A C   1 
ATOM   846  O O   . GLN A 1 109 ? 0.597   -12.570 -3.384  1.000 24.947 ? 107 GLN A O   1 
ATOM   847  C CB  . GLN A 1 109 ? -0.651  -15.097 -4.544  1.000 36.064 ? 107 GLN A CB  1 
ATOM   848  C CG  . GLN A 1 109 ? 0.314   -15.317 -5.701  1.000 41.988 ? 107 GLN A CG  1 
ATOM   849  C CD  . GLN A 1 109 ? -0.185  -14.671 -6.971  1.000 46.912 ? 107 GLN A CD  1 
ATOM   850  O OE1 . GLN A 1 109 ? 0.326   -13.644 -7.420  1.000 57.516 ? 107 GLN A OE1 1 
ATOM   851  N NE2 . GLN A 1 109 ? -1.218  -15.262 -7.549  1.000 47.640 ? 107 GLN A NE2 1 
ATOM   852  N N   . SER A 1 110 ? 2.328   -13.990 -3.069  1.000 26.077 ? 108 SER A N   1 
ATOM   853  C CA  . SER A 1 110 ? 3.418   -12.986 -3.220  1.000 25.974 ? 108 SER A CA  1 
ATOM   854  C C   . SER A 1 110 ? 3.359   -12.419 -4.638  1.000 23.651 ? 108 SER A C   1 
ATOM   855  O O   . SER A 1 110 ? 3.400   -13.228 -5.583  1.000 22.840 ? 108 SER A O   1 
ATOM   856  C CB  . SER A 1 110 ? 4.784   -13.569 -2.916  1.000 25.913 ? 108 SER A CB  1 
ATOM   857  O OG  . SER A 1 110 ? 5.812   -12.621 -3.190  1.000 24.479 ? 108 SER A OG  1 
ATOM   858  N N   . SER A 1 111 ? 3.224   -11.098 -4.773  1.000 21.691 ? 109 SER A N   1 
ATOM   859  C CA  . SER A 1 111 ? 2.945   -10.421 -6.069  1.000 22.252 ? 109 SER A CA  1 
ATOM   860  C C   . SER A 1 111 ? 3.960   -9.309  -6.380  1.000 21.580 ? 109 SER A C   1 
ATOM   861  O O   . SER A 1 111 ? 4.224   -9.065  -7.579  1.000 21.658 ? 109 SER A O   1 
ATOM   862  C CB  . SER A 1 111 ? 1.530   -9.903  -6.083  1.000 24.369 ? 109 SER A CB  1 
ATOM   863  O OG  . SER A 1 111 ? 0.617   -10.925 -5.684  1.000 25.140 ? 109 SER A OG  1 
ATOM   864  N N   . TYR A 1 112 ? 4.463   -8.596  -5.370  1.000 21.088 ? 110 TYR A N   1 
ATOM   865  C CA  . TYR A 1 112 ? 5.369   -7.429  -5.543  1.000 22.144 ? 110 TYR A CA  1 
ATOM   866  C C   . TYR A 1 112 ? 6.310   -7.382  -4.342  1.000 20.779 ? 110 TYR A C   1 
ATOM   867  O O   . TYR A 1 112 ? 5.859   -7.662  -3.198  1.000 21.641 ? 110 TYR A O   1 
ATOM   868  C CB  . TYR A 1 112 ? 4.581   -6.112  -5.686  1.000 22.257 ? 110 TYR A CB  1 
ATOM   869  C CG  . TYR A 1 112 ? 3.336   -6.191  -6.541  1.000 21.836 ? 110 TYR A CG  1 
ATOM   870  C CD1 . TYR A 1 112 ? 2.097   -6.443  -5.977  1.000 21.156 ? 110 TYR A CD1 1 
ATOM   871  C CD2 . TYR A 1 112 ? 3.393   -6.040  -7.925  1.000 21.159 ? 110 TYR A CD2 1 
ATOM   872  C CE1 . TYR A 1 112 ? 0.950   -6.545  -6.750  1.000 20.773 ? 110 TYR A CE1 1 
ATOM   873  C CE2 . TYR A 1 112 ? 2.257   -6.171  -8.715  1.000 21.801 ? 110 TYR A CE2 1 
ATOM   874  C CZ  . TYR A 1 112 ? 1.028   -6.419  -8.123  1.000 21.288 ? 110 TYR A CZ  1 
ATOM   875  O OH  . TYR A 1 112 ? -0.116  -6.497  -8.872  1.000 21.513 ? 110 TYR A OH  1 
ATOM   876  N N   . THR A 1 113 ? 7.554   -6.974  -4.569  1.000 21.328 ? 111 THR A N   1 
ATOM   877  C CA  . THR A 1 113 ? 8.488   -6.579  -3.479  1.000 22.540 ? 111 THR A CA  1 
ATOM   878  C C   . THR A 1 113 ? 9.191   -5.280  -3.873  1.000 22.971 ? 111 THR A C   1 
ATOM   879  O O   . THR A 1 113 ? 9.157   -4.911  -5.043  1.000 24.123 ? 111 THR A O   1 
ATOM   880  C CB  . THR A 1 113 ? 9.464   -7.712  -3.102  1.000 23.489 ? 111 THR A CB  1 
ATOM   881  O OG1 . THR A 1 113 ? 10.347  -7.967  -4.194  1.000 26.192 ? 111 THR A OG1 1 
ATOM   882  C CG2 . THR A 1 113 ? 8.786   -9.018  -2.731  1.000 23.779 ? 111 THR A CG2 1 
ATOM   883  N N   . PHE A 1 114 ? 9.779   -4.596  -2.891  1.000 22.856 ? 112 PHE A N   1 
ATOM   884  C CA  . PHE A 1 114 ? 10.326  -3.219  -3.015  1.000 21.786 ? 112 PHE A CA  1 
ATOM   885  C C   . PHE A 1 114 ? 11.361  -3.022  -1.910  1.000 20.984 ? 112 PHE A C   1 
ATOM   886  O O   . PHE A 1 114 ? 10.981  -3.003  -0.727  1.000 18.400 ? 112 PHE A O   1 
ATOM   887  C CB  . PHE A 1 114 ? 9.214   -2.178  -2.886  1.000 20.698 ? 112 PHE A CB  1 
ATOM   888  C CG  . PHE A 1 114 ? 9.646   -0.744  -3.095  1.000 19.562 ? 112 PHE A CG  1 
ATOM   889  C CD1 . PHE A 1 114 ? 9.687   -0.192  -4.362  1.000 18.978 ? 112 PHE A CD1 1 
ATOM   890  C CD2 . PHE A 1 114 ? 9.975   0.066   -2.025  1.000 19.543 ? 112 PHE A CD2 1 
ATOM   891  C CE1 . PHE A 1 114 ? 10.044  1.135   -4.549  1.000 18.868 ? 112 PHE A CE1 1 
ATOM   892  C CE2 . PHE A 1 114 ? 10.337  1.392   -2.212  1.000 18.875 ? 112 PHE A CE2 1 
ATOM   893  C CZ  . PHE A 1 114 ? 10.356  1.928   -3.473  1.000 18.368 ? 112 PHE A CZ  1 
ATOM   894  N N   . ASP A 1 115 ? 12.635  -2.943  -2.290  1.000 21.649 ? 113 ASP A N   1 
ATOM   895  C CA  . ASP A 1 115 ? 13.754  -2.854  -1.325  1.000 21.573 ? 113 ASP A CA  1 
ATOM   896  C C   . ASP A 1 115 ? 13.603  -1.533  -0.561  1.000 20.266 ? 113 ASP A C   1 
ATOM   897  O O   . ASP A 1 115 ? 13.178  -0.542  -1.182  1.000 20.575 ? 113 ASP A O   1 
ATOM   898  C CB  . ASP A 1 115 ? 15.094  -2.975  -2.040  1.000 23.269 ? 113 ASP A CB  1 
ATOM   899  C CG  . ASP A 1 115 ? 15.363  -4.340  -2.662  1.000 24.558 ? 113 ASP A CG  1 
ATOM   900  O OD1 . ASP A 1 115 ? 14.628  -5.303  -2.364  1.000 22.370 ? 113 ASP A OD1 1 
ATOM   901  O OD2 . ASP A 1 115 ? 16.289  -4.406  -3.470  1.000 26.133 ? 113 ASP A OD2 1 
ATOM   902  N N   . HIS A 1 116 ? 13.945  -1.525  0.726   1.000 20.513 ? 114 HIS A N   1 
ATOM   903  C CA  . HIS A 1 116 ? 13.881  -0.315  1.588   1.000 21.901 ? 114 HIS A CA  1 
ATOM   904  C C   . HIS A 1 116 ? 14.835  0.716   0.991   1.000 23.251 ? 114 HIS A C   1 
ATOM   905  O O   . HIS A 1 116 ? 16.004  0.379   0.739   1.000 23.684 ? 114 HIS A O   1 
ATOM   906  C CB  . HIS A 1 116 ? 14.232  -0.618  3.049   1.000 22.245 ? 114 HIS A CB  1 
ATOM   907  C CG  . HIS A 1 116 ? 13.295  -1.575  3.700   1.000 22.166 ? 114 HIS A CG  1 
ATOM   908  N ND1 . HIS A 1 116 ? 11.945  -1.363  3.731   1.000 21.858 ? 114 HIS A ND1 1 
ATOM   909  C CD2 . HIS A 1 116 ? 13.514  -2.737  4.349   1.000 23.033 ? 114 HIS A CD2 1 
ATOM   910  C CE1 . HIS A 1 116 ? 11.363  -2.366  4.361   1.000 22.841 ? 114 HIS A CE1 1 
ATOM   911  N NE2 . HIS A 1 116 ? 12.302  -3.233  4.741   1.000 20.700 ? 114 HIS A NE2 1 
ATOM   912  N N   . ARG A 1 117 ? 14.336  1.911   0.734   1.000 23.520 ? 115 ARG A N   1 
ATOM   913  C CA  . ARG A 1 117 ? 15.177  3.080   0.393   1.000 23.560 ? 115 ARG A CA  1 
ATOM   914  C C   . ARG A 1 117 ? 15.431  3.884   1.660   1.000 25.480 ? 115 ARG A C   1 
ATOM   915  O O   . ARG A 1 117 ? 16.502  4.481   1.756   1.000 28.115 ? 115 ARG A O   1 
ATOM   916  C CB  . ARG A 1 117 ? 14.445  3.870   -0.682  1.000 23.452 ? 115 ARG A CB  1 
ATOM   917  C CG  . ARG A 1 117 ? 14.386  3.100   -1.987  1.000 23.414 ? 115 ARG A CG  1 
ATOM   918  C CD  . ARG A 1 117 ? 13.608  3.897   -2.974  1.000 22.771 ? 115 ARG A CD  1 
ATOM   919  N NE  . ARG A 1 117 ? 13.453  3.166   -4.206  1.000 23.612 ? 115 ARG A NE  1 
ATOM   920  C CZ  . ARG A 1 117 ? 12.793  3.627   -5.249  1.000 22.270 ? 115 ARG A CZ  1 
ATOM   921  N NH1 . ARG A 1 117 ? 12.196  4.809   -5.178  1.000 20.567 ? 115 ARG A NH1 1 
ATOM   922  N NH2 . ARG A 1 117 ? 12.735  2.894   -6.347  1.000 22.415 ? 115 ARG A NH2 1 
ATOM   923  N N   . ILE A 1 118 ? 14.457  3.887   2.569   1.000 25.707 ? 116 ILE A N   1 
ATOM   924  C CA  . ILE A 1 118 ? 14.485  4.577   3.888   1.000 25.271 ? 116 ILE A CA  1 
ATOM   925  C C   . ILE A 1 118 ? 14.135  3.518   4.933   1.000 24.619 ? 116 ILE A C   1 
ATOM   926  O O   . ILE A 1 118 ? 13.294  2.666   4.635   1.000 23.688 ? 116 ILE A O   1 
ATOM   927  C CB  . ILE A 1 118 ? 13.479  5.745   3.903   1.000 26.531 ? 116 ILE A CB  1 
ATOM   928  C CG1 . ILE A 1 118 ? 13.808  6.784   2.827   1.000 28.535 ? 116 ILE A CG1 1 
ATOM   929  C CG2 . ILE A 1 118 ? 13.389  6.362   5.297   1.000 27.987 ? 116 ILE A CG2 1 
ATOM   930  C CD1 . ILE A 1 118 ? 12.695  7.793   2.561   1.000 29.059 ? 116 ILE A CD1 1 
ATOM   931  N N   . LYS A 1 119 ? 14.734  3.592   6.117   1.000 23.864 ? 117 LYS A N   1 
ATOM   932  C CA  . LYS A 1 119 ? 14.407  2.681   7.245   1.000 23.102 ? 117 LYS A CA  1 
ATOM   933  C C   . LYS A 1 119 ? 12.894  2.734   7.485   1.000 21.471 ? 117 LYS A C   1 
ATOM   934  O O   . LYS A 1 119 ? 12.297  3.810   7.529   1.000 19.586 ? 117 LYS A O   1 
ATOM   935  C CB  . LYS A 1 119 ? 15.212  3.065   8.489   1.000 24.855 ? 117 LYS A CB  1 
ATOM   936  C CG  . LYS A 1 119 ? 14.903  4.440   9.057   1.000 26.298 ? 117 LYS A CG  1 
ATOM   937  C CD  . LYS A 1 119 ? 15.647  4.746   10.321  1.000 28.205 ? 117 LYS A CD  1 
ATOM   938  C CE  . LYS A 1 119 ? 15.294  6.121   10.845  1.000 29.930 ? 117 LYS A CE  1 
ATOM   939  N NZ  . LYS A 1 119 ? 16.133  6.470   12.016  1.000 32.868 ? 117 LYS A NZ  1 
ATOM   940  N N   . PRO A 1 120 ? 12.211  1.580   7.631   1.000 21.203 ? 118 PRO A N   1 
ATOM   941  C CA  . PRO A 1 120 ? 10.769  1.589   7.891   1.000 21.595 ? 118 PRO A CA  1 
ATOM   942  C C   . PRO A 1 120 ? 10.395  2.300   9.198   1.000 21.192 ? 118 PRO A C   1 
ATOM   943  O O   . PRO A 1 120 ? 9.250   2.714   9.336   1.000 20.639 ? 118 PRO A O   1 
ATOM   944  C CB  . PRO A 1 120 ? 10.359  0.109   7.931   1.000 21.569 ? 118 PRO A CB  1 
ATOM   945  C CG  . PRO A 1 120 ? 11.650  -0.676  8.003   1.000 22.397 ? 118 PRO A CG  1 
ATOM   946  C CD  . PRO A 1 120 ? 12.750  0.223   7.474   1.000 21.594 ? 118 PRO A CD  1 
ATOM   947  N N   . GLU A 1 121 ? 11.358  2.448   10.102  1.000 21.839 ? 119 GLU A N   1 
ATOM   948  C CA  . GLU A 1 121 ? 11.198  3.194   11.382  1.000 24.260 ? 119 GLU A CA  1 
ATOM   949  C C   . GLU A 1 121 ? 10.835  4.663   11.111  1.000 23.186 ? 119 GLU A C   1 
ATOM   950  O O   . GLU A 1 121 ? 10.251  5.278   12.006  1.000 23.879 ? 119 GLU A O   1 
ATOM   951  C CB  . GLU A 1 121 ? 12.479  3.093   12.224  1.000 26.568 ? 119 GLU A CB  1 
ATOM   952  C CG  . GLU A 1 121 ? 12.651  1.735   12.894  1.000 27.814 ? 119 GLU A CG  1 
ATOM   953  C CD  . GLU A 1 121 ? 13.165  0.588   12.037  1.000 29.490 ? 119 GLU A CD  1 
ATOM   954  O OE1 . GLU A 1 121 ? 13.627  0.816   10.883  1.000 26.217 ? 119 GLU A OE1 1 
ATOM   955  O OE2 . GLU A 1 121 ? 13.078  -0.563  12.529  1.000 33.964 ? 119 GLU A OE2 1 
ATOM   956  N N   . ALA A 1 122 ? 11.121  5.203   9.926   1.000 21.757 ? 120 ALA A N   1 
ATOM   957  C CA  . ALA A 1 122 ? 10.755  6.589   9.546   1.000 20.793 ? 120 ALA A CA  1 
ATOM   958  C C   . ALA A 1 122 ? 9.231   6.749   9.397   1.000 21.281 ? 120 ALA A C   1 
ATOM   959  O O   . ALA A 1 122 ? 8.763   7.893   9.461   1.000 22.024 ? 120 ALA A O   1 
ATOM   960  C CB  . ALA A 1 122 ? 11.466  6.978   8.286   1.000 19.447 ? 120 ALA A CB  1 
ATOM   961  N N   . VAL A 1 123 ? 8.485   5.663   9.171   1.000 20.431 ? 121 VAL A N   1 
ATOM   962  C CA  . VAL A 1 123 ? 7.019   5.715   8.891   1.000 19.144 ? 121 VAL A CA  1 
ATOM   963  C C   . VAL A 1 123 ? 6.268   6.152   10.157  1.000 19.832 ? 121 VAL A C   1 
ATOM   964  O O   . VAL A 1 123 ? 6.518   5.571   11.233  1.000 19.271 ? 121 VAL A O   1 
ATOM   965  C CB  . VAL A 1 123 ? 6.497   4.368   8.368   1.000 19.138 ? 121 VAL A CB  1 
ATOM   966  C CG1 . VAL A 1 123 ? 4.973   4.365   8.295   1.000 18.711 ? 121 VAL A CG1 1 
ATOM   967  C CG2 . VAL A 1 123 ? 7.141   4.007   7.012   1.000 19.530 ? 121 VAL A CG2 1 
ATOM   968  N N   . LYS A 1 124 ? 5.376   7.128   10.025  1.000 19.074 ? 122 LYS A N   1 
ATOM   969  C CA  . LYS A 1 124 ? 4.486   7.609   11.112  1.000 21.186 ? 122 LYS A CA  1 
ATOM   970  C C   . LYS A 1 124 ? 3.007   7.506   10.723  1.000 20.941 ? 122 LYS A C   1 
ATOM   971  O O   . LYS A 1 124 ? 2.153   7.724   11.589  1.000 19.599 ? 122 LYS A O   1 
ATOM   972  C CB  . LYS A 1 124 ? 4.874   9.050   11.418  1.000 23.372 ? 122 LYS A CB  1 
ATOM   973  C CG  . LYS A 1 124 ? 6.248   9.169   12.049  1.000 27.038 ? 122 LYS A CG  1 
ATOM   974  C CD  . LYS A 1 124 ? 6.422   10.449  12.810  1.000 31.497 ? 122 LYS A CD  1 
ATOM   975  C CE  . LYS A 1 124 ? 7.784   10.526  13.462  1.000 36.248 ? 122 LYS A CE  1 
ATOM   976  N NZ  . LYS A 1 124 ? 8.150   11.939  13.714  1.000 41.796 ? 122 LYS A NZ  1 
ATOM   977  N N   . MET A 1 125 ? 2.694   7.203   9.462   1.000 21.788 ? 123 MET A N   1 
ATOM   978  C CA  . MET A 1 125 ? 1.308   7.282   8.946   1.000 20.501 ? 123 MET A CA  1 
ATOM   979  C C   . MET A 1 125 ? 1.172   6.412   7.690   1.000 20.507 ? 123 MET A C   1 
ATOM   980  O O   . MET A 1 125 ? 2.104   6.385   6.848   1.000 17.771 ? 123 MET A O   1 
ATOM   981  C CB  . MET A 1 125 ? 0.954   8.736   8.628   1.000 21.704 ? 123 MET A CB  1 
ATOM   982  C CG  . MET A 1 125 ? -0.482  8.923   8.183   1.000 22.329 ? 123 MET A CG  1 
ATOM   983  S SD  . MET A 1 125 ? -0.649  8.946   6.386   1.000 21.357 ? 123 MET A SD  1 
ATOM   984  C CE  . MET A 1 125 ? -0.375  10.680  6.035   1.000 23.409 ? 123 MET A CE  1 
ATOM   985  N N   . VAL A 1 126 ? 0.016   5.756   7.568   1.000 20.249 ? 124 VAL A N   1 
ATOM   986  C CA  . VAL A 1 126 ? -0.412  5.046   6.336   1.000 19.778 ? 124 VAL A CA  1 
ATOM   987  C C   . VAL A 1 126 ? -1.683  5.709   5.814   1.000 20.850 ? 124 VAL A C   1 
ATOM   988  O O   . VAL A 1 126 ? -2.629  5.927   6.618   1.000 22.073 ? 124 VAL A O   1 
ATOM   989  C CB  . VAL A 1 126 ? -0.612  3.549   6.607   1.000 20.584 ? 124 VAL A CB  1 
ATOM   990  C CG1 . VAL A 1 126 ? -0.982  2.797   5.339   1.000 20.198 ? 124 VAL A CG1 1 
ATOM   991  C CG2 . VAL A 1 126 ? 0.617   2.933   7.249   1.000 20.482 ? 124 VAL A CG2 1 
ATOM   992  N N   . GLN A 1 127 ? -1.727  5.995   4.511   1.000 20.926 ? 125 GLN A N   1 
ATOM   993  C CA  . GLN A 1 127 ? -2.955  6.471   3.822   1.000 20.816 ? 125 GLN A CA  1 
ATOM   994  C C   . GLN A 1 127 ? -3.349  5.479   2.718   1.000 21.030 ? 125 GLN A C   1 
ATOM   995  O O   . GLN A 1 127 ? -2.472  5.110   1.899   1.000 18.141 ? 125 GLN A O   1 
ATOM   996  C CB  . GLN A 1 127 ? -2.775  7.886   3.276   1.000 20.943 ? 125 GLN A CB  1 
ATOM   997  C CG  . GLN A 1 127 ? -4.106  8.500   2.843   1.000 22.704 ? 125 GLN A CG  1 
ATOM   998  C CD  . GLN A 1 127 ? -3.991  9.958   2.485   1.000 23.986 ? 125 GLN A CD  1 
ATOM   999  O OE1 . GLN A 1 127 ? -3.290  10.329  1.551   1.000 24.765 ? 125 GLN A OE1 1 
ATOM   1000 N NE2 . GLN A 1 127 ? -4.653  10.807  3.253   1.000 26.344 ? 125 GLN A NE2 1 
ATOM   1001 N N   . VAL A 1 128 ? -4.622  5.055   2.729   1.000 20.240 ? 126 VAL A N   1 
ATOM   1002 C CA  . VAL A 1 128 ? -5.247  4.164   1.706   1.000 19.320 ? 126 VAL A CA  1 
ATOM   1003 C C   . VAL A 1 128 ? -6.350  4.965   1.027   1.000 18.576 ? 126 VAL A C   1 
ATOM   1004 O O   . VAL A 1 128 ? -7.272  5.415   1.750   1.000 18.045 ? 126 VAL A O   1 
ATOM   1005 C CB  . VAL A 1 128 ? -5.842  2.885   2.320   1.000 20.147 ? 126 VAL A CB  1 
ATOM   1006 C CG1 . VAL A 1 128 ? -6.408  1.963   1.247   1.000 20.182 ? 126 VAL A CG1 1 
ATOM   1007 C CG2 . VAL A 1 128 ? -4.847  2.153   3.193   1.000 20.888 ? 126 VAL A CG2 1 
ATOM   1008 N N   . TRP A 1 129 ? -6.271  5.151   -0.288  1.000 17.594 ? 127 TRP A N   1 
ATOM   1009 C CA  . TRP A 1 129 ? -7.195  6.056   -1.010  1.000 17.141 ? 127 TRP A CA  1 
ATOM   1010 C C   . TRP A 1 129 ? -7.299  5.661   -2.484  1.000 18.058 ? 127 TRP A C   1 
ATOM   1011 O O   . TRP A 1 129 ? -6.796  4.548   -2.835  1.000 15.741 ? 127 TRP A O   1 
ATOM   1012 C CB  . TRP A 1 129 ? -6.763  7.509   -0.759  1.000 17.401 ? 127 TRP A CB  1 
ATOM   1013 C CG  . TRP A 1 129 ? -5.445  7.915   -1.347  1.000 17.320 ? 127 TRP A CG  1 
ATOM   1014 C CD1 . TRP A 1 129 ? -4.208  7.436   -1.030  1.000 17.038 ? 127 TRP A CD1 1 
ATOM   1015 C CD2 . TRP A 1 129 ? -5.233  8.950   -2.320  1.000 17.649 ? 127 TRP A CD2 1 
ATOM   1016 N NE1 . TRP A 1 129 ? -3.247  8.086   -1.757  1.000 17.494 ? 127 TRP A NE1 1 
ATOM   1017 C CE2 . TRP A 1 129 ? -3.843  9.021   -2.555  1.000 17.454 ? 127 TRP A CE2 1 
ATOM   1018 C CE3 . TRP A 1 129 ? -6.081  9.800   -3.039  1.000 17.878 ? 127 TRP A CE3 1 
ATOM   1019 C CZ2 . TRP A 1 129 ? -3.291  9.910   -3.473  1.000 17.850 ? 127 TRP A CZ2 1 
ATOM   1020 C CZ3 . TRP A 1 129 ? -5.534  10.671  -3.955  1.000 18.172 ? 127 TRP A CZ3 1 
ATOM   1021 C CH2 . TRP A 1 129 ? -4.157  10.730  -4.156  1.000 18.806 ? 127 TRP A CH2 1 
ATOM   1022 N N   . ARG A 1 130 ? -8.024  6.490   -3.263  1.000 17.959 ? 128 ARG A N   1 
ATOM   1023 C CA  . ARG A 1 130 ? -8.468  6.273   -4.667  1.000 17.732 ? 128 ARG A CA  1 
ATOM   1024 C C   . ARG A 1 130 ? -9.681  5.330   -4.665  1.000 17.712 ? 128 ARG A C   1 
ATOM   1025 O O   . ARG A 1 130 ? -10.485 5.444   -3.742  1.000 18.142 ? 128 ARG A O   1 
ATOM   1026 C CB  . ARG A 1 130 ? -7.281  5.886   -5.550  1.000 18.320 ? 128 ARG A CB  1 
ATOM   1027 C CG  . ARG A 1 130 ? -6.108  6.847   -5.384  1.000 18.928 ? 128 ARG A CG  1 
ATOM   1028 C CD  . ARG A 1 130 ? -5.353  7.036   -6.657  1.000 18.951 ? 128 ARG A CD  1 
ATOM   1029 N NE  . ARG A 1 130 ? -4.114  7.782   -6.589  1.000 18.154 ? 128 ARG A NE  1 
ATOM   1030 C CZ  . ARG A 1 130 ? -3.928  9.013   -7.080  1.000 19.334 ? 128 ARG A CZ  1 
ATOM   1031 N NH1 . ARG A 1 130 ? -4.942  9.704   -7.581  1.000 19.145 ? 128 ARG A NH1 1 
ATOM   1032 N NH2 . ARG A 1 130 ? -2.726  9.572   -7.036  1.000 18.348 ? 128 ARG A NH2 1 
ATOM   1033 N N   . ASP A 1 131 ? -9.886  4.520   -5.705  1.000 17.709 ? 129 ASP A N   1 
ATOM   1034 C CA  . ASP A 1 131 ? -11.254 4.120   -6.155  1.000 18.168 ? 129 ASP A CA  1 
ATOM   1035 C C   . ASP A 1 131 ? -11.637 2.773   -5.522  1.000 19.021 ? 129 ASP A C   1 
ATOM   1036 O O   . ASP A 1 131 ? -11.955 1.807   -6.269  1.000 18.618 ? 129 ASP A O   1 
ATOM   1037 C CB  . ASP A 1 131 ? -11.357 4.122   -7.677  1.000 17.169 ? 129 ASP A CB  1 
ATOM   1038 C CG  . ASP A 1 131 ? -10.912 5.446   -8.266  1.000 19.726 ? 129 ASP A CG  1 
ATOM   1039 O OD1 . ASP A 1 131 ? -11.553 6.478   -7.942  1.000 19.081 ? 129 ASP A OD1 1 
ATOM   1040 O OD2 . ASP A 1 131 ? -9.915  5.444   -8.995  1.000 19.558 ? 129 ASP A OD2 1 
ATOM   1041 N N   . ILE A 1 132 ? -11.674 2.712   -4.188  1.000 19.735 ? 130 ILE A N   1 
ATOM   1042 C CA  . ILE A 1 132 ? -12.020 1.451   -3.460  1.000 19.890 ? 130 ILE A CA  1 
ATOM   1043 C C   . ILE A 1 132 ? -12.979 1.781   -2.322  1.000 19.944 ? 130 ILE A C   1 
ATOM   1044 O O   . ILE A 1 132 ? -12.988 2.928   -1.882  1.000 18.225 ? 130 ILE A O   1 
ATOM   1045 C CB  . ILE A 1 132 ? -10.761 0.733   -2.934  1.000 19.172 ? 130 ILE A CB  1 
ATOM   1046 C CG1 . ILE A 1 132 ? -9.967  1.621   -1.977  1.000 20.560 ? 130 ILE A CG1 1 
ATOM   1047 C CG2 . ILE A 1 132 ? -9.884  0.220   -4.066  1.000 17.997 ? 130 ILE A CG2 1 
ATOM   1048 C CD1 . ILE A 1 132 ? -9.483  0.873   -0.784  1.000 23.825 ? 130 ILE A CD1 1 
ATOM   1049 N N   . SER A 1 133 ? -13.757 0.776   -1.906  1.000 20.934 ? 131 SER A N   1 
ATOM   1050 C CA  . SER A 1 133 ? -14.358 0.650   -0.562  1.000 22.779 ? 131 SER A CA  1 
ATOM   1051 C C   . SER A 1 133 ? -13.411 -0.179  0.308   1.000 22.630 ? 131 SER A C   1 
ATOM   1052 O O   . SER A 1 133 ? -12.712 -1.052  -0.217  1.000 22.524 ? 131 SER A O   1 
ATOM   1053 C CB  . SER A 1 133 ? -15.725 0.027   -0.636  1.000 23.066 ? 131 SER A CB  1 
ATOM   1054 O OG  . SER A 1 133 ? -15.649 -1.231  -1.278  1.000 23.759 ? 131 SER A OG  1 
ATOM   1055 N N   . LEU A 1 134 ? -13.407 0.101   1.598   1.000 23.781 ? 132 LEU A N   1 
ATOM   1056 C CA  . LEU A 1 134 ? -12.448 -0.450  2.577   1.000 25.508 ? 132 LEU A CA  1 
ATOM   1057 C C   . LEU A 1 134 ? -13.271 -1.035  3.732   1.000 25.860 ? 132 LEU A C   1 
ATOM   1058 O O   . LEU A 1 134 ? -14.045 -0.271  4.337   1.000 25.768 ? 132 LEU A O   1 
ATOM   1059 C CB  . LEU A 1 134 ? -11.548 0.720   2.986   1.000 27.320 ? 132 LEU A CB  1 
ATOM   1060 C CG  . LEU A 1 134 ? -10.348 0.404   3.866   1.000 30.761 ? 132 LEU A CG  1 
ATOM   1061 C CD1 . LEU A 1 134 ? -9.414  -0.588  3.197   1.000 34.214 ? 132 LEU A CD1 1 
ATOM   1062 C CD2 . LEU A 1 134 ? -9.592  1.682   4.211   1.000 30.960 ? 132 LEU A CD2 1 
ATOM   1063 N N   . THR A 1 135 ? -13.147 -2.339  3.990   1.000 25.128 ? 133 THR A N   1 
ATOM   1064 C CA  . THR A 1 135 ? -13.859 -3.044  5.084   1.000 26.339 ? 133 THR A CA  1 
ATOM   1065 C C   . THR A 1 135 ? -12.901 -3.338  6.245   1.000 27.660 ? 133 THR A C   1 
ATOM   1066 O O   . THR A 1 135 ? -13.414 -3.485  7.354   1.000 27.032 ? 133 THR A O   1 
ATOM   1067 C CB  . THR A 1 135 ? -14.576 -4.290  4.557   1.000 27.733 ? 133 THR A CB  1 
ATOM   1068 O OG1 . THR A 1 135 ? -13.643 -5.119  3.868   1.000 28.066 ? 133 THR A OG1 1 
ATOM   1069 C CG2 . THR A 1 135 ? -15.721 -3.924  3.635   1.000 29.656 ? 133 THR A CG2 1 
ATOM   1070 N N   . LYS A 1 136 ? -11.586 -3.453  6.011   1.000 28.410 ? 134 LYS A N   1 
ATOM   1071 C CA  . LYS A 1 136 ? -10.582 -3.795  7.063   1.000 30.155 ? 134 LYS A CA  1 
ATOM   1072 C C   . LYS A 1 136 ? -9.264  -3.046  6.807   1.000 26.752 ? 134 LYS A C   1 
ATOM   1073 O O   . LYS A 1 136 ? -8.769  -3.057  5.662   1.000 23.521 ? 134 LYS A O   1 
ATOM   1074 C CB  . LYS A 1 136 ? -10.274 -5.298  7.122   1.000 36.957 ? 134 LYS A CB  1 
ATOM   1075 C CG  . LYS A 1 136 ? -11.460 -6.260  7.137   1.000 46.321 ? 134 LYS A CG  1 
ATOM   1076 C CD  . LYS A 1 136 ? -12.123 -6.452  8.497   1.000 53.874 ? 134 LYS A CD  1 
ATOM   1077 C CE  . LYS A 1 136 ? -13.608 -6.782  8.408   1.000 60.458 ? 134 LYS A CE  1 
ATOM   1078 N NZ  . LYS A 1 136 ? -13.898 -7.976  7.571   1.000 63.065 ? 134 LYS A NZ  1 
ATOM   1079 N N   . PHE A 1 137 ? -8.706  -2.443  7.855   1.000 23.398 ? 135 PHE A N   1 
ATOM   1080 C CA  . PHE A 1 137 ? -7.296  -1.974  7.930   1.000 23.118 ? 135 PHE A CA  1 
ATOM   1081 C C   . PHE A 1 137 ? -6.690  -2.370  9.285   1.000 22.171 ? 135 PHE A C   1 
ATOM   1082 O O   . PHE A 1 137 ? -7.318  -2.059  10.320  1.000 22.765 ? 135 PHE A O   1 
ATOM   1083 C CB  . PHE A 1 137 ? -7.216  -0.454  7.746   1.000 22.695 ? 135 PHE A CB  1 
ATOM   1084 C CG  . PHE A 1 137 ? -5.811  0.088   7.735   1.000 21.179 ? 135 PHE A CG  1 
ATOM   1085 C CD1 . PHE A 1 137 ? -5.159  0.392   8.914   1.000 21.361 ? 135 PHE A CD1 1 
ATOM   1086 C CD2 . PHE A 1 137 ? -5.135  0.286   6.540   1.000 21.542 ? 135 PHE A CD2 1 
ATOM   1087 C CE1 . PHE A 1 137 ? -3.871  0.894   8.907   1.000 20.160 ? 135 PHE A CE1 1 
ATOM   1088 C CE2 . PHE A 1 137 ? -3.835  0.760   6.534   1.000 20.641 ? 135 PHE A CE2 1 
ATOM   1089 C CZ  . PHE A 1 137 ? -3.206  1.064   7.717   1.000 20.615 ? 135 PHE A CZ  1 
ATOM   1090 N N   . ASN A 1 138 ? -5.517  -3.024  9.283   1.000 22.032 ? 136 ASN A N   1 
ATOM   1091 C CA  . ASN A 1 138 ? -4.793  -3.448  10.514  1.000 22.488 ? 136 ASN A CA  1 
ATOM   1092 C C   . ASN A 1 138 ? -3.286  -3.352  10.277  1.000 22.647 ? 136 ASN A C   1 
ATOM   1093 O O   . ASN A 1 138 ? -2.807  -3.828  9.234   1.000 21.059 ? 136 ASN A O   1 
ATOM   1094 C CB  . ASN A 1 138 ? -5.184  -4.856  10.988  1.000 22.750 ? 136 ASN A CB  1 
ATOM   1095 C CG  . ASN A 1 138 ? -6.551  -4.879  11.645  1.000 25.210 ? 136 ASN A CG  1 
ATOM   1096 O OD1 . ASN A 1 138 ? -7.548  -5.148  10.982  1.000 28.246 ? 136 ASN A OD1 1 
ATOM   1097 N ND2 . ASN A 1 138 ? -6.633  -4.504  12.913  1.000 24.246 ? 136 ASN A ND2 1 
ATOM   1098 N N   . VAL A 1 139 ? -2.587  -2.763  11.241  1.000 25.227 ? 137 VAL A N   1 
ATOM   1099 C CA  . VAL A 1 139 ? -1.117  -2.894  11.452  1.000 25.799 ? 137 VAL A CA  1 
ATOM   1100 C C   . VAL A 1 139 ? -0.915  -3.817  12.659  1.000 27.368 ? 137 VAL A C   1 
ATOM   1101 O O   . VAL A 1 139 ? -1.473  -3.509  13.728  1.000 26.731 ? 137 VAL A O   1 
ATOM   1102 C CB  . VAL A 1 139 ? -0.485  -1.502  11.635  1.000 25.326 ? 137 VAL A CB  1 
ATOM   1103 C CG1 . VAL A 1 139 ? 1.034   -1.562  11.717  1.000 27.214 ? 137 VAL A CG1 1 
ATOM   1104 C CG2 . VAL A 1 139 ? -0.914  -0.548  10.536  1.000 26.021 ? 137 VAL A CG2 1 
ATOM   1105 N N   . SER A 1 140 ? -0.184  -4.921  12.497  1.000 28.617 ? 138 SER A N   1 
ATOM   1106 C CA  . SER A 1 140 ? 0.377   -5.718  13.627  1.000 32.995 ? 138 SER A CA  1 
ATOM   1107 C C   . SER A 1 140 ? 1.431   -4.906  14.412  1.000 41.859 ? 138 SER A C   1 
ATOM   1108 O O   . SER A 1 140 ? 2.169   -4.083  13.790  1.000 43.891 ? 138 SER A O   1 
ATOM   1109 C CB  . SER A 1 140 ? 0.987   -6.980  13.139  1.000 31.473 ? 138 SER A CB  1 
ATOM   1110 O OG  . SER A 1 140 ? 2.152   -6.649  12.411  1.000 28.558 ? 138 SER A OG  1 
ATOM   1111 N N   . TYR A 1 141 ? 1.555   -5.181  15.719  1.000 47.496 ? 139 TYR A N   1 
ATOM   1112 C CA  . TYR A 1 141 ? 2.498   -4.515  16.662  1.000 50.200 ? 139 TYR A CA  1 
ATOM   1113 C C   . TYR A 1 141 ? 3.055   -5.510  17.691  1.000 55.038 ? 139 TYR A C   1 
ATOM   1114 O O   . TYR A 1 141 ? 3.467   -5.033  18.761  1.000 55.552 ? 139 TYR A O   1 
ATOM   1115 C CB  . TYR A 1 141 ? 1.787   -3.385  17.420  1.000 48.103 ? 139 TYR A CB  1 
ATOM   1116 C CG  . TYR A 1 141 ? 1.494   -2.155  16.608  1.000 42.835 ? 139 TYR A CG  1 
ATOM   1117 C CD1 . TYR A 1 141 ? 2.526   -1.335  16.177  1.000 42.751 ? 139 TYR A CD1 1 
ATOM   1118 C CD2 . TYR A 1 141 ? 0.193   -1.804  16.283  1.000 39.867 ? 139 TYR A CD2 1 
ATOM   1119 C CE1 . TYR A 1 141 ? 2.277   -0.192  15.436  1.000 42.362 ? 139 TYR A CE1 1 
ATOM   1120 C CE2 . TYR A 1 141 ? -0.073  -0.676  15.522  1.000 41.123 ? 139 TYR A CE2 1 
ATOM   1121 C CZ  . TYR A 1 141 ? 0.975   0.131   15.101  1.000 40.574 ? 139 TYR A CZ  1 
ATOM   1122 O OH  . TYR A 1 141 ? 0.736   1.252   14.374  1.000 40.521 ? 139 TYR A OH  1 
ATOM   1123 N N   . LEU A 1 142 ? 3.073   -6.824  17.410  1.000 68.397 ? 140 LEU A N   1 
ATOM   1124 C CA  . LEU A 1 142 ? 3.382   -7.868  18.437  1.000 73.637 ? 140 LEU A CA  1 
ATOM   1125 C C   . LEU A 1 142 ? 4.888   -7.879  18.760  1.000 77.171 ? 140 LEU A C   1 
ATOM   1126 O O   . LEU A 1 142 ? 5.243   -8.336  19.872  1.000 69.946 ? 140 LEU A O   1 
ATOM   1127 C CB  . LEU A 1 142 ? 2.931   -9.260  17.975  1.000 76.598 ? 140 LEU A CB  1 
ATOM   1128 C CG  . LEU A 1 142 ? 1.438   -9.488  17.696  1.000 76.887 ? 140 LEU A CG  1 
ATOM   1129 C CD1 . LEU A 1 142 ? 1.056   -10.934 18.000  1.000 72.383 ? 140 LEU A CD1 1 
ATOM   1130 C CD2 . LEU A 1 142 ? 0.530   -8.529  18.468  1.000 75.369 ? 140 LEU A CD2 1 
ATOM   1131 N N   . LYS A 1 143 ? 5.741   -7.411  17.838  1.000 83.707 ? 141 LYS A N   1 
ATOM   1132 C CA  . LYS A 1 143 ? 7.203   -7.708  17.836  1.000 84.255 ? 141 LYS A CA  1 
ATOM   1133 C C   . LYS A 1 143 ? 7.993   -6.532  18.437  1.000 85.157 ? 141 LYS A C   1 
ATOM   1134 O O   . LYS A 1 143 ? 7.476   -5.383  18.439  1.000 74.301 ? 141 LYS A O   1 
ATOM   1135 C CB  . LYS A 1 143 ? 7.647   -8.111  16.424  1.000 80.241 ? 141 LYS A CB  1 
ATOM   1136 C CG  . LYS A 1 143 ? 7.462   -9.594  16.129  1.000 77.143 ? 141 LYS A CG  1 
ATOM   1137 C CD  . LYS A 1 143 ? 7.529   -9.962  14.668  1.000 76.008 ? 141 LYS A CD  1 
ATOM   1138 C CE  . LYS A 1 143 ? 7.136   -11.403 14.419  1.000 71.896 ? 141 LYS A CE  1 
ATOM   1139 N NZ  . LYS A 1 143 ? 7.899   -11.988 13.294  1.000 71.027 ? 141 LYS A NZ  1 
ATOM   1140 N N   . ARG A 1 144 ? 9.198   -6.842  18.941  1.000 89.465 ? 142 ARG A N   1 
ATOM   1141 C CA  . ARG A 1 144 ? 10.014  -6.013  19.873  1.000 89.436 ? 142 ARG A CA  1 
ATOM   1142 C C   . ARG A 1 144 ? 10.512  -4.759  19.144  1.000 90.991 ? 142 ARG A C   1 
ATOM   1143 O O   . ARG A 1 144 ? 10.133  -3.643  19.498  1.000 87.770 ? 142 ARG A O   1 
ATOM   1144 C CB  . ARG A 1 144 ? 11.191  -6.835  20.412  1.000 88.017 ? 142 ARG A CB  1 
ATOM   1145 C CG  . ARG A 1 144 ? 12.150  -6.064  21.309  1.000 89.764 ? 142 ARG A CG  1 
ATOM   1146 C CD  . ARG A 1 144 ? 13.313  -6.931  21.757  1.000 91.647 ? 142 ARG A CD  1 
ATOM   1147 N NE  . ARG A 1 144 ? 13.726  -6.643  23.126  1.000 93.220 ? 142 ARG A NE  1 
ATOM   1148 C CZ  . ARG A 1 144 ? 14.603  -7.358  23.832  1.000 93.760 ? 142 ARG A CZ  1 
ATOM   1149 N NH1 . ARG A 1 144 ? 15.188  -8.424  23.307  1.000 96.375 ? 142 ARG A NH1 1 
ATOM   1150 N NH2 . ARG A 1 144 ? 14.892  -6.997  25.072  1.000 91.489 ? 142 ARG A NH2 1 
ATOM   1151 O OXT . ARG A 1 144 ? 11.301  -4.851  18.203  1.000 93.438 ? 142 ARG A OXT 1 
HETATM 1152 C C1  . GAL B 2 .   ? 4.667   7.927   -8.921  1.000 40.403 ? 201 GAL A C1  1 
HETATM 1153 C C2  . GAL B 2 .   ? 5.390   8.626   -10.063 1.000 42.216 ? 201 GAL A C2  1 
HETATM 1154 C C3  . GAL B 2 .   ? 5.130   10.129  -10.080 1.000 42.273 ? 201 GAL A C3  1 
HETATM 1155 C C4  . GAL B 2 .   ? 3.663   10.413  -9.948  1.000 41.676 ? 201 GAL A C4  1 
HETATM 1156 C C5  . GAL B 2 .   ? 3.065   9.656   -8.764  1.000 38.788 ? 201 GAL A C5  1 
HETATM 1157 C C6  . GAL B 2 .   ? 1.597   10.074  -8.558  1.000 38.755 ? 201 GAL A C6  1 
HETATM 1158 O O1  . GAL B 2 .   ? 4.886   6.534   -9.116  1.000 42.270 ? 201 GAL A O1  1 
HETATM 1159 O O2  . GAL B 2 .   ? 6.775   8.357   -9.896  1.000 44.759 ? 201 GAL A O2  1 
HETATM 1160 O O3  . GAL B 2 .   ? 5.508   10.702  -11.323 1.000 45.381 ? 201 GAL A O3  1 
HETATM 1161 O O4  . GAL B 2 .   ? 3.077   9.997   -11.183 1.000 43.642 ? 201 GAL A O4  1 
HETATM 1162 O O5  . GAL B 2 .   ? 3.270   8.242   -8.935  1.000 37.005 ? 201 GAL A O5  1 
HETATM 1163 O O6  . GAL B 2 .   ? 0.761   9.040   -8.040  1.000 34.980 ? 201 GAL A O6  1 
HETATM 1164 C C1  . GAL C 2 .   ? 12.996  -5.692  -5.070  1.000 39.439 ? 202 GAL A C1  1 
HETATM 1165 C C2  . GAL C 2 .   ? 12.404  -6.661  -6.099  1.000 40.608 ? 202 GAL A C2  1 
HETATM 1166 C C3  . GAL C 2 .   ? 12.652  -6.240  -7.550  1.000 41.338 ? 202 GAL A C3  1 
HETATM 1167 C C4  . GAL C 2 .   ? 12.549  -4.727  -7.732  1.000 44.504 ? 202 GAL A C4  1 
HETATM 1168 C C5  . GAL C 2 .   ? 13.296  -3.950  -6.651  1.000 45.267 ? 202 GAL A C5  1 
HETATM 1169 C C6  . GAL C 2 .   ? 13.199  -2.428  -6.750  1.000 49.141 ? 202 GAL A C6  1 
HETATM 1170 O O1  . GAL C 2 .   ? 12.447  -6.037  -3.793  1.000 34.106 ? 202 GAL A O1  1 
HETATM 1171 O O2  . GAL C 2 .   ? 12.927  -7.966  -5.793  1.000 34.842 ? 202 GAL A O2  1 
HETATM 1172 O O3  . GAL C 2 .   ? 11.614  -6.793  -8.356  1.000 44.459 ? 202 GAL A O3  1 
HETATM 1173 O O4  . GAL C 2 .   ? 11.157  -4.411  -7.649  1.000 45.733 ? 202 GAL A O4  1 
HETATM 1174 O O5  . GAL C 2 .   ? 12.722  -4.317  -5.395  1.000 43.801 ? 202 GAL A O5  1 
HETATM 1175 O O6  . GAL C 2 .   ? 13.441  -1.867  -5.451  1.000 46.661 ? 202 GAL A O6  1 
HETATM 1176 O O   . HOH D 3 .   ? -10.351 -7.167  -6.785  1.000 29.771 ? 301 HOH A O   1 
HETATM 1177 O O   . HOH D 3 .   ? -3.374  11.779  -0.563  1.000 41.183 ? 302 HOH A O   1 
HETATM 1178 O O   . HOH D 3 .   ? 11.185  1.377   3.927   1.000 22.129 ? 303 HOH A O   1 
HETATM 1179 O O   . HOH D 3 .   ? -14.337 -4.824  -16.599 1.000 28.135 ? 304 HOH A O   1 
HETATM 1180 O O   . HOH D 3 .   ? 3.711   13.907  12.240  1.000 32.634 ? 305 HOH A O   1 
HETATM 1181 O O   . HOH D 3 .   ? -0.907  9.796   0.575   1.000 18.755 ? 306 HOH A O   1 
HETATM 1182 O O   . HOH D 3 .   ? 4.203   -2.243  13.700  1.000 39.318 ? 307 HOH A O   1 
HETATM 1183 O O   . HOH D 3 .   ? 9.713   10.273  10.110  1.000 33.175 ? 308 HOH A O   1 
HETATM 1184 O O   . HOH D 3 .   ? 15.772  -0.416  9.950   1.000 39.641 ? 309 HOH A O   1 
HETATM 1185 O O   . HOH D 3 .   ? -11.109 8.011   -5.817  0.500 24.907 ? 310 HOH A O   1 
HETATM 1186 O O   . HOH D 3 .   ? 13.751  0.120   -3.695  1.000 21.991 ? 311 HOH A O   1 
HETATM 1187 O O   . HOH D 3 .   ? -1.617  1.795   13.235  1.000 28.005 ? 312 HOH A O   1 
HETATM 1188 O O   . HOH D 3 .   ? 9.695   13.865  7.039   1.000 34.242 ? 313 HOH A O   1 
HETATM 1189 O O   . HOH D 3 .   ? -15.488 -3.256  0.501   1.000 41.714 ? 314 HOH A O   1 
HETATM 1190 O O   . HOH D 3 .   ? -11.158 5.218   -17.264 1.000 26.095 ? 315 HOH A O   1 
HETATM 1191 O O   . HOH D 3 .   ? 9.047   1.740   14.241  1.000 25.844 ? 316 HOH A O   1 
HETATM 1192 O O   . HOH D 3 .   ? -15.095 2.328   2.447   1.000 26.409 ? 317 HOH A O   1 
HETATM 1193 O O   . HOH D 3 .   ? 10.326  -1.915  21.595  1.000 34.424 ? 318 HOH A O   1 
HETATM 1194 O O   . HOH D 3 .   ? -14.003 -4.306  -10.279 1.000 23.858 ? 319 HOH A O   1 
HETATM 1195 O O   . HOH D 3 .   ? -14.196 7.164   -7.464  1.000 18.643 ? 320 HOH A O   1 
HETATM 1196 O O   . HOH D 3 .   ? -14.177 7.526   -1.166  1.000 28.807 ? 321 HOH A O   1 
HETATM 1197 O O   . HOH D 3 .   ? 11.745  2.691   1.464   1.000 19.862 ? 322 HOH A O   1 
HETATM 1198 O O   . HOH D 3 .   ? -2.979  -11.641 0.966   1.000 30.909 ? 323 HOH A O   1 
HETATM 1199 O O   . HOH D 3 .   ? 6.835   15.025  0.204   1.000 17.984 ? 324 HOH A O   1 
HETATM 1200 O O   . HOH D 3 .   ? -4.193  -1.305  13.161  1.000 26.403 ? 325 HOH A O   1 
HETATM 1201 O O   . HOH D 3 .   ? 15.852  6.701   -3.341  1.000 32.062 ? 326 HOH A O   1 
HETATM 1202 O O   . HOH D 3 .   ? -12.097 10.419  4.590   1.000 35.148 ? 327 HOH A O   1 
HETATM 1203 O O   . HOH D 3 .   ? -12.019 7.715   -2.969  1.000 26.604 ? 328 HOH A O   1 
HETATM 1204 O O   . HOH D 3 .   ? 3.379   6.608   14.772  1.000 26.378 ? 329 HOH A O   1 
HETATM 1205 O O   . HOH D 3 .   ? -7.968  -2.118  -16.814 1.000 29.096 ? 330 HOH A O   1 
HETATM 1206 O O   . HOH D 3 .   ? -9.176  -9.422  -6.302  1.000 30.294 ? 331 HOH A O   1 
HETATM 1207 O O   . HOH D 3 .   ? -15.526 -10.818 -3.841  1.000 35.928 ? 332 HOH A O   1 
HETATM 1208 O O   . HOH D 3 .   ? 9.061   14.842  -8.171  1.000 29.992 ? 333 HOH A O   1 
HETATM 1209 O O   . HOH D 3 .   ? 9.062   4.254   14.492  1.000 29.766 ? 334 HOH A O   1 
HETATM 1210 O O   . HOH D 3 .   ? -1.945  -6.623  9.793   1.000 27.783 ? 335 HOH A O   1 
HETATM 1211 O O   . HOH D 3 .   ? -16.865 -5.577  -12.951 1.000 48.512 ? 336 HOH A O   1 
HETATM 1212 O O   . HOH D 3 .   ? -9.268  8.523   7.991   1.000 34.522 ? 337 HOH A O   1 
HETATM 1213 O O   . HOH D 3 .   ? 8.225   15.162  4.968   1.000 24.212 ? 338 HOH A O   1 
HETATM 1214 O O   . HOH D 3 .   ? -8.145  7.866   -8.702  0.500 20.912 ? 339 HOH A O   1 
HETATM 1215 O O   . HOH D 3 .   ? 15.493  6.010   -6.525  1.000 33.883 ? 340 HOH A O   1 
HETATM 1216 O O   . HOH D 3 .   ? 17.050  5.552   6.550   1.000 27.471 ? 341 HOH A O   1 
HETATM 1217 O O   . HOH D 3 .   ? -2.513  16.829  5.993   1.000 36.671 ? 342 HOH A O   1 
HETATM 1218 O O   . HOH D 3 .   ? 3.281   -9.015  14.802  1.000 51.588 ? 343 HOH A O   1 
# 
loop_
_pdbx_poly_seq_scheme.asym_id 
_pdbx_poly_seq_scheme.entity_id 
_pdbx_poly_seq_scheme.seq_id 
_pdbx_poly_seq_scheme.mon_id 
_pdbx_poly_seq_scheme.ndb_seq_num 
_pdbx_poly_seq_scheme.pdb_seq_num 
_pdbx_poly_seq_scheme.auth_seq_num 
_pdbx_poly_seq_scheme.pdb_mon_id 
_pdbx_poly_seq_scheme.auth_mon_id 
_pdbx_poly_seq_scheme.pdb_strand_id 
_pdbx_poly_seq_scheme.pdb_ins_code 
_pdbx_poly_seq_scheme.hetero 
A 1 1   GLY 1   -1  ?   ?   ?   A . n 
A 1 2   SER 2   0   ?   ?   ?   A . n 
A 1 3   MET 3   1   ?   ?   ?   A . n 
A 1 4   SER 4   2   2   SER SER A . n 
A 1 5   LEU 5   3   3   LEU LEU A . n 
A 1 6   LEU 6   4   4   LEU LEU A . n 
A 1 7   PRO 7   5   5   PRO PRO A . n 
A 1 8   VAL 8   6   6   VAL VAL A . n 
A 1 9   PRO 9   7   7   PRO PRO A . n 
A 1 10  TYR 10  8   8   TYR TYR A . n 
A 1 11  THR 11  9   9   THR THR A . n 
A 1 12  GLU 12  10  10  GLU GLU A . n 
A 1 13  ALA 13  11  11  ALA ALA A . n 
A 1 14  ALA 14  12  12  ALA ALA A . n 
A 1 15  SER 15  13  13  SER SER A . n 
A 1 16  LEU 16  14  14  LEU LEU A . n 
A 1 17  SER 17  15  15  SER SER A . n 
A 1 18  THR 18  16  16  THR THR A . n 
A 1 19  GLY 19  17  17  GLY GLY A . n 
A 1 20  SER 20  18  18  SER SER A . n 
A 1 21  THR 21  19  19  THR THR A . n 
A 1 22  VAL 22  20  20  VAL VAL A . n 
A 1 23  THR 23  21  21  THR THR A . n 
A 1 24  ILE 24  22  22  ILE ILE A . n 
A 1 25  LYS 25  23  23  LYS LYS A . n 
A 1 26  GLY 26  24  24  GLY GLY A . n 
A 1 27  ARG 27  25  25  ARG ARG A . n 
A 1 28  PRO 28  26  26  PRO PRO A . n 
A 1 29  LEU 29  27  27  LEU LEU A . n 
A 1 30  VAL 30  28  28  VAL VAL A . n 
A 1 31  CYS 31  29  29  CYS CYS A . n 
A 1 32  PHE 32  30  30  PHE PHE A . n 
A 1 33  LEU 33  31  31  LEU LEU A . n 
A 1 34  ASN 34  32  32  ASN ASN A . n 
A 1 35  GLU 35  33  33  GLU GLU A . n 
A 1 36  PRO 36  34  34  PRO PRO A . n 
A 1 37  TYR 37  35  35  TYR TYR A . n 
A 1 38  LEU 38  36  36  LEU LEU A . n 
A 1 39  GLN 39  37  37  GLN GLN A . n 
A 1 40  VAL 40  38  38  VAL VAL A . n 
A 1 41  ASP 41  39  39  ASP ASP A . n 
A 1 42  PHE 42  40  40  PHE PHE A . n 
A 1 43  HIS 43  41  41  HIS HIS A . n 
A 1 44  THR 44  42  42  THR THR A . n 
A 1 45  GLU 45  43  43  GLU GLU A . n 
A 1 46  MET 46  44  44  MET MET A . n 
A 1 47  LYS 47  45  45  LYS LYS A . n 
A 1 48  GLU 48  46  46  GLU GLU A . n 
A 1 49  GLU 49  47  47  GLU GLU A . n 
A 1 50  SER 50  48  48  SER SER A . n 
A 1 51  ASP 51  49  49  ASP ASP A . n 
A 1 52  ILE 52  50  50  ILE ILE A . n 
A 1 53  VAL 53  51  51  VAL VAL A . n 
A 1 54  PHE 54  52  52  PHE PHE A . n 
A 1 55  HIS 55  53  53  HIS HIS A . n 
A 1 56  PHE 56  54  54  PHE PHE A . n 
A 1 57  GLN 57  55  55  GLN GLN A . n 
A 1 58  VAL 58  56  56  VAL VAL A . n 
A 1 59  CYS 59  57  57  CYS CYS A . n 
A 1 60  PHE 60  58  58  PHE PHE A . n 
A 1 61  GLY 61  59  59  GLY GLY A . n 
A 1 62  ARG 62  60  60  ARG ARG A . n 
A 1 63  ARG 63  61  61  ARG ARG A . n 
A 1 64  VAL 64  62  62  VAL VAL A . n 
A 1 65  VAL 65  63  63  VAL VAL A . n 
A 1 66  MET 66  64  64  MET MET A . n 
A 1 67  ASN 67  65  65  ASN ASN A . n 
A 1 68  SER 68  66  66  SER SER A . n 
A 1 69  ARG 69  67  67  ARG ARG A . n 
A 1 70  GLU 70  68  68  GLU GLU A . n 
A 1 71  TYR 71  69  69  TYR TYR A . n 
A 1 72  GLY 72  70  70  GLY GLY A . n 
A 1 73  ALA 73  71  71  ALA ALA A . n 
A 1 74  TRP 74  72  72  TRP TRP A . n 
A 1 75  LYS 75  73  73  LYS LYS A . n 
A 1 76  GLN 76  74  74  GLN GLN A . n 
A 1 77  GLN 77  75  75  GLN GLN A . n 
A 1 78  VAL 78  76  76  VAL VAL A . n 
A 1 79  GLU 79  77  77  GLU GLU A . n 
A 1 80  SER 80  78  78  SER SER A . n 
A 1 81  LYS 81  79  79  LYS LYS A . n 
A 1 82  ASN 82  80  80  ASN ASN A . n 
A 1 83  MET 83  81  81  MET MET A . n 
A 1 84  PRO 84  82  82  PRO PRO A . n 
A 1 85  PHE 85  83  83  PHE PHE A . n 
A 1 86  GLN 86  84  84  GLN GLN A . n 
A 1 87  ASP 87  85  85  ASP ASP A . n 
A 1 88  GLY 88  86  86  GLY GLY A . n 
A 1 89  GLN 89  87  87  GLN GLN A . n 
A 1 90  GLU 90  88  88  GLU GLU A . n 
A 1 91  PHE 91  89  89  PHE PHE A . n 
A 1 92  GLU 92  90  90  GLU GLU A . n 
A 1 93  LEU 93  91  91  LEU LEU A . n 
A 1 94  SER 94  92  92  SER SER A . n 
A 1 95  ILE 95  93  93  ILE ILE A . n 
A 1 96  SER 96  94  94  SER SER A . n 
A 1 97  VAL 97  95  95  VAL VAL A . n 
A 1 98  LEU 98  96  96  LEU LEU A . n 
A 1 99  PRO 99  97  97  PRO PRO A . n 
A 1 100 ASP 100 98  98  ASP ASP A . n 
A 1 101 LYS 101 99  99  LYS LYS A . n 
A 1 102 TYR 102 100 100 TYR TYR A . n 
A 1 103 GLN 103 101 101 GLN GLN A . n 
A 1 104 VAL 104 102 102 VAL VAL A . n 
A 1 105 MET 105 103 103 MET MET A . n 
A 1 106 VAL 106 104 104 VAL VAL A . n 
A 1 107 ASN 107 105 105 ASN ASN A . n 
A 1 108 GLY 108 106 106 GLY GLY A . n 
A 1 109 GLN 109 107 107 GLN GLN A . n 
A 1 110 SER 110 108 108 SER SER A . n 
A 1 111 SER 111 109 109 SER SER A . n 
A 1 112 TYR 112 110 110 TYR TYR A . n 
A 1 113 THR 113 111 111 THR THR A . n 
A 1 114 PHE 114 112 112 PHE PHE A . n 
A 1 115 ASP 115 113 113 ASP ASP A . n 
A 1 116 HIS 116 114 114 HIS HIS A . n 
A 1 117 ARG 117 115 115 ARG ARG A . n 
A 1 118 ILE 118 116 116 ILE ILE A . n 
A 1 119 LYS 119 117 117 LYS LYS A . n 
A 1 120 PRO 120 118 118 PRO PRO A . n 
A 1 121 GLU 121 119 119 GLU GLU A . n 
A 1 122 ALA 122 120 120 ALA ALA A . n 
A 1 123 VAL 123 121 121 VAL VAL A . n 
A 1 124 LYS 124 122 122 LYS LYS A . n 
A 1 125 MET 125 123 123 MET MET A . n 
A 1 126 VAL 126 124 124 VAL VAL A . n 
A 1 127 GLN 127 125 125 GLN GLN A . n 
A 1 128 VAL 128 126 126 VAL VAL A . n 
A 1 129 TRP 129 127 127 TRP TRP A . n 
A 1 130 ARG 130 128 128 ARG ARG A . n 
A 1 131 ASP 131 129 129 ASP ASP A . n 
A 1 132 ILE 132 130 130 ILE ILE A . n 
A 1 133 SER 133 131 131 SER SER A . n 
A 1 134 LEU 134 132 132 LEU LEU A . n 
A 1 135 THR 135 133 133 THR THR A . n 
A 1 136 LYS 136 134 134 LYS LYS A . n 
A 1 137 PHE 137 135 135 PHE PHE A . n 
A 1 138 ASN 138 136 136 ASN ASN A . n 
A 1 139 VAL 139 137 137 VAL VAL A . n 
A 1 140 SER 140 138 138 SER SER A . n 
A 1 141 TYR 141 139 139 TYR TYR A . n 
A 1 142 LEU 142 140 140 LEU LEU A . n 
A 1 143 LYS 143 141 141 LYS LYS A . n 
A 1 144 ARG 144 142 142 ARG ARG A . n 
# 
loop_
_pdbx_nonpoly_scheme.asym_id 
_pdbx_nonpoly_scheme.entity_id 
_pdbx_nonpoly_scheme.mon_id 
_pdbx_nonpoly_scheme.ndb_seq_num 
_pdbx_nonpoly_scheme.pdb_seq_num 
_pdbx_nonpoly_scheme.auth_seq_num 
_pdbx_nonpoly_scheme.pdb_mon_id 
_pdbx_nonpoly_scheme.auth_mon_id 
_pdbx_nonpoly_scheme.pdb_strand_id 
_pdbx_nonpoly_scheme.pdb_ins_code 
B 2 GAL 1  201 201 GAL GAL A . 
C 2 GAL 1  202 202 GAL GAL A . 
D 3 HOH 1  301 25  HOH HOH A . 
D 3 HOH 2  302 26  HOH HOH A . 
D 3 HOH 3  303 1   HOH HOH A . 
D 3 HOH 4  304 11  HOH HOH A . 
D 3 HOH 5  305 30  HOH HOH A . 
D 3 HOH 6  306 10  HOH HOH A . 
D 3 HOH 7  307 8   HOH HOH A . 
D 3 HOH 8  308 40  HOH HOH A . 
D 3 HOH 9  309 33  HOH HOH A . 
D 3 HOH 10 310 19  HOH HOH A . 
D 3 HOH 11 311 6   HOH HOH A . 
D 3 HOH 12 312 24  HOH HOH A . 
D 3 HOH 13 313 17  HOH HOH A . 
D 3 HOH 14 314 38  HOH HOH A . 
D 3 HOH 15 315 5   HOH HOH A . 
D 3 HOH 16 316 16  HOH HOH A . 
D 3 HOH 17 317 9   HOH HOH A . 
D 3 HOH 18 318 34  HOH HOH A . 
D 3 HOH 19 319 18  HOH HOH A . 
D 3 HOH 20 320 4   HOH HOH A . 
D 3 HOH 21 321 32  HOH HOH A . 
D 3 HOH 22 322 7   HOH HOH A . 
D 3 HOH 23 323 36  HOH HOH A . 
D 3 HOH 24 324 3   HOH HOH A . 
D 3 HOH 25 325 37  HOH HOH A . 
D 3 HOH 26 326 20  HOH HOH A . 
D 3 HOH 27 327 35  HOH HOH A . 
D 3 HOH 28 328 31  HOH HOH A . 
D 3 HOH 29 329 39  HOH HOH A . 
D 3 HOH 30 330 14  HOH HOH A . 
D 3 HOH 31 331 13  HOH HOH A . 
D 3 HOH 32 332 42  HOH HOH A . 
D 3 HOH 33 333 43  HOH HOH A . 
D 3 HOH 34 334 29  HOH HOH A . 
D 3 HOH 35 335 27  HOH HOH A . 
D 3 HOH 36 336 41  HOH HOH A . 
D 3 HOH 37 337 21  HOH HOH A . 
D 3 HOH 38 338 12  HOH HOH A . 
D 3 HOH 39 339 2   HOH HOH A . 
D 3 HOH 40 340 22  HOH HOH A . 
D 3 HOH 41 341 15  HOH HOH A . 
D 3 HOH 42 342 28  HOH HOH A . 
D 3 HOH 43 343 23  HOH HOH A . 
# 
_pdbx_struct_assembly.id                   1 
_pdbx_struct_assembly.details              author_defined_assembly 
_pdbx_struct_assembly.method_details       ? 
_pdbx_struct_assembly.oligomeric_details   dimeric 
_pdbx_struct_assembly.oligomeric_count     2 
# 
loop_
_pdbx_struct_assembly_gen.assembly_id 
_pdbx_struct_assembly_gen.oper_expression 
_pdbx_struct_assembly_gen.asym_id_list 
1 1 A,B,C,D 
1 2 A,B,C,D 
# 
loop_
_pdbx_struct_oper_list.id 
_pdbx_struct_oper_list.type 
_pdbx_struct_oper_list.name 
_pdbx_struct_oper_list.symmetry_operation 
_pdbx_struct_oper_list.matrix[1][1] 
_pdbx_struct_oper_list.matrix[1][2] 
_pdbx_struct_oper_list.matrix[1][3] 
_pdbx_struct_oper_list.vector[1] 
_pdbx_struct_oper_list.matrix[2][1] 
_pdbx_struct_oper_list.matrix[2][2] 
_pdbx_struct_oper_list.matrix[2][3] 
_pdbx_struct_oper_list.vector[2] 
_pdbx_struct_oper_list.matrix[3][1] 
_pdbx_struct_oper_list.matrix[3][2] 
_pdbx_struct_oper_list.matrix[3][3] 
_pdbx_struct_oper_list.vector[3] 
1 'identity operation'         1_555  x,y,z         1.0000000000 0.0000000000  0.0000000000  0.0000000000   0.0000000000  1.0000000000  0.0000000000 0.0000000000  0.0000000000  0.0000000000 1.0000000000  0.0000000000   
2 'crystal symmetry operation' 11_555 -x+y,y,-z+1/2 0.0257321698 -0.0504080247 -0.9983971587 -16.2267756344 -0.0504080247 -0.9975227754 0.0490646877 15.7285226208 -0.9983971587 0.0490646877 -0.0282093944 -17.4651634219 
# 
loop_
_pdbx_struct_special_symmetry.id 
_pdbx_struct_special_symmetry.PDB_model_num 
_pdbx_struct_special_symmetry.auth_asym_id 
_pdbx_struct_special_symmetry.auth_comp_id 
_pdbx_struct_special_symmetry.auth_seq_id 
_pdbx_struct_special_symmetry.PDB_ins_code 
_pdbx_struct_special_symmetry.label_asym_id 
_pdbx_struct_special_symmetry.label_comp_id 
_pdbx_struct_special_symmetry.label_seq_id 
1 1 A HOH 310 ? D HOH . 
2 1 A HOH 339 ? D HOH . 
# 
loop_
_pdbx_audit_revision_history.ordinal 
_pdbx_audit_revision_history.data_content_type 
_pdbx_audit_revision_history.major_revision 
_pdbx_audit_revision_history.minor_revision 
_pdbx_audit_revision_history.revision_date 
1 'Structure model' 1 0 2020-03-04 
2 'Structure model' 1 1 2020-07-29 
3 'Structure model' 1 2 2023-11-22 
# 
loop_
_pdbx_audit_revision_details.ordinal 
_pdbx_audit_revision_details.revision_ordinal 
_pdbx_audit_revision_details.data_content_type 
_pdbx_audit_revision_details.provider 
_pdbx_audit_revision_details.type 
_pdbx_audit_revision_details.description 
_pdbx_audit_revision_details.details 
1 1 'Structure model' repository 'Initial release' ?                          ? 
2 2 'Structure model' repository Remediation       'Carbohydrate remediation' ? 
# 
loop_
_pdbx_audit_revision_group.ordinal 
_pdbx_audit_revision_group.revision_ordinal 
_pdbx_audit_revision_group.data_content_type 
_pdbx_audit_revision_group.group 
1 2 'Structure model' 'Data collection'        
2 2 'Structure model' 'Derived calculations'   
3 2 'Structure model' 'Structure summary'      
4 3 'Structure model' 'Data collection'        
5 3 'Structure model' 'Database references'    
6 3 'Structure model' 'Derived calculations'   
7 3 'Structure model' 'Refinement description' 
8 3 'Structure model' 'Structure summary'      
# 
loop_
_pdbx_audit_revision_category.ordinal 
_pdbx_audit_revision_category.revision_ordinal 
_pdbx_audit_revision_category.data_content_type 
_pdbx_audit_revision_category.category 
1  2 'Structure model' chem_comp                     
2  2 'Structure model' entity                        
3  2 'Structure model' pdbx_chem_comp_identifier     
4  2 'Structure model' pdbx_entity_nonpoly           
5  3 'Structure model' atom_type                     
6  3 'Structure model' chem_comp                     
7  3 'Structure model' chem_comp_atom                
8  3 'Structure model' chem_comp_bond                
9  3 'Structure model' database_2                    
10 3 'Structure model' pdbx_initial_refinement_model 
# 
loop_
_pdbx_audit_revision_item.ordinal 
_pdbx_audit_revision_item.revision_ordinal 
_pdbx_audit_revision_item.data_content_type 
_pdbx_audit_revision_item.item 
1 2 'Structure model' '_chem_comp.name'                     
2 2 'Structure model' '_entity.pdbx_description'            
3 2 'Structure model' '_pdbx_entity_nonpoly.name'           
4 3 'Structure model' '_atom_type.pdbx_N_electrons'         
5 3 'Structure model' '_atom_type.pdbx_scat_Z'              
6 3 'Structure model' '_chem_comp.pdbx_synonyms'            
7 3 'Structure model' '_database_2.pdbx_DOI'                
8 3 'Structure model' '_database_2.pdbx_database_accession' 
# 
loop_
_software.citation_id 
_software.classification 
_software.compiler_name 
_software.compiler_version 
_software.contact_author 
_software.contact_author_email 
_software.date 
_software.description 
_software.dependencies 
_software.hardware 
_software.language 
_software.location 
_software.mods 
_software.name 
_software.os 
_software.os_version 
_software.type 
_software.version 
_software.pdbx_ordinal 
? refinement       ? ? ? ? ? ? ? ? ? ? ? REFMAC ? ? ? 5.8.0253 1 
? 'data reduction' ? ? ? ? ? ? ? ? ? ? ? XDS    ? ? ? .        2 
? 'data scaling'   ? ? ? ? ? ? ? ? ? ? ? XDS    ? ? ? .        3 
? phasing          ? ? ? ? ? ? ? ? ? ? ? MOLREP ? ? ? .        4 
# 
_pdbx_entry_details.entry_id                 6L67 
_pdbx_entry_details.has_ligand_of_interest   Y 
_pdbx_entry_details.compound_details         ? 
_pdbx_entry_details.source_details           ? 
_pdbx_entry_details.nonpolymer_details       ? 
_pdbx_entry_details.sequence_details         ? 
# 
loop_
_pdbx_validate_torsion.id 
_pdbx_validate_torsion.PDB_model_num 
_pdbx_validate_torsion.auth_comp_id 
_pdbx_validate_torsion.auth_asym_id 
_pdbx_validate_torsion.auth_seq_id 
_pdbx_validate_torsion.PDB_ins_code 
_pdbx_validate_torsion.label_alt_id 
_pdbx_validate_torsion.phi 
_pdbx_validate_torsion.psi 
1 1 ARG A 60  ? ? -120.41 -67.69  
2 1 LYS A 73  ? ? -102.15 -145.53 
3 1 ARG A 128 ? ? 78.14   -149.59 
4 1 TYR A 139 ? ? -143.29 23.23   
# 
_pdbx_validate_peptide_omega.id               1 
_pdbx_validate_peptide_omega.PDB_model_num    1 
_pdbx_validate_peptide_omega.auth_comp_id_1   ARG 
_pdbx_validate_peptide_omega.auth_asym_id_1   A 
_pdbx_validate_peptide_omega.auth_seq_id_1    128 
_pdbx_validate_peptide_omega.PDB_ins_code_1   ? 
_pdbx_validate_peptide_omega.label_alt_id_1   ? 
_pdbx_validate_peptide_omega.auth_comp_id_2   ASP 
_pdbx_validate_peptide_omega.auth_asym_id_2   A 
_pdbx_validate_peptide_omega.auth_seq_id_2    129 
_pdbx_validate_peptide_omega.PDB_ins_code_2   ? 
_pdbx_validate_peptide_omega.label_alt_id_2   ? 
_pdbx_validate_peptide_omega.omega            -147.90 
# 
loop_
_pdbx_unobs_or_zero_occ_residues.id 
_pdbx_unobs_or_zero_occ_residues.PDB_model_num 
_pdbx_unobs_or_zero_occ_residues.polymer_flag 
_pdbx_unobs_or_zero_occ_residues.occupancy_flag 
_pdbx_unobs_or_zero_occ_residues.auth_asym_id 
_pdbx_unobs_or_zero_occ_residues.auth_comp_id 
_pdbx_unobs_or_zero_occ_residues.auth_seq_id 
_pdbx_unobs_or_zero_occ_residues.PDB_ins_code 
_pdbx_unobs_or_zero_occ_residues.label_asym_id 
_pdbx_unobs_or_zero_occ_residues.label_comp_id 
_pdbx_unobs_or_zero_occ_residues.label_seq_id 
1 1 Y 1 A GLY -1 ? A GLY 1 
2 1 Y 1 A SER 0  ? A SER 2 
3 1 Y 1 A MET 1  ? A MET 3 
# 
loop_
_chem_comp_atom.comp_id 
_chem_comp_atom.atom_id 
_chem_comp_atom.type_symbol 
_chem_comp_atom.pdbx_aromatic_flag 
_chem_comp_atom.pdbx_stereo_config 
_chem_comp_atom.pdbx_ordinal 
ALA N    N N N 1   
ALA CA   C N S 2   
ALA C    C N N 3   
ALA O    O N N 4   
ALA CB   C N N 5   
ALA OXT  O N N 6   
ALA H    H N N 7   
ALA H2   H N N 8   
ALA HA   H N N 9   
ALA HB1  H N N 10  
ALA HB2  H N N 11  
ALA HB3  H N N 12  
ALA HXT  H N N 13  
ARG N    N N N 14  
ARG CA   C N S 15  
ARG C    C N N 16  
ARG O    O N N 17  
ARG CB   C N N 18  
ARG CG   C N N 19  
ARG CD   C N N 20  
ARG NE   N N N 21  
ARG CZ   C N N 22  
ARG NH1  N N N 23  
ARG NH2  N N N 24  
ARG OXT  O N N 25  
ARG H    H N N 26  
ARG H2   H N N 27  
ARG HA   H N N 28  
ARG HB2  H N N 29  
ARG HB3  H N N 30  
ARG HG2  H N N 31  
ARG HG3  H N N 32  
ARG HD2  H N N 33  
ARG HD3  H N N 34  
ARG HE   H N N 35  
ARG HH11 H N N 36  
ARG HH12 H N N 37  
ARG HH21 H N N 38  
ARG HH22 H N N 39  
ARG HXT  H N N 40  
ASN N    N N N 41  
ASN CA   C N S 42  
ASN C    C N N 43  
ASN O    O N N 44  
ASN CB   C N N 45  
ASN CG   C N N 46  
ASN OD1  O N N 47  
ASN ND2  N N N 48  
ASN OXT  O N N 49  
ASN H    H N N 50  
ASN H2   H N N 51  
ASN HA   H N N 52  
ASN HB2  H N N 53  
ASN HB3  H N N 54  
ASN HD21 H N N 55  
ASN HD22 H N N 56  
ASN HXT  H N N 57  
ASP N    N N N 58  
ASP CA   C N S 59  
ASP C    C N N 60  
ASP O    O N N 61  
ASP CB   C N N 62  
ASP CG   C N N 63  
ASP OD1  O N N 64  
ASP OD2  O N N 65  
ASP OXT  O N N 66  
ASP H    H N N 67  
ASP H2   H N N 68  
ASP HA   H N N 69  
ASP HB2  H N N 70  
ASP HB3  H N N 71  
ASP HD2  H N N 72  
ASP HXT  H N N 73  
CYS N    N N N 74  
CYS CA   C N R 75  
CYS C    C N N 76  
CYS O    O N N 77  
CYS CB   C N N 78  
CYS SG   S N N 79  
CYS OXT  O N N 80  
CYS H    H N N 81  
CYS H2   H N N 82  
CYS HA   H N N 83  
CYS HB2  H N N 84  
CYS HB3  H N N 85  
CYS HG   H N N 86  
CYS HXT  H N N 87  
GAL C1   C N R 88  
GAL C2   C N R 89  
GAL C3   C N S 90  
GAL C4   C N R 91  
GAL C5   C N R 92  
GAL C6   C N N 93  
GAL O1   O N N 94  
GAL O2   O N N 95  
GAL O3   O N N 96  
GAL O4   O N N 97  
GAL O5   O N N 98  
GAL O6   O N N 99  
GAL H1   H N N 100 
GAL H2   H N N 101 
GAL H3   H N N 102 
GAL H4   H N N 103 
GAL H5   H N N 104 
GAL H61  H N N 105 
GAL H62  H N N 106 
GAL HO1  H N N 107 
GAL HO2  H N N 108 
GAL HO3  H N N 109 
GAL HO4  H N N 110 
GAL HO6  H N N 111 
GLN N    N N N 112 
GLN CA   C N S 113 
GLN C    C N N 114 
GLN O    O N N 115 
GLN CB   C N N 116 
GLN CG   C N N 117 
GLN CD   C N N 118 
GLN OE1  O N N 119 
GLN NE2  N N N 120 
GLN OXT  O N N 121 
GLN H    H N N 122 
GLN H2   H N N 123 
GLN HA   H N N 124 
GLN HB2  H N N 125 
GLN HB3  H N N 126 
GLN HG2  H N N 127 
GLN HG3  H N N 128 
GLN HE21 H N N 129 
GLN HE22 H N N 130 
GLN HXT  H N N 131 
GLU N    N N N 132 
GLU CA   C N S 133 
GLU C    C N N 134 
GLU O    O N N 135 
GLU CB   C N N 136 
GLU CG   C N N 137 
GLU CD   C N N 138 
GLU OE1  O N N 139 
GLU OE2  O N N 140 
GLU OXT  O N N 141 
GLU H    H N N 142 
GLU H2   H N N 143 
GLU HA   H N N 144 
GLU HB2  H N N 145 
GLU HB3  H N N 146 
GLU HG2  H N N 147 
GLU HG3  H N N 148 
GLU HE2  H N N 149 
GLU HXT  H N N 150 
GLY N    N N N 151 
GLY CA   C N N 152 
GLY C    C N N 153 
GLY O    O N N 154 
GLY OXT  O N N 155 
GLY H    H N N 156 
GLY H2   H N N 157 
GLY HA2  H N N 158 
GLY HA3  H N N 159 
GLY HXT  H N N 160 
HIS N    N N N 161 
HIS CA   C N S 162 
HIS C    C N N 163 
HIS O    O N N 164 
HIS CB   C N N 165 
HIS CG   C Y N 166 
HIS ND1  N Y N 167 
HIS CD2  C Y N 168 
HIS CE1  C Y N 169 
HIS NE2  N Y N 170 
HIS OXT  O N N 171 
HIS H    H N N 172 
HIS H2   H N N 173 
HIS HA   H N N 174 
HIS HB2  H N N 175 
HIS HB3  H N N 176 
HIS HD1  H N N 177 
HIS HD2  H N N 178 
HIS HE1  H N N 179 
HIS HE2  H N N 180 
HIS HXT  H N N 181 
HOH O    O N N 182 
HOH H1   H N N 183 
HOH H2   H N N 184 
ILE N    N N N 185 
ILE CA   C N S 186 
ILE C    C N N 187 
ILE O    O N N 188 
ILE CB   C N S 189 
ILE CG1  C N N 190 
ILE CG2  C N N 191 
ILE CD1  C N N 192 
ILE OXT  O N N 193 
ILE H    H N N 194 
ILE H2   H N N 195 
ILE HA   H N N 196 
ILE HB   H N N 197 
ILE HG12 H N N 198 
ILE HG13 H N N 199 
ILE HG21 H N N 200 
ILE HG22 H N N 201 
ILE HG23 H N N 202 
ILE HD11 H N N 203 
ILE HD12 H N N 204 
ILE HD13 H N N 205 
ILE HXT  H N N 206 
LEU N    N N N 207 
LEU CA   C N S 208 
LEU C    C N N 209 
LEU O    O N N 210 
LEU CB   C N N 211 
LEU CG   C N N 212 
LEU CD1  C N N 213 
LEU CD2  C N N 214 
LEU OXT  O N N 215 
LEU H    H N N 216 
LEU H2   H N N 217 
LEU HA   H N N 218 
LEU HB2  H N N 219 
LEU HB3  H N N 220 
LEU HG   H N N 221 
LEU HD11 H N N 222 
LEU HD12 H N N 223 
LEU HD13 H N N 224 
LEU HD21 H N N 225 
LEU HD22 H N N 226 
LEU HD23 H N N 227 
LEU HXT  H N N 228 
LYS N    N N N 229 
LYS CA   C N S 230 
LYS C    C N N 231 
LYS O    O N N 232 
LYS CB   C N N 233 
LYS CG   C N N 234 
LYS CD   C N N 235 
LYS CE   C N N 236 
LYS NZ   N N N 237 
LYS OXT  O N N 238 
LYS H    H N N 239 
LYS H2   H N N 240 
LYS HA   H N N 241 
LYS HB2  H N N 242 
LYS HB3  H N N 243 
LYS HG2  H N N 244 
LYS HG3  H N N 245 
LYS HD2  H N N 246 
LYS HD3  H N N 247 
LYS HE2  H N N 248 
LYS HE3  H N N 249 
LYS HZ1  H N N 250 
LYS HZ2  H N N 251 
LYS HZ3  H N N 252 
LYS HXT  H N N 253 
MET N    N N N 254 
MET CA   C N S 255 
MET C    C N N 256 
MET O    O N N 257 
MET CB   C N N 258 
MET CG   C N N 259 
MET SD   S N N 260 
MET CE   C N N 261 
MET OXT  O N N 262 
MET H    H N N 263 
MET H2   H N N 264 
MET HA   H N N 265 
MET HB2  H N N 266 
MET HB3  H N N 267 
MET HG2  H N N 268 
MET HG3  H N N 269 
MET HE1  H N N 270 
MET HE2  H N N 271 
MET HE3  H N N 272 
MET HXT  H N N 273 
PHE N    N N N 274 
PHE CA   C N S 275 
PHE C    C N N 276 
PHE O    O N N 277 
PHE CB   C N N 278 
PHE CG   C Y N 279 
PHE CD1  C Y N 280 
PHE CD2  C Y N 281 
PHE CE1  C Y N 282 
PHE CE2  C Y N 283 
PHE CZ   C Y N 284 
PHE OXT  O N N 285 
PHE H    H N N 286 
PHE H2   H N N 287 
PHE HA   H N N 288 
PHE HB2  H N N 289 
PHE HB3  H N N 290 
PHE HD1  H N N 291 
PHE HD2  H N N 292 
PHE HE1  H N N 293 
PHE HE2  H N N 294 
PHE HZ   H N N 295 
PHE HXT  H N N 296 
PRO N    N N N 297 
PRO CA   C N S 298 
PRO C    C N N 299 
PRO O    O N N 300 
PRO CB   C N N 301 
PRO CG   C N N 302 
PRO CD   C N N 303 
PRO OXT  O N N 304 
PRO H    H N N 305 
PRO HA   H N N 306 
PRO HB2  H N N 307 
PRO HB3  H N N 308 
PRO HG2  H N N 309 
PRO HG3  H N N 310 
PRO HD2  H N N 311 
PRO HD3  H N N 312 
PRO HXT  H N N 313 
SER N    N N N 314 
SER CA   C N S 315 
SER C    C N N 316 
SER O    O N N 317 
SER CB   C N N 318 
SER OG   O N N 319 
SER OXT  O N N 320 
SER H    H N N 321 
SER H2   H N N 322 
SER HA   H N N 323 
SER HB2  H N N 324 
SER HB3  H N N 325 
SER HG   H N N 326 
SER HXT  H N N 327 
THR N    N N N 328 
THR CA   C N S 329 
THR C    C N N 330 
THR O    O N N 331 
THR CB   C N R 332 
THR OG1  O N N 333 
THR CG2  C N N 334 
THR OXT  O N N 335 
THR H    H N N 336 
THR H2   H N N 337 
THR HA   H N N 338 
THR HB   H N N 339 
THR HG1  H N N 340 
THR HG21 H N N 341 
THR HG22 H N N 342 
THR HG23 H N N 343 
THR HXT  H N N 344 
TRP N    N N N 345 
TRP CA   C N S 346 
TRP C    C N N 347 
TRP O    O N N 348 
TRP CB   C N N 349 
TRP CG   C Y N 350 
TRP CD1  C Y N 351 
TRP CD2  C Y N 352 
TRP NE1  N Y N 353 
TRP CE2  C Y N 354 
TRP CE3  C Y N 355 
TRP CZ2  C Y N 356 
TRP CZ3  C Y N 357 
TRP CH2  C Y N 358 
TRP OXT  O N N 359 
TRP H    H N N 360 
TRP H2   H N N 361 
TRP HA   H N N 362 
TRP HB2  H N N 363 
TRP HB3  H N N 364 
TRP HD1  H N N 365 
TRP HE1  H N N 366 
TRP HE3  H N N 367 
TRP HZ2  H N N 368 
TRP HZ3  H N N 369 
TRP HH2  H N N 370 
TRP HXT  H N N 371 
TYR N    N N N 372 
TYR CA   C N S 373 
TYR C    C N N 374 
TYR O    O N N 375 
TYR CB   C N N 376 
TYR CG   C Y N 377 
TYR CD1  C Y N 378 
TYR CD2  C Y N 379 
TYR CE1  C Y N 380 
TYR CE2  C Y N 381 
TYR CZ   C Y N 382 
TYR OH   O N N 383 
TYR OXT  O N N 384 
TYR H    H N N 385 
TYR H2   H N N 386 
TYR HA   H N N 387 
TYR HB2  H N N 388 
TYR HB3  H N N 389 
TYR HD1  H N N 390 
TYR HD2  H N N 391 
TYR HE1  H N N 392 
TYR HE2  H N N 393 
TYR HH   H N N 394 
TYR HXT  H N N 395 
VAL N    N N N 396 
VAL CA   C N S 397 
VAL C    C N N 398 
VAL O    O N N 399 
VAL CB   C N N 400 
VAL CG1  C N N 401 
VAL CG2  C N N 402 
VAL OXT  O N N 403 
VAL H    H N N 404 
VAL H2   H N N 405 
VAL HA   H N N 406 
VAL HB   H N N 407 
VAL HG11 H N N 408 
VAL HG12 H N N 409 
VAL HG13 H N N 410 
VAL HG21 H N N 411 
VAL HG22 H N N 412 
VAL HG23 H N N 413 
VAL HXT  H N N 414 
# 
loop_
_chem_comp_bond.comp_id 
_chem_comp_bond.atom_id_1 
_chem_comp_bond.atom_id_2 
_chem_comp_bond.value_order 
_chem_comp_bond.pdbx_aromatic_flag 
_chem_comp_bond.pdbx_stereo_config 
_chem_comp_bond.pdbx_ordinal 
ALA N   CA   sing N N 1   
ALA N   H    sing N N 2   
ALA N   H2   sing N N 3   
ALA CA  C    sing N N 4   
ALA CA  CB   sing N N 5   
ALA CA  HA   sing N N 6   
ALA C   O    doub N N 7   
ALA C   OXT  sing N N 8   
ALA CB  HB1  sing N N 9   
ALA CB  HB2  sing N N 10  
ALA CB  HB3  sing N N 11  
ALA OXT HXT  sing N N 12  
ARG N   CA   sing N N 13  
ARG N   H    sing N N 14  
ARG N   H2   sing N N 15  
ARG CA  C    sing N N 16  
ARG CA  CB   sing N N 17  
ARG CA  HA   sing N N 18  
ARG C   O    doub N N 19  
ARG C   OXT  sing N N 20  
ARG CB  CG   sing N N 21  
ARG CB  HB2  sing N N 22  
ARG CB  HB3  sing N N 23  
ARG CG  CD   sing N N 24  
ARG CG  HG2  sing N N 25  
ARG CG  HG3  sing N N 26  
ARG CD  NE   sing N N 27  
ARG CD  HD2  sing N N 28  
ARG CD  HD3  sing N N 29  
ARG NE  CZ   sing N N 30  
ARG NE  HE   sing N N 31  
ARG CZ  NH1  sing N N 32  
ARG CZ  NH2  doub N N 33  
ARG NH1 HH11 sing N N 34  
ARG NH1 HH12 sing N N 35  
ARG NH2 HH21 sing N N 36  
ARG NH2 HH22 sing N N 37  
ARG OXT HXT  sing N N 38  
ASN N   CA   sing N N 39  
ASN N   H    sing N N 40  
ASN N   H2   sing N N 41  
ASN CA  C    sing N N 42  
ASN CA  CB   sing N N 43  
ASN CA  HA   sing N N 44  
ASN C   O    doub N N 45  
ASN C   OXT  sing N N 46  
ASN CB  CG   sing N N 47  
ASN CB  HB2  sing N N 48  
ASN CB  HB3  sing N N 49  
ASN CG  OD1  doub N N 50  
ASN CG  ND2  sing N N 51  
ASN ND2 HD21 sing N N 52  
ASN ND2 HD22 sing N N 53  
ASN OXT HXT  sing N N 54  
ASP N   CA   sing N N 55  
ASP N   H    sing N N 56  
ASP N   H2   sing N N 57  
ASP CA  C    sing N N 58  
ASP CA  CB   sing N N 59  
ASP CA  HA   sing N N 60  
ASP C   O    doub N N 61  
ASP C   OXT  sing N N 62  
ASP CB  CG   sing N N 63  
ASP CB  HB2  sing N N 64  
ASP CB  HB3  sing N N 65  
ASP CG  OD1  doub N N 66  
ASP CG  OD2  sing N N 67  
ASP OD2 HD2  sing N N 68  
ASP OXT HXT  sing N N 69  
CYS N   CA   sing N N 70  
CYS N   H    sing N N 71  
CYS N   H2   sing N N 72  
CYS CA  C    sing N N 73  
CYS CA  CB   sing N N 74  
CYS CA  HA   sing N N 75  
CYS C   O    doub N N 76  
CYS C   OXT  sing N N 77  
CYS CB  SG   sing N N 78  
CYS CB  HB2  sing N N 79  
CYS CB  HB3  sing N N 80  
CYS SG  HG   sing N N 81  
CYS OXT HXT  sing N N 82  
GAL C1  C2   sing N N 83  
GAL C1  O1   sing N N 84  
GAL C1  O5   sing N N 85  
GAL C1  H1   sing N N 86  
GAL C2  C3   sing N N 87  
GAL C2  O2   sing N N 88  
GAL C2  H2   sing N N 89  
GAL C3  C4   sing N N 90  
GAL C3  O3   sing N N 91  
GAL C3  H3   sing N N 92  
GAL C4  C5   sing N N 93  
GAL C4  O4   sing N N 94  
GAL C4  H4   sing N N 95  
GAL C5  C6   sing N N 96  
GAL C5  O5   sing N N 97  
GAL C5  H5   sing N N 98  
GAL C6  O6   sing N N 99  
GAL C6  H61  sing N N 100 
GAL C6  H62  sing N N 101 
GAL O1  HO1  sing N N 102 
GAL O2  HO2  sing N N 103 
GAL O3  HO3  sing N N 104 
GAL O4  HO4  sing N N 105 
GAL O6  HO6  sing N N 106 
GLN N   CA   sing N N 107 
GLN N   H    sing N N 108 
GLN N   H2   sing N N 109 
GLN CA  C    sing N N 110 
GLN CA  CB   sing N N 111 
GLN CA  HA   sing N N 112 
GLN C   O    doub N N 113 
GLN C   OXT  sing N N 114 
GLN CB  CG   sing N N 115 
GLN CB  HB2  sing N N 116 
GLN CB  HB3  sing N N 117 
GLN CG  CD   sing N N 118 
GLN CG  HG2  sing N N 119 
GLN CG  HG3  sing N N 120 
GLN CD  OE1  doub N N 121 
GLN CD  NE2  sing N N 122 
GLN NE2 HE21 sing N N 123 
GLN NE2 HE22 sing N N 124 
GLN OXT HXT  sing N N 125 
GLU N   CA   sing N N 126 
GLU N   H    sing N N 127 
GLU N   H2   sing N N 128 
GLU CA  C    sing N N 129 
GLU CA  CB   sing N N 130 
GLU CA  HA   sing N N 131 
GLU C   O    doub N N 132 
GLU C   OXT  sing N N 133 
GLU CB  CG   sing N N 134 
GLU CB  HB2  sing N N 135 
GLU CB  HB3  sing N N 136 
GLU CG  CD   sing N N 137 
GLU CG  HG2  sing N N 138 
GLU CG  HG3  sing N N 139 
GLU CD  OE1  doub N N 140 
GLU CD  OE2  sing N N 141 
GLU OE2 HE2  sing N N 142 
GLU OXT HXT  sing N N 143 
GLY N   CA   sing N N 144 
GLY N   H    sing N N 145 
GLY N   H2   sing N N 146 
GLY CA  C    sing N N 147 
GLY CA  HA2  sing N N 148 
GLY CA  HA3  sing N N 149 
GLY C   O    doub N N 150 
GLY C   OXT  sing N N 151 
GLY OXT HXT  sing N N 152 
HIS N   CA   sing N N 153 
HIS N   H    sing N N 154 
HIS N   H2   sing N N 155 
HIS CA  C    sing N N 156 
HIS CA  CB   sing N N 157 
HIS CA  HA   sing N N 158 
HIS C   O    doub N N 159 
HIS C   OXT  sing N N 160 
HIS CB  CG   sing N N 161 
HIS CB  HB2  sing N N 162 
HIS CB  HB3  sing N N 163 
HIS CG  ND1  sing Y N 164 
HIS CG  CD2  doub Y N 165 
HIS ND1 CE1  doub Y N 166 
HIS ND1 HD1  sing N N 167 
HIS CD2 NE2  sing Y N 168 
HIS CD2 HD2  sing N N 169 
HIS CE1 NE2  sing Y N 170 
HIS CE1 HE1  sing N N 171 
HIS NE2 HE2  sing N N 172 
HIS OXT HXT  sing N N 173 
HOH O   H1   sing N N 174 
HOH O   H2   sing N N 175 
ILE N   CA   sing N N 176 
ILE N   H    sing N N 177 
ILE N   H2   sing N N 178 
ILE CA  C    sing N N 179 
ILE CA  CB   sing N N 180 
ILE CA  HA   sing N N 181 
ILE C   O    doub N N 182 
ILE C   OXT  sing N N 183 
ILE CB  CG1  sing N N 184 
ILE CB  CG2  sing N N 185 
ILE CB  HB   sing N N 186 
ILE CG1 CD1  sing N N 187 
ILE CG1 HG12 sing N N 188 
ILE CG1 HG13 sing N N 189 
ILE CG2 HG21 sing N N 190 
ILE CG2 HG22 sing N N 191 
ILE CG2 HG23 sing N N 192 
ILE CD1 HD11 sing N N 193 
ILE CD1 HD12 sing N N 194 
ILE CD1 HD13 sing N N 195 
ILE OXT HXT  sing N N 196 
LEU N   CA   sing N N 197 
LEU N   H    sing N N 198 
LEU N   H2   sing N N 199 
LEU CA  C    sing N N 200 
LEU CA  CB   sing N N 201 
LEU CA  HA   sing N N 202 
LEU C   O    doub N N 203 
LEU C   OXT  sing N N 204 
LEU CB  CG   sing N N 205 
LEU CB  HB2  sing N N 206 
LEU CB  HB3  sing N N 207 
LEU CG  CD1  sing N N 208 
LEU CG  CD2  sing N N 209 
LEU CG  HG   sing N N 210 
LEU CD1 HD11 sing N N 211 
LEU CD1 HD12 sing N N 212 
LEU CD1 HD13 sing N N 213 
LEU CD2 HD21 sing N N 214 
LEU CD2 HD22 sing N N 215 
LEU CD2 HD23 sing N N 216 
LEU OXT HXT  sing N N 217 
LYS N   CA   sing N N 218 
LYS N   H    sing N N 219 
LYS N   H2   sing N N 220 
LYS CA  C    sing N N 221 
LYS CA  CB   sing N N 222 
LYS CA  HA   sing N N 223 
LYS C   O    doub N N 224 
LYS C   OXT  sing N N 225 
LYS CB  CG   sing N N 226 
LYS CB  HB2  sing N N 227 
LYS CB  HB3  sing N N 228 
LYS CG  CD   sing N N 229 
LYS CG  HG2  sing N N 230 
LYS CG  HG3  sing N N 231 
LYS CD  CE   sing N N 232 
LYS CD  HD2  sing N N 233 
LYS CD  HD3  sing N N 234 
LYS CE  NZ   sing N N 235 
LYS CE  HE2  sing N N 236 
LYS CE  HE3  sing N N 237 
LYS NZ  HZ1  sing N N 238 
LYS NZ  HZ2  sing N N 239 
LYS NZ  HZ3  sing N N 240 
LYS OXT HXT  sing N N 241 
MET N   CA   sing N N 242 
MET N   H    sing N N 243 
MET N   H2   sing N N 244 
MET CA  C    sing N N 245 
MET CA  CB   sing N N 246 
MET CA  HA   sing N N 247 
MET C   O    doub N N 248 
MET C   OXT  sing N N 249 
MET CB  CG   sing N N 250 
MET CB  HB2  sing N N 251 
MET CB  HB3  sing N N 252 
MET CG  SD   sing N N 253 
MET CG  HG2  sing N N 254 
MET CG  HG3  sing N N 255 
MET SD  CE   sing N N 256 
MET CE  HE1  sing N N 257 
MET CE  HE2  sing N N 258 
MET CE  HE3  sing N N 259 
MET OXT HXT  sing N N 260 
PHE N   CA   sing N N 261 
PHE N   H    sing N N 262 
PHE N   H2   sing N N 263 
PHE CA  C    sing N N 264 
PHE CA  CB   sing N N 265 
PHE CA  HA   sing N N 266 
PHE C   O    doub N N 267 
PHE C   OXT  sing N N 268 
PHE CB  CG   sing N N 269 
PHE CB  HB2  sing N N 270 
PHE CB  HB3  sing N N 271 
PHE CG  CD1  doub Y N 272 
PHE CG  CD2  sing Y N 273 
PHE CD1 CE1  sing Y N 274 
PHE CD1 HD1  sing N N 275 
PHE CD2 CE2  doub Y N 276 
PHE CD2 HD2  sing N N 277 
PHE CE1 CZ   doub Y N 278 
PHE CE1 HE1  sing N N 279 
PHE CE2 CZ   sing Y N 280 
PHE CE2 HE2  sing N N 281 
PHE CZ  HZ   sing N N 282 
PHE OXT HXT  sing N N 283 
PRO N   CA   sing N N 284 
PRO N   CD   sing N N 285 
PRO N   H    sing N N 286 
PRO CA  C    sing N N 287 
PRO CA  CB   sing N N 288 
PRO CA  HA   sing N N 289 
PRO C   O    doub N N 290 
PRO C   OXT  sing N N 291 
PRO CB  CG   sing N N 292 
PRO CB  HB2  sing N N 293 
PRO CB  HB3  sing N N 294 
PRO CG  CD   sing N N 295 
PRO CG  HG2  sing N N 296 
PRO CG  HG3  sing N N 297 
PRO CD  HD2  sing N N 298 
PRO CD  HD3  sing N N 299 
PRO OXT HXT  sing N N 300 
SER N   CA   sing N N 301 
SER N   H    sing N N 302 
SER N   H2   sing N N 303 
SER CA  C    sing N N 304 
SER CA  CB   sing N N 305 
SER CA  HA   sing N N 306 
SER C   O    doub N N 307 
SER C   OXT  sing N N 308 
SER CB  OG   sing N N 309 
SER CB  HB2  sing N N 310 
SER CB  HB3  sing N N 311 
SER OG  HG   sing N N 312 
SER OXT HXT  sing N N 313 
THR N   CA   sing N N 314 
THR N   H    sing N N 315 
THR N   H2   sing N N 316 
THR CA  C    sing N N 317 
THR CA  CB   sing N N 318 
THR CA  HA   sing N N 319 
THR C   O    doub N N 320 
THR C   OXT  sing N N 321 
THR CB  OG1  sing N N 322 
THR CB  CG2  sing N N 323 
THR CB  HB   sing N N 324 
THR OG1 HG1  sing N N 325 
THR CG2 HG21 sing N N 326 
THR CG2 HG22 sing N N 327 
THR CG2 HG23 sing N N 328 
THR OXT HXT  sing N N 329 
TRP N   CA   sing N N 330 
TRP N   H    sing N N 331 
TRP N   H2   sing N N 332 
TRP CA  C    sing N N 333 
TRP CA  CB   sing N N 334 
TRP CA  HA   sing N N 335 
TRP C   O    doub N N 336 
TRP C   OXT  sing N N 337 
TRP CB  CG   sing N N 338 
TRP CB  HB2  sing N N 339 
TRP CB  HB3  sing N N 340 
TRP CG  CD1  doub Y N 341 
TRP CG  CD2  sing Y N 342 
TRP CD1 NE1  sing Y N 343 
TRP CD1 HD1  sing N N 344 
TRP CD2 CE2  doub Y N 345 
TRP CD2 CE3  sing Y N 346 
TRP NE1 CE2  sing Y N 347 
TRP NE1 HE1  sing N N 348 
TRP CE2 CZ2  sing Y N 349 
TRP CE3 CZ3  doub Y N 350 
TRP CE3 HE3  sing N N 351 
TRP CZ2 CH2  doub Y N 352 
TRP CZ2 HZ2  sing N N 353 
TRP CZ3 CH2  sing Y N 354 
TRP CZ3 HZ3  sing N N 355 
TRP CH2 HH2  sing N N 356 
TRP OXT HXT  sing N N 357 
TYR N   CA   sing N N 358 
TYR N   H    sing N N 359 
TYR N   H2   sing N N 360 
TYR CA  C    sing N N 361 
TYR CA  CB   sing N N 362 
TYR CA  HA   sing N N 363 
TYR C   O    doub N N 364 
TYR C   OXT  sing N N 365 
TYR CB  CG   sing N N 366 
TYR CB  HB2  sing N N 367 
TYR CB  HB3  sing N N 368 
TYR CG  CD1  doub Y N 369 
TYR CG  CD2  sing Y N 370 
TYR CD1 CE1  sing Y N 371 
TYR CD1 HD1  sing N N 372 
TYR CD2 CE2  doub Y N 373 
TYR CD2 HD2  sing N N 374 
TYR CE1 CZ   doub Y N 375 
TYR CE1 HE1  sing N N 376 
TYR CE2 CZ   sing Y N 377 
TYR CE2 HE2  sing N N 378 
TYR CZ  OH   sing N N 379 
TYR OH  HH   sing N N 380 
TYR OXT HXT  sing N N 381 
VAL N   CA   sing N N 382 
VAL N   H    sing N N 383 
VAL N   H2   sing N N 384 
VAL CA  C    sing N N 385 
VAL CA  CB   sing N N 386 
VAL CA  HA   sing N N 387 
VAL C   O    doub N N 388 
VAL C   OXT  sing N N 389 
VAL CB  CG1  sing N N 390 
VAL CB  CG2  sing N N 391 
VAL CB  HB   sing N N 392 
VAL CG1 HG11 sing N N 393 
VAL CG1 HG12 sing N N 394 
VAL CG1 HG13 sing N N 395 
VAL CG2 HG21 sing N N 396 
VAL CG2 HG22 sing N N 397 
VAL CG2 HG23 sing N N 398 
VAL OXT HXT  sing N N 399 
# 
loop_
_pdbx_chem_comp_identifier.comp_id 
_pdbx_chem_comp_identifier.type 
_pdbx_chem_comp_identifier.program 
_pdbx_chem_comp_identifier.program_version 
_pdbx_chem_comp_identifier.identifier 
GAL 'CONDENSED IUPAC CARBOHYDRATE SYMBOL' GMML     1.0 DGalpb              
GAL 'COMMON NAME'                         GMML     1.0 b-D-galactopyranose 
GAL 'IUPAC CARBOHYDRATE SYMBOL'           PDB-CARE 1.0 b-D-Galp            
GAL 'SNFG CARBOHYDRATE SYMBOL'            GMML     1.0 Gal                 
# 
_pdbx_entity_instance_feature.ordinal        1 
_pdbx_entity_instance_feature.comp_id        GAL 
_pdbx_entity_instance_feature.asym_id        ? 
_pdbx_entity_instance_feature.seq_num        ? 
_pdbx_entity_instance_feature.auth_comp_id   GAL 
_pdbx_entity_instance_feature.auth_asym_id   ? 
_pdbx_entity_instance_feature.auth_seq_num   ? 
_pdbx_entity_instance_feature.feature_type   'SUBJECT OF INVESTIGATION' 
_pdbx_entity_instance_feature.details        ? 
# 
loop_
_pdbx_entity_nonpoly.entity_id 
_pdbx_entity_nonpoly.name 
_pdbx_entity_nonpoly.comp_id 
2 beta-D-galactopyranose GAL 
3 water                  HOH 
# 
_pdbx_initial_refinement_model.id               1 
_pdbx_initial_refinement_model.entity_id_list   ? 
_pdbx_initial_refinement_model.type             'experimental model' 
_pdbx_initial_refinement_model.source_name      PDB 
_pdbx_initial_refinement_model.accession_code   1QKQ 
_pdbx_initial_refinement_model.details          ? 
# 
_pdbx_struct_assembly_auth_evidence.id                     1 
_pdbx_struct_assembly_auth_evidence.assembly_id            1 
_pdbx_struct_assembly_auth_evidence.experimental_support   'light scattering' 
_pdbx_struct_assembly_auth_evidence.details                ? 
# 
